data_5BV1
#
_entry.id   5BV1
#
_cell.length_a   79.280
_cell.length_b   159.902
_cell.length_c   97.394
_cell.angle_alpha   90.000
_cell.angle_beta   90.210
_cell.angle_gamma   90.000
#
_symmetry.space_group_name_H-M   'P 1 21 1'
#
loop_
_entity.id
_entity.type
_entity.pdbx_description
1 polymer VPS33
2 polymer 'Putative vacuolar protein sorting-associated protein'
3 non-polymer D-MALATE
#
loop_
_entity_poly.entity_id
_entity_poly.type
_entity_poly.pdbx_seq_one_letter_code
_entity_poly.pdbx_strand_id
1 'polypeptide(L)'
;GSMAPRAGFDAEQVRDKARKDLLHLLEGVRGKKNLVIEKDLAGPLGVIVKASTLRDYGVDNFFFLENKNTGTSQRNIVFI
ARGESVRNAHAIAAQIKRIQRESQTSHDFHIFWVPRRTLFSDKVLEEAGVLGDANISELPLYFFPLERDVLSLELNDSFR
DLYLAKDPTPVFLLSRALMGIQKKHGLFPRIIGKGENAKRVADLLSRMRQELLAGEEAGESDRAGLSPSTTIESVIIIDR
EVDFVTPLLTQLTYEGLIDEYFGIQNNQTDVDAVIVGAPAQSAASTSTAVPTNSSQSRKRKIQLDGSDSLYSQLRDANFA
IVGSLLNTVARRLKSDYESRHNTKTTAELKEFVKKLPGYQAEQQSLKIHSNIAEEIINYTRTEIFNKLLEVQQNLAAGAD
PSSQFDSIEELVARDTPLPQVLRLLCLYSCISGGIKTKELDHFRRLVLQGYGHQHLLTLHNLERLQMFLSKSSPLASMIT
MSGSSGGPDQKTNYTYLRKQLRLIVDEVNEQDPNDIAYVYSGYAPLSIRLVQCVLQKQYLLSITKGSGTVIAAGPVAGGG
AQGWKGFEEIVKHARGPTFDEIQKGEDKAVKARALLSGSSGDKKTVFVVFVGGITFTEIAALRFIAKQEEARRNIVICTT
SIINGNRMMNAAIETATFEKTTVTTAAAQ
;
A,C
2 'polypeptide(L)'
;MGSSFEVIARTAYEEGRTRLATELLNHEPRAGRQVPLLLSMEEDELALDKAIESGDTDLIYFVIHQLRRKLPLASFFRVV
SSRPTASAMVEALARNSDGDGNEDTALLKDLYYQDDRRLDGASVFIREALQQPETRTASDKLDLAANLLQGNQKEHVFEL
GALKEAKMLLRMQETFERDLTDSFVGLSVNQTMFKLIKLGYHGRAKKIQSEFKVPERVAWWIRLQALVAKRDWNEIEEIS
RQRKSPIGWEPFFNQVLQAGNPRLAATFIPKCTNLEPGQTITMYEKCGMRVKAAEEAVRLKDTEAWNRLLEAAGRNTAEG
REIERLGATVFKK
;
B,D
#
loop_
_chem_comp.id
_chem_comp.type
_chem_comp.name
_chem_comp.formula
MLT non-polymer D-MALATE 'C4 H6 O5'
#
# COMPACT_ATOMS: atom_id res chain seq x y z
N ALA A 7 -1.92 -20.20 -27.33
CA ALA A 7 -0.74 -20.86 -27.87
C ALA A 7 0.29 -21.06 -26.76
N GLY A 8 0.25 -20.18 -25.76
CA GLY A 8 1.22 -20.17 -24.69
C GLY A 8 1.13 -21.38 -23.79
N PHE A 9 1.96 -21.43 -22.76
CA PHE A 9 1.86 -22.51 -21.78
C PHE A 9 0.64 -22.33 -20.90
N ASP A 10 -0.11 -23.42 -20.75
CA ASP A 10 -1.28 -23.43 -19.89
C ASP A 10 -1.17 -24.62 -18.93
N ALA A 11 -1.23 -24.34 -17.63
CA ALA A 11 -1.13 -25.39 -16.63
C ALA A 11 -2.27 -26.42 -16.78
N GLU A 12 -3.35 -26.04 -17.45
CA GLU A 12 -4.45 -26.96 -17.70
C GLU A 12 -4.06 -28.13 -18.62
N GLN A 13 -3.15 -27.90 -19.56
CA GLN A 13 -2.77 -28.96 -20.50
C GLN A 13 -2.02 -30.06 -19.77
N VAL A 14 -1.41 -29.72 -18.65
CA VAL A 14 -0.69 -30.70 -17.86
C VAL A 14 -1.64 -31.56 -17.05
N ARG A 15 -2.71 -30.96 -16.53
CA ARG A 15 -3.70 -31.71 -15.77
C ARG A 15 -4.51 -32.62 -16.69
N ASP A 16 -4.94 -32.07 -17.82
CA ASP A 16 -5.77 -32.81 -18.76
C ASP A 16 -4.99 -33.99 -19.34
N LYS A 17 -3.72 -33.76 -19.62
CA LYS A 17 -2.85 -34.81 -20.13
C LYS A 17 -2.63 -35.89 -19.08
N ALA A 18 -2.35 -35.45 -17.86
CA ALA A 18 -2.17 -36.37 -16.75
C ALA A 18 -3.39 -37.26 -16.56
N ARG A 19 -4.58 -36.64 -16.53
CA ARG A 19 -5.84 -37.38 -16.35
C ARG A 19 -6.06 -38.35 -17.51
N LYS A 20 -5.80 -37.88 -18.73
CA LYS A 20 -5.88 -38.71 -19.93
C LYS A 20 -4.99 -39.96 -19.81
N ASP A 21 -3.70 -39.78 -19.51
CA ASP A 21 -2.74 -40.89 -19.50
C ASP A 21 -3.04 -41.94 -18.43
N LEU A 22 -3.63 -41.52 -17.32
CA LEU A 22 -4.05 -42.46 -16.27
C LEU A 22 -5.31 -43.20 -16.69
N LEU A 23 -6.33 -42.46 -17.11
CA LEU A 23 -7.60 -43.06 -17.48
C LEU A 23 -7.38 -44.03 -18.63
N HIS A 24 -6.51 -43.65 -19.56
CA HIS A 24 -6.16 -44.51 -20.70
C HIS A 24 -5.55 -45.83 -20.25
N LEU A 25 -4.84 -45.81 -19.13
CA LEU A 25 -4.25 -47.03 -18.59
C LEU A 25 -5.30 -47.85 -17.83
N LEU A 26 -6.28 -47.14 -17.27
CA LEU A 26 -7.36 -47.82 -16.56
C LEU A 26 -8.29 -48.55 -17.52
N GLU A 27 -8.55 -47.93 -18.67
CA GLU A 27 -9.30 -48.59 -19.74
C GLU A 27 -8.58 -49.85 -20.17
N GLY A 28 -7.26 -49.76 -20.26
CA GLY A 28 -6.41 -50.88 -20.62
C GLY A 28 -6.53 -52.11 -19.75
N VAL A 29 -6.73 -51.92 -18.46
CA VAL A 29 -7.02 -53.04 -17.56
C VAL A 29 -8.48 -53.42 -17.70
N ARG A 30 -8.75 -54.42 -18.55
CA ARG A 30 -10.11 -54.81 -18.88
C ARG A 30 -10.76 -55.50 -17.67
N GLY A 31 -11.91 -55.00 -17.26
CA GLY A 31 -12.57 -55.51 -16.07
C GLY A 31 -12.51 -54.53 -14.90
N LYS A 32 -12.68 -55.08 -13.70
CA LYS A 32 -12.66 -54.29 -12.46
C LYS A 32 -11.36 -54.45 -11.72
N LYS A 33 -10.99 -53.45 -10.92
CA LYS A 33 -9.70 -53.43 -10.24
C LYS A 33 -9.78 -53.12 -8.75
N ASN A 34 -8.75 -53.54 -8.04
CA ASN A 34 -8.43 -52.99 -6.72
C ASN A 34 -7.20 -52.09 -6.88
N LEU A 35 -7.10 -51.05 -6.06
CA LEU A 35 -6.08 -50.02 -6.24
C LEU A 35 -5.09 -50.00 -5.08
N VAL A 36 -3.82 -50.18 -5.39
CA VAL A 36 -2.76 -50.10 -4.37
C VAL A 36 -1.89 -48.88 -4.67
N ILE A 37 -2.09 -47.80 -3.93
CA ILE A 37 -1.35 -46.56 -4.21
C ILE A 37 -0.36 -46.20 -3.09
N GLU A 38 0.87 -45.87 -3.49
CA GLU A 38 1.85 -45.25 -2.60
C GLU A 38 1.24 -44.02 -1.93
N LYS A 39 1.28 -43.97 -0.60
CA LYS A 39 0.55 -42.96 0.17
C LYS A 39 0.98 -41.53 -0.17
N ASP A 40 2.29 -41.32 -0.38
CA ASP A 40 2.79 -40.01 -0.76
C ASP A 40 2.33 -39.59 -2.16
N LEU A 41 1.83 -40.56 -2.93
CA LEU A 41 1.42 -40.31 -4.30
C LEU A 41 -0.11 -40.17 -4.41
N ALA A 42 -0.82 -40.61 -3.38
CA ALA A 42 -2.28 -40.54 -3.35
C ALA A 42 -2.74 -39.09 -3.34
N GLY A 43 -2.08 -38.28 -2.52
CA GLY A 43 -2.41 -36.86 -2.44
C GLY A 43 -2.29 -36.15 -3.77
N PRO A 44 -1.08 -36.14 -4.34
CA PRO A 44 -0.85 -35.53 -5.66
C PRO A 44 -1.76 -36.05 -6.78
N LEU A 45 -2.14 -37.32 -6.76
CA LEU A 45 -3.08 -37.85 -7.77
C LEU A 45 -4.41 -37.10 -7.71
N GLY A 46 -4.84 -36.78 -6.49
CA GLY A 46 -6.10 -36.09 -6.27
C GLY A 46 -6.22 -34.76 -6.99
N VAL A 47 -5.10 -34.22 -7.45
CA VAL A 47 -5.09 -32.94 -8.15
C VAL A 47 -5.43 -33.09 -9.64
N ILE A 48 -5.37 -34.32 -10.14
CA ILE A 48 -5.58 -34.57 -11.56
C ILE A 48 -6.79 -35.46 -11.85
N VAL A 49 -7.27 -36.18 -10.83
CA VAL A 49 -8.48 -36.97 -11.00
C VAL A 49 -9.26 -37.11 -9.69
N LYS A 50 -10.58 -37.25 -9.83
CA LYS A 50 -11.49 -37.41 -8.70
C LYS A 50 -11.64 -38.87 -8.32
N ALA A 51 -11.95 -39.15 -7.06
CA ALA A 51 -12.19 -40.51 -6.60
C ALA A 51 -13.38 -41.13 -7.32
N SER A 52 -14.42 -40.30 -7.47
CA SER A 52 -15.60 -40.66 -8.27
C SER A 52 -15.22 -41.19 -9.64
N THR A 53 -14.43 -40.41 -10.36
CA THR A 53 -14.01 -40.75 -11.71
C THR A 53 -13.22 -42.05 -11.75
N LEU A 54 -12.48 -42.35 -10.68
CA LEU A 54 -11.64 -43.54 -10.65
C LEU A 54 -12.49 -44.81 -10.54
N ARG A 55 -13.64 -44.69 -9.90
CA ARG A 55 -14.53 -45.83 -9.77
C ARG A 55 -15.37 -46.06 -11.03
N ASP A 56 -15.73 -44.98 -11.73
CA ASP A 56 -16.38 -45.10 -13.04
C ASP A 56 -15.57 -46.04 -13.92
N TYR A 57 -14.27 -45.91 -13.80
CA TYR A 57 -13.34 -46.71 -14.58
C TYR A 57 -12.99 -48.02 -13.85
N GLY A 58 -13.81 -48.40 -12.87
CA GLY A 58 -13.81 -49.77 -12.37
C GLY A 58 -12.92 -50.12 -11.20
N VAL A 59 -12.76 -49.20 -10.25
CA VAL A 59 -11.94 -49.48 -9.08
C VAL A 59 -12.83 -49.86 -7.88
N ASP A 60 -12.52 -50.97 -7.22
CA ASP A 60 -13.31 -51.46 -6.09
C ASP A 60 -13.01 -50.67 -4.81
N ASN A 61 -11.91 -51.03 -4.16
CA ASN A 61 -11.46 -50.33 -2.96
C ASN A 61 -10.07 -49.77 -3.16
N PHE A 62 -9.66 -48.90 -2.24
CA PHE A 62 -8.35 -48.27 -2.31
C PHE A 62 -7.49 -48.81 -1.21
N PHE A 63 -6.28 -49.20 -1.57
CA PHE A 63 -5.33 -49.72 -0.61
C PHE A 63 -4.01 -48.98 -0.75
N PHE A 64 -3.28 -48.93 0.36
CA PHE A 64 -1.96 -48.32 0.37
C PHE A 64 -0.89 -49.40 0.24
N LEU A 65 0.16 -49.09 -0.50
CA LEU A 65 1.29 -50.00 -0.60
C LEU A 65 1.93 -50.14 0.80
N GLU A 66 1.93 -49.04 1.55
CA GLU A 66 2.50 -49.01 2.90
C GLU A 66 1.65 -49.74 3.94
N ASN A 67 0.44 -50.15 3.55
CA ASN A 67 -0.49 -50.75 4.51
C ASN A 67 -0.48 -52.29 4.53
N LYS A 68 0.11 -52.89 3.50
CA LYS A 68 0.29 -54.34 3.39
C LYS A 68 -1.03 -55.14 3.40
N ASN A 69 -2.16 -54.46 3.56
CA ASN A 69 -3.45 -55.11 3.70
C ASN A 69 -4.27 -55.06 2.42
N THR A 70 -3.64 -55.48 1.33
CA THR A 70 -4.27 -55.45 0.02
C THR A 70 -5.44 -56.43 -0.01
N GLY A 71 -6.57 -55.97 -0.55
CA GLY A 71 -7.77 -56.76 -0.60
C GLY A 71 -7.68 -57.98 -1.50
N THR A 72 -8.44 -59.00 -1.13
CA THR A 72 -8.43 -60.26 -1.86
C THR A 72 -9.66 -60.34 -2.77
N SER A 73 -10.57 -59.39 -2.61
CA SER A 73 -11.88 -59.42 -3.28
C SER A 73 -11.79 -59.43 -4.81
N GLN A 74 -10.79 -58.75 -5.37
CA GLN A 74 -10.71 -58.60 -6.81
C GLN A 74 -9.56 -59.38 -7.46
N ARG A 75 -9.72 -59.72 -8.74
CA ARG A 75 -8.71 -60.48 -9.47
C ARG A 75 -7.57 -59.61 -9.98
N ASN A 76 -7.91 -58.45 -10.54
CA ASN A 76 -6.91 -57.47 -10.97
C ASN A 76 -6.49 -56.53 -9.83
N ILE A 77 -5.22 -56.60 -9.44
CA ILE A 77 -4.68 -55.67 -8.45
C ILE A 77 -3.75 -54.66 -9.11
N VAL A 78 -4.10 -53.37 -8.97
CA VAL A 78 -3.38 -52.30 -9.65
C VAL A 78 -2.42 -51.55 -8.72
N PHE A 79 -1.14 -51.57 -9.09
CA PHE A 79 -0.09 -50.91 -8.34
C PHE A 79 0.28 -49.57 -8.97
N ILE A 80 0.12 -48.49 -8.21
CA ILE A 80 0.53 -47.16 -8.64
C ILE A 80 1.56 -46.56 -7.69
N ALA A 81 2.81 -46.45 -8.14
CA ALA A 81 3.87 -45.88 -7.31
C ALA A 81 5.02 -45.34 -8.15
N ARG A 82 5.86 -44.51 -7.54
CA ARG A 82 6.95 -43.87 -8.26
C ARG A 82 8.06 -44.87 -8.56
N GLY A 83 8.53 -44.87 -9.80
CA GLY A 83 9.44 -45.88 -10.31
C GLY A 83 10.92 -45.68 -10.06
N GLU A 84 11.26 -44.55 -9.44
CA GLU A 84 12.66 -44.29 -9.11
C GLU A 84 12.91 -44.77 -7.69
N SER A 85 11.84 -44.87 -6.90
CA SER A 85 11.92 -45.30 -5.51
C SER A 85 12.30 -46.76 -5.35
N VAL A 86 13.34 -47.01 -4.57
CA VAL A 86 13.79 -48.37 -4.31
C VAL A 86 12.92 -48.95 -3.19
N ARG A 87 12.48 -48.06 -2.33
CA ARG A 87 11.64 -48.40 -1.19
C ARG A 87 10.28 -48.93 -1.65
N ASN A 88 9.91 -48.60 -2.89
CA ASN A 88 8.64 -49.02 -3.49
C ASN A 88 8.70 -50.36 -4.24
N ALA A 89 9.79 -50.58 -4.97
CA ALA A 89 9.96 -51.81 -5.73
C ALA A 89 9.93 -53.04 -4.83
N HIS A 90 10.76 -53.02 -3.79
CA HIS A 90 10.81 -54.10 -2.82
C HIS A 90 9.44 -54.32 -2.18
N ALA A 91 8.69 -53.22 -1.99
CA ALA A 91 7.39 -53.30 -1.36
C ALA A 91 6.34 -53.93 -2.26
N ILE A 92 6.42 -53.63 -3.54
CA ILE A 92 5.45 -54.15 -4.52
C ILE A 92 5.63 -55.64 -4.75
N ALA A 93 6.86 -56.06 -5.04
CA ALA A 93 7.16 -57.48 -5.21
C ALA A 93 6.68 -58.28 -4.01
N ALA A 94 6.93 -57.77 -2.81
CA ALA A 94 6.51 -58.42 -1.58
C ALA A 94 5.01 -58.36 -1.38
N GLN A 95 4.35 -57.52 -2.16
CA GLN A 95 2.90 -57.40 -2.09
C GLN A 95 2.28 -58.47 -2.98
N ILE A 96 2.99 -58.80 -4.05
CA ILE A 96 2.50 -59.77 -5.03
C ILE A 96 2.41 -61.14 -4.40
N LYS A 97 3.51 -61.60 -3.81
CA LYS A 97 3.56 -62.94 -3.23
C LYS A 97 2.81 -63.04 -1.90
N ARG A 98 2.55 -61.89 -1.26
CA ARG A 98 1.84 -61.88 0.03
C ARG A 98 0.34 -62.10 -0.21
N ILE A 99 -0.05 -62.25 -1.48
CA ILE A 99 -1.40 -62.65 -1.84
C ILE A 99 -1.29 -63.69 -2.96
N GLN A 100 -0.07 -63.97 -3.41
CA GLN A 100 0.11 -65.05 -4.37
C GLN A 100 0.10 -66.39 -3.65
N ARG A 101 0.25 -66.36 -2.33
CA ARG A 101 0.28 -67.59 -1.54
C ARG A 101 -0.93 -67.71 -0.61
N GLU A 102 -1.69 -66.63 -0.50
CA GLU A 102 -2.88 -66.61 0.35
C GLU A 102 -4.08 -66.13 -0.46
N SER A 103 -4.05 -66.42 -1.76
CA SER A 103 -5.07 -65.96 -2.69
C SER A 103 -6.42 -66.66 -2.61
N GLN A 104 -6.91 -67.00 -3.79
CA GLN A 104 -8.16 -67.72 -4.00
C GLN A 104 -8.17 -68.11 -5.48
N THR A 105 -7.92 -67.12 -6.35
CA THR A 105 -7.71 -67.34 -7.78
C THR A 105 -6.19 -67.36 -7.99
N SER A 106 -5.73 -66.78 -9.10
CA SER A 106 -4.31 -66.76 -9.42
C SER A 106 -3.80 -65.32 -9.57
N HIS A 107 -4.67 -64.45 -10.10
CA HIS A 107 -4.43 -63.00 -10.27
C HIS A 107 -3.50 -62.59 -11.41
N ASP A 108 -3.93 -61.55 -12.13
CA ASP A 108 -3.06 -60.82 -13.05
C ASP A 108 -2.73 -59.47 -12.41
N PHE A 109 -1.44 -59.25 -12.13
CA PHE A 109 -1.00 -58.08 -11.40
C PHE A 109 -0.59 -56.96 -12.35
N HIS A 110 -0.99 -55.73 -12.04
CA HIS A 110 -0.64 -54.60 -12.89
C HIS A 110 0.06 -53.47 -12.14
N ILE A 111 1.14 -52.97 -12.71
CA ILE A 111 1.94 -51.90 -12.12
C ILE A 111 2.10 -50.70 -13.07
N PHE A 112 1.57 -49.55 -12.67
CA PHE A 112 1.79 -48.30 -13.41
C PHE A 112 2.96 -47.51 -12.81
N TRP A 113 4.12 -47.52 -13.46
CA TRP A 113 5.27 -46.80 -12.92
C TRP A 113 5.24 -45.28 -13.21
N VAL A 114 5.36 -44.48 -12.15
CA VAL A 114 5.42 -43.02 -12.26
C VAL A 114 6.84 -42.48 -12.11
N PRO A 115 7.39 -41.88 -13.17
CA PRO A 115 6.79 -41.77 -14.49
C PRO A 115 7.27 -42.82 -15.49
N ARG A 116 8.23 -43.65 -15.09
CA ARG A 116 8.88 -44.54 -16.04
C ARG A 116 9.28 -45.87 -15.41
N ARG A 117 9.35 -46.89 -16.25
CA ARG A 117 9.84 -48.21 -15.89
C ARG A 117 11.37 -48.19 -15.84
N THR A 118 11.96 -48.65 -14.74
CA THR A 118 13.40 -48.62 -14.61
C THR A 118 14.02 -50.01 -14.60
N LEU A 119 15.32 -50.08 -14.91
CA LEU A 119 16.06 -51.33 -14.86
C LEU A 119 16.05 -51.86 -13.43
N PHE A 120 16.07 -50.94 -12.46
CA PHE A 120 15.97 -51.30 -11.05
C PHE A 120 14.67 -52.04 -10.74
N SER A 121 13.56 -51.56 -11.30
CA SER A 121 12.27 -52.21 -11.12
C SER A 121 12.31 -53.64 -11.67
N ASP A 122 12.84 -53.77 -12.88
CA ASP A 122 12.79 -55.04 -13.58
C ASP A 122 13.69 -56.10 -12.96
N LYS A 123 14.61 -55.70 -12.09
CA LYS A 123 15.47 -56.68 -11.43
C LYS A 123 14.95 -57.06 -10.04
N VAL A 124 14.52 -56.08 -9.27
CA VAL A 124 13.93 -56.34 -7.97
C VAL A 124 12.67 -57.18 -8.11
N LEU A 125 11.97 -57.00 -9.23
CA LEU A 125 10.76 -57.74 -9.53
C LEU A 125 11.12 -59.12 -10.10
N GLU A 126 12.27 -59.19 -10.75
CA GLU A 126 12.76 -60.46 -11.30
C GLU A 126 13.39 -61.32 -10.20
N GLU A 127 14.20 -60.68 -9.35
CA GLU A 127 14.84 -61.36 -8.23
C GLU A 127 13.84 -61.59 -7.07
N ALA A 128 12.56 -61.70 -7.42
CA ALA A 128 11.52 -62.04 -6.46
C ALA A 128 10.60 -63.04 -7.12
N GLY A 129 10.87 -63.31 -8.40
CA GLY A 129 10.18 -64.31 -9.18
C GLY A 129 8.87 -63.86 -9.79
N VAL A 130 8.53 -62.58 -9.58
CA VAL A 130 7.20 -62.07 -9.89
C VAL A 130 7.17 -61.05 -11.03
N LEU A 131 8.29 -60.88 -11.74
CA LEU A 131 8.34 -59.96 -12.87
C LEU A 131 7.45 -60.39 -14.04
N GLY A 132 7.36 -61.71 -14.26
CA GLY A 132 6.61 -62.25 -15.38
C GLY A 132 5.13 -62.39 -15.10
N ASP A 133 4.74 -62.13 -13.86
CA ASP A 133 3.35 -62.27 -13.44
C ASP A 133 2.68 -60.90 -13.26
N ALA A 134 3.29 -59.87 -13.85
CA ALA A 134 2.83 -58.50 -13.63
C ALA A 134 2.87 -57.67 -14.92
N ASN A 135 1.73 -57.07 -15.26
CA ASN A 135 1.63 -56.23 -16.45
C ASN A 135 2.13 -54.82 -16.17
N ILE A 136 3.29 -54.49 -16.74
CA ILE A 136 3.98 -53.26 -16.41
C ILE A 136 3.87 -52.19 -17.48
N SER A 137 3.33 -51.02 -17.10
CA SER A 137 3.21 -49.90 -18.02
C SER A 137 3.72 -48.60 -17.38
N GLU A 138 3.95 -47.57 -18.20
CA GLU A 138 4.52 -46.31 -17.71
C GLU A 138 3.52 -45.16 -17.66
N LEU A 139 3.45 -44.49 -16.51
CA LEU A 139 2.51 -43.39 -16.26
C LEU A 139 3.28 -42.08 -16.09
N PRO A 140 3.51 -41.35 -17.19
CA PRO A 140 4.44 -40.20 -17.21
C PRO A 140 3.90 -38.92 -16.55
N LEU A 141 3.58 -38.99 -15.26
CA LEU A 141 3.28 -37.77 -14.52
C LEU A 141 4.57 -37.11 -14.06
N TYR A 142 4.68 -35.80 -14.26
CA TYR A 142 5.83 -35.07 -13.76
C TYR A 142 5.39 -33.95 -12.86
N PHE A 143 5.10 -32.80 -13.44
CA PHE A 143 4.57 -31.67 -12.69
C PHE A 143 3.14 -31.95 -12.33
N PHE A 144 2.77 -31.63 -11.09
CA PHE A 144 1.36 -31.60 -10.67
C PHE A 144 0.93 -30.16 -10.57
N PRO A 145 0.06 -29.71 -11.48
CA PRO A 145 -0.33 -28.30 -11.46
C PRO A 145 -1.19 -28.01 -10.24
N LEU A 146 -0.59 -27.38 -9.23
CA LEU A 146 -1.31 -27.08 -8.00
C LEU A 146 -2.09 -25.78 -8.16
N GLU A 147 -1.63 -24.94 -9.09
CA GLU A 147 -2.30 -23.70 -9.47
C GLU A 147 -1.90 -23.36 -10.90
N ARG A 148 -2.60 -22.41 -11.52
CA ARG A 148 -2.30 -22.02 -12.91
C ARG A 148 -0.89 -21.46 -13.04
N ASP A 149 -0.32 -21.03 -11.92
CA ASP A 149 1.00 -20.44 -11.90
C ASP A 149 1.94 -21.24 -10.98
N VAL A 150 1.53 -22.42 -10.57
CA VAL A 150 2.39 -23.26 -9.73
C VAL A 150 2.44 -24.72 -10.17
N LEU A 151 3.61 -25.15 -10.67
CA LEU A 151 3.86 -26.55 -10.99
C LEU A 151 4.73 -27.21 -9.92
N SER A 152 4.42 -28.45 -9.52
CA SER A 152 5.25 -29.12 -8.53
C SER A 152 5.44 -30.61 -8.80
N LEU A 153 6.65 -31.10 -8.60
CA LEU A 153 6.92 -32.53 -8.74
C LEU A 153 6.34 -33.29 -7.55
N GLU A 154 6.13 -32.58 -6.44
CA GLU A 154 5.54 -33.12 -5.21
C GLU A 154 6.33 -34.24 -4.56
N LEU A 155 7.66 -34.16 -4.66
CA LEU A 155 8.56 -35.15 -4.04
C LEU A 155 8.87 -34.77 -2.60
N ASN A 156 8.24 -35.44 -1.66
CA ASN A 156 8.31 -34.99 -0.27
C ASN A 156 9.65 -35.23 0.39
N ASP A 157 10.38 -36.20 -0.13
CA ASP A 157 11.71 -36.46 0.39
C ASP A 157 12.77 -35.84 -0.52
N SER A 158 12.38 -34.91 -1.38
CA SER A 158 13.33 -34.38 -2.37
C SER A 158 14.43 -33.61 -1.64
N PHE A 159 14.02 -32.83 -0.64
CA PHE A 159 14.99 -32.10 0.16
C PHE A 159 15.98 -33.07 0.87
N ARG A 160 15.44 -34.02 1.62
CA ARG A 160 16.27 -35.01 2.29
C ARG A 160 17.19 -35.70 1.28
N ASP A 161 16.61 -36.25 0.23
CA ASP A 161 17.35 -37.02 -0.77
C ASP A 161 18.46 -36.19 -1.43
N LEU A 162 18.12 -34.99 -1.88
CA LEU A 162 19.09 -34.15 -2.57
C LEU A 162 20.24 -33.72 -1.68
N TYR A 163 19.90 -33.20 -0.49
CA TYR A 163 20.87 -32.48 0.31
C TYR A 163 21.48 -33.32 1.44
N LEU A 164 20.84 -34.41 1.80
CA LEU A 164 21.40 -35.29 2.82
C LEU A 164 21.99 -36.55 2.18
N ALA A 165 21.19 -37.24 1.39
CA ALA A 165 21.59 -38.50 0.76
C ALA A 165 22.41 -38.31 -0.51
N LYS A 166 22.45 -37.08 -1.01
CA LYS A 166 23.16 -36.74 -2.25
C LYS A 166 22.61 -37.54 -3.44
N ASP A 167 21.32 -37.85 -3.36
CA ASP A 167 20.61 -38.51 -4.43
C ASP A 167 20.25 -37.51 -5.53
N PRO A 168 20.81 -37.69 -6.73
CA PRO A 168 20.51 -36.76 -7.83
C PRO A 168 19.25 -37.11 -8.61
N THR A 169 18.35 -37.89 -8.02
CA THR A 169 17.09 -38.24 -8.66
C THR A 169 16.15 -37.04 -8.80
N PRO A 170 15.95 -36.23 -7.72
CA PRO A 170 15.14 -35.02 -7.91
C PRO A 170 15.57 -34.15 -9.09
N VAL A 171 16.88 -33.99 -9.27
CA VAL A 171 17.41 -33.17 -10.34
C VAL A 171 17.08 -33.76 -11.71
N PHE A 172 17.04 -35.08 -11.77
CA PHE A 172 16.83 -35.76 -13.04
C PHE A 172 15.37 -35.63 -13.49
N LEU A 173 14.45 -35.89 -12.57
CA LEU A 173 13.01 -35.73 -12.81
C LEU A 173 12.68 -34.28 -13.15
N LEU A 174 13.22 -33.35 -12.38
CA LEU A 174 13.00 -31.94 -12.64
C LEU A 174 13.46 -31.58 -14.06
N SER A 175 14.58 -32.16 -14.48
CA SER A 175 15.15 -31.89 -15.80
C SER A 175 14.27 -32.41 -16.92
N ARG A 176 13.77 -33.63 -16.79
CA ARG A 176 12.88 -34.22 -17.80
C ARG A 176 11.55 -33.46 -17.88
N ALA A 177 11.04 -33.02 -16.75
CA ALA A 177 9.82 -32.22 -16.76
C ALA A 177 9.99 -30.92 -17.56
N LEU A 178 11.07 -30.20 -17.29
CA LEU A 178 11.32 -28.94 -17.98
C LEU A 178 11.56 -29.16 -19.48
N MET A 179 12.21 -30.28 -19.79
CA MET A 179 12.45 -30.65 -21.19
C MET A 179 11.14 -30.97 -21.91
N GLY A 180 10.16 -31.48 -21.16
CA GLY A 180 8.85 -31.75 -21.71
C GLY A 180 8.15 -30.47 -22.11
N ILE A 181 8.37 -29.41 -21.32
CA ILE A 181 7.82 -28.10 -21.65
C ILE A 181 8.49 -27.56 -22.89
N GLN A 182 9.78 -27.84 -23.06
CA GLN A 182 10.51 -27.38 -24.23
C GLN A 182 10.06 -28.07 -25.51
N LYS A 183 9.84 -29.38 -25.44
CA LYS A 183 9.43 -30.16 -26.59
C LYS A 183 8.10 -29.64 -27.14
N LYS A 184 7.24 -29.21 -26.23
CA LYS A 184 5.89 -28.78 -26.58
C LYS A 184 5.83 -27.31 -26.97
N HIS A 185 6.65 -26.47 -26.34
CA HIS A 185 6.52 -25.02 -26.53
C HIS A 185 7.78 -24.34 -27.07
N GLY A 186 8.86 -25.09 -27.24
CA GLY A 186 10.10 -24.55 -27.76
C GLY A 186 11.24 -24.48 -26.76
N LEU A 187 12.48 -24.41 -27.26
CA LEU A 187 13.63 -24.27 -26.38
C LEU A 187 13.55 -23.00 -25.56
N PHE A 188 13.93 -23.08 -24.29
CA PHE A 188 14.11 -21.88 -23.47
C PHE A 188 15.17 -20.99 -24.10
N PRO A 189 14.78 -19.80 -24.58
CA PRO A 189 15.76 -18.91 -25.22
C PRO A 189 16.94 -18.61 -24.30
N ARG A 190 16.70 -18.59 -23.00
CA ARG A 190 17.76 -18.46 -22.01
C ARG A 190 17.50 -19.35 -20.80
N ILE A 191 18.51 -20.12 -20.40
CA ILE A 191 18.48 -20.87 -19.14
C ILE A 191 19.30 -20.12 -18.11
N ILE A 192 18.66 -19.43 -17.18
CA ILE A 192 19.37 -18.59 -16.22
C ILE A 192 19.33 -19.17 -14.81
N GLY A 193 20.48 -19.25 -14.14
CA GLY A 193 20.49 -19.89 -12.84
C GLY A 193 21.52 -19.50 -11.80
N LYS A 194 21.37 -20.07 -10.61
CA LYS A 194 22.26 -19.84 -9.48
C LYS A 194 22.37 -21.07 -8.58
N GLY A 195 23.57 -21.64 -8.47
CA GLY A 195 23.79 -22.75 -7.57
C GLY A 195 24.09 -24.07 -8.24
N GLU A 196 24.72 -24.98 -7.50
CA GLU A 196 25.18 -26.25 -8.06
C GLU A 196 24.10 -27.06 -8.76
N ASN A 197 22.98 -27.28 -8.07
CA ASN A 197 21.92 -28.12 -8.62
C ASN A 197 21.11 -27.38 -9.67
N ALA A 198 21.11 -26.06 -9.59
CA ALA A 198 20.55 -25.31 -10.68
C ALA A 198 21.42 -25.53 -11.93
N LYS A 199 22.73 -25.61 -11.74
CA LYS A 199 23.63 -25.81 -12.87
C LYS A 199 23.47 -27.23 -13.42
N ARG A 200 23.32 -28.20 -12.54
CA ARG A 200 23.16 -29.58 -12.97
C ARG A 200 21.92 -29.75 -13.86
N VAL A 201 20.82 -29.08 -13.50
CA VAL A 201 19.60 -29.10 -14.31
C VAL A 201 19.85 -28.47 -15.67
N ALA A 202 20.49 -27.31 -15.68
CA ALA A 202 20.90 -26.68 -16.93
C ALA A 202 21.81 -27.62 -17.76
N ASP A 203 22.66 -28.39 -17.10
CA ASP A 203 23.52 -29.36 -17.82
C ASP A 203 22.67 -30.45 -18.49
N LEU A 204 21.74 -31.04 -17.74
CA LEU A 204 20.93 -32.12 -18.27
C LEU A 204 20.01 -31.63 -19.38
N LEU A 205 19.55 -30.39 -19.29
CA LEU A 205 18.78 -29.81 -20.37
C LEU A 205 19.64 -29.71 -21.63
N SER A 206 20.89 -29.29 -21.46
CA SER A 206 21.85 -29.25 -22.57
C SER A 206 22.15 -30.65 -23.11
N ARG A 207 22.35 -31.63 -22.23
CA ARG A 207 22.57 -32.99 -22.67
C ARG A 207 21.35 -33.55 -23.44
N MET A 208 20.15 -33.29 -22.92
CA MET A 208 18.93 -33.83 -23.50
C MET A 208 18.58 -33.15 -24.82
N ARG A 209 18.91 -31.87 -24.93
CA ARG A 209 18.76 -31.16 -26.19
C ARG A 209 19.68 -31.75 -27.27
N GLN A 210 20.91 -32.10 -26.92
CA GLN A 210 21.86 -32.70 -27.87
C GLN A 210 21.53 -34.14 -28.23
N GLU A 211 20.89 -34.86 -27.31
CA GLU A 211 20.51 -36.26 -27.56
C GLU A 211 19.32 -36.35 -28.51
N LEU A 212 18.53 -35.28 -28.55
CA LEU A 212 17.40 -35.22 -29.48
C LEU A 212 17.86 -34.84 -30.89
N LEU A 213 19.01 -34.19 -31.00
CA LEU A 213 19.53 -33.81 -32.30
C LEU A 213 20.37 -34.96 -32.84
N ALA A 214 20.91 -35.75 -31.92
CA ALA A 214 21.66 -36.94 -32.26
C ALA A 214 20.72 -38.06 -32.69
N GLY A 215 19.50 -38.04 -32.15
CA GLY A 215 18.52 -39.05 -32.50
C GLY A 215 17.98 -38.82 -33.88
N GLU A 216 17.64 -37.57 -34.17
CA GLU A 216 17.04 -37.20 -35.45
C GLU A 216 18.04 -37.36 -36.59
N GLU A 217 19.27 -36.92 -36.35
CA GLU A 217 20.36 -37.06 -37.33
C GLU A 217 20.66 -38.52 -37.65
N ALA A 218 20.50 -39.40 -36.66
CA ALA A 218 20.81 -40.82 -36.82
C ALA A 218 19.54 -41.64 -37.03
N GLY A 219 18.66 -41.14 -37.88
CA GLY A 219 17.50 -41.90 -38.33
C GLY A 219 16.52 -42.40 -37.28
N GLU A 220 16.63 -41.93 -36.05
CA GLU A 220 15.60 -42.23 -35.05
C GLU A 220 14.35 -41.41 -35.34
N SER A 221 14.48 -40.52 -36.32
CA SER A 221 13.36 -39.72 -36.85
C SER A 221 12.89 -38.66 -35.85
N ASP A 222 11.81 -38.98 -35.14
CA ASP A 222 11.19 -38.05 -34.19
C ASP A 222 10.66 -36.77 -34.87
N ARG A 223 10.71 -36.77 -36.20
CA ARG A 223 10.10 -35.74 -37.05
C ARG A 223 10.73 -34.34 -37.02
N ALA A 224 10.62 -33.62 -35.90
CA ALA A 224 10.81 -32.17 -35.90
C ALA A 224 11.82 -31.66 -34.86
N GLY A 225 12.89 -31.05 -35.35
CA GLY A 225 13.94 -30.49 -34.51
C GLY A 225 13.51 -29.28 -33.70
N LEU A 226 14.07 -29.16 -32.48
CA LEU A 226 13.67 -28.11 -31.54
C LEU A 226 14.30 -26.75 -31.83
N SER A 227 13.43 -25.75 -31.98
CA SER A 227 13.86 -24.37 -32.16
C SER A 227 13.43 -23.51 -30.97
N PRO A 228 14.16 -22.42 -30.69
CA PRO A 228 13.82 -21.49 -29.62
C PRO A 228 12.33 -21.14 -29.56
N SER A 229 11.78 -21.11 -28.35
CA SER A 229 10.37 -20.82 -28.15
C SER A 229 10.05 -19.39 -28.54
N THR A 230 8.83 -19.17 -29.00
CA THR A 230 8.33 -17.82 -29.27
C THR A 230 7.40 -17.38 -28.14
N THR A 231 6.96 -18.38 -27.37
CA THR A 231 6.06 -18.22 -26.25
C THR A 231 6.81 -17.89 -24.95
N ILE A 232 8.06 -18.36 -24.87
CA ILE A 232 8.82 -18.33 -23.62
C ILE A 232 9.99 -17.33 -23.69
N GLU A 233 10.12 -16.52 -22.63
CA GLU A 233 11.21 -15.57 -22.52
C GLU A 233 12.46 -16.23 -21.93
N SER A 234 12.32 -16.81 -20.75
CA SER A 234 13.42 -17.48 -20.09
C SER A 234 12.93 -18.42 -19.00
N VAL A 235 13.80 -19.34 -18.59
CA VAL A 235 13.58 -20.07 -17.35
C VAL A 235 14.67 -19.66 -16.35
N ILE A 236 14.26 -19.29 -15.15
CA ILE A 236 15.23 -18.96 -14.10
C ILE A 236 15.23 -20.05 -13.06
N ILE A 237 16.42 -20.62 -12.83
CA ILE A 237 16.58 -21.71 -11.87
C ILE A 237 17.42 -21.32 -10.65
N ILE A 238 16.86 -21.49 -9.46
CA ILE A 238 17.55 -21.15 -8.23
C ILE A 238 17.69 -22.42 -7.40
N ASP A 239 18.88 -22.70 -6.88
CA ASP A 239 19.09 -23.85 -5.99
C ASP A 239 18.68 -23.47 -4.57
N ARG A 240 17.89 -24.32 -3.91
CA ARG A 240 17.44 -24.08 -2.53
C ARG A 240 18.60 -23.87 -1.57
N GLU A 241 19.72 -24.58 -1.78
CA GLU A 241 20.90 -24.51 -0.90
C GLU A 241 21.63 -23.15 -0.98
N VAL A 242 21.26 -22.35 -1.97
CA VAL A 242 21.80 -20.99 -2.08
C VAL A 242 21.23 -20.10 -0.98
N ASP A 243 20.04 -20.43 -0.50
CA ASP A 243 19.33 -19.61 0.48
C ASP A 243 18.52 -20.45 1.50
N PHE A 244 19.20 -20.98 2.50
CA PHE A 244 18.52 -21.75 3.55
C PHE A 244 17.74 -20.90 4.58
N VAL A 245 18.03 -19.60 4.59
CA VAL A 245 17.50 -18.71 5.62
C VAL A 245 15.98 -18.51 5.52
N THR A 246 15.50 -18.30 4.30
CA THR A 246 14.09 -18.09 4.05
C THR A 246 13.19 -19.20 4.64
N PRO A 247 13.44 -20.47 4.30
CA PRO A 247 12.53 -21.44 4.91
C PRO A 247 12.74 -21.63 6.41
N LEU A 248 13.91 -21.29 6.92
CA LEU A 248 14.17 -21.46 8.35
C LEU A 248 13.34 -20.50 9.17
N LEU A 249 13.20 -19.28 8.65
CA LEU A 249 12.32 -18.30 9.24
C LEU A 249 10.87 -18.77 9.33
N THR A 250 10.21 -18.41 10.42
CA THR A 250 8.77 -18.57 10.52
C THR A 250 8.06 -17.69 9.47
N GLN A 251 7.26 -18.32 8.62
CA GLN A 251 6.52 -17.62 7.56
C GLN A 251 5.38 -16.77 8.15
N LEU A 252 5.13 -15.59 7.59
CA LEU A 252 4.14 -14.68 8.14
C LEU A 252 3.01 -14.30 7.19
N THR A 253 2.79 -15.08 6.14
CA THR A 253 1.62 -14.89 5.32
C THR A 253 0.51 -15.80 5.83
N TYR A 254 -0.69 -15.66 5.27
CA TYR A 254 -1.82 -16.43 5.76
C TYR A 254 -1.61 -17.91 5.42
N GLU A 255 -1.35 -18.20 4.15
CA GLU A 255 -1.05 -19.57 3.73
C GLU A 255 0.18 -20.06 4.46
N GLY A 256 1.16 -19.16 4.60
CA GLY A 256 2.41 -19.47 5.26
C GLY A 256 2.24 -19.92 6.69
N LEU A 257 1.30 -19.32 7.40
CA LEU A 257 1.09 -19.68 8.80
C LEU A 257 0.23 -20.93 8.90
N ILE A 258 -0.49 -21.22 7.83
CA ILE A 258 -1.29 -22.44 7.79
C ILE A 258 -0.35 -23.61 7.63
N ASP A 259 0.67 -23.43 6.79
CA ASP A 259 1.68 -24.46 6.56
C ASP A 259 2.53 -24.67 7.81
N GLU A 260 2.77 -23.60 8.57
CA GLU A 260 3.57 -23.68 9.80
C GLU A 260 2.86 -24.35 10.95
N TYR A 261 1.54 -24.13 11.06
CA TYR A 261 0.79 -24.55 12.24
C TYR A 261 -0.10 -25.77 12.01
N PHE A 262 -0.78 -25.80 10.86
CA PHE A 262 -1.67 -26.93 10.54
C PHE A 262 -1.02 -27.95 9.66
N GLY A 263 -0.28 -27.50 8.66
CA GLY A 263 0.33 -28.37 7.70
C GLY A 263 -0.49 -28.53 6.42
N ILE A 264 -0.01 -27.89 5.36
CA ILE A 264 -0.65 -27.98 4.06
C ILE A 264 0.02 -29.05 3.24
N GLN A 265 -0.77 -29.81 2.51
CA GLN A 265 -0.28 -30.87 1.63
C GLN A 265 -1.23 -31.08 0.47
N ASN A 266 -0.71 -31.05 -0.74
CA ASN A 266 -1.52 -31.27 -1.94
C ASN A 266 -2.77 -30.39 -1.93
N ASN A 267 -2.57 -29.11 -1.61
CA ASN A 267 -3.65 -28.13 -1.49
C ASN A 267 -4.68 -28.41 -0.38
N GLN A 268 -4.36 -29.28 0.57
CA GLN A 268 -5.32 -29.62 1.63
C GLN A 268 -4.71 -29.70 3.03
N THR A 269 -5.51 -29.40 4.05
CA THR A 269 -5.05 -29.44 5.43
C THR A 269 -6.11 -30.03 6.38
N ASP A 270 -5.80 -30.06 7.68
CA ASP A 270 -6.69 -30.64 8.69
C ASP A 270 -6.95 -29.71 9.89
N VAL A 271 -8.23 -29.54 10.24
CA VAL A 271 -8.62 -28.81 11.46
C VAL A 271 -9.77 -29.52 12.19
N ASP A 272 -10.09 -29.05 13.40
CA ASP A 272 -11.06 -29.73 14.28
C ASP A 272 -12.46 -29.10 14.28
N ALA A 273 -12.95 -28.71 13.11
CA ALA A 273 -14.22 -28.00 12.97
C ALA A 273 -14.23 -26.70 13.77
N ARG A 298 -10.55 -37.86 15.68
CA ARG A 298 -10.27 -37.52 14.28
C ARG A 298 -10.91 -36.20 13.83
N LYS A 299 -10.28 -35.59 12.84
CA LYS A 299 -10.59 -34.23 12.39
C LYS A 299 -10.81 -34.09 10.87
N ARG A 300 -11.33 -32.93 10.46
CA ARG A 300 -11.85 -32.73 9.10
C ARG A 300 -10.90 -31.99 8.14
N LYS A 301 -11.09 -32.24 6.84
CA LYS A 301 -10.22 -31.69 5.78
C LYS A 301 -10.72 -30.39 5.13
N ILE A 302 -9.81 -29.45 4.97
CA ILE A 302 -10.07 -28.19 4.27
C ILE A 302 -9.35 -28.19 2.93
N GLN A 303 -10.03 -27.72 1.89
CA GLN A 303 -9.38 -27.51 0.60
C GLN A 303 -8.79 -26.11 0.56
N LEU A 304 -7.58 -26.01 0.04
CA LEU A 304 -6.91 -24.72 -0.05
C LEU A 304 -6.33 -24.50 -1.42
N ASP A 305 -7.19 -24.16 -2.38
CA ASP A 305 -6.73 -23.78 -3.72
C ASP A 305 -7.37 -22.47 -4.15
N GLY A 306 -6.95 -21.97 -5.30
CA GLY A 306 -7.35 -20.65 -5.77
C GLY A 306 -8.66 -20.62 -6.53
N SER A 307 -9.37 -21.76 -6.56
CA SER A 307 -10.71 -21.77 -7.12
C SER A 307 -11.66 -21.00 -6.20
N ASP A 308 -11.39 -21.02 -4.90
CA ASP A 308 -12.14 -20.20 -3.95
C ASP A 308 -11.80 -18.72 -4.11
N SER A 309 -12.82 -17.91 -4.35
CA SER A 309 -12.64 -16.47 -4.53
C SER A 309 -11.91 -15.79 -3.38
N LEU A 310 -12.33 -16.09 -2.16
CA LEU A 310 -11.82 -15.39 -0.98
C LEU A 310 -10.38 -15.78 -0.68
N TYR A 311 -10.09 -17.07 -0.77
CA TYR A 311 -8.77 -17.56 -0.44
C TYR A 311 -7.71 -16.99 -1.35
N SER A 312 -8.08 -16.71 -2.59
CA SER A 312 -7.16 -16.08 -3.54
C SER A 312 -6.63 -14.75 -3.03
N GLN A 313 -7.51 -13.93 -2.46
CA GLN A 313 -7.11 -12.62 -1.94
C GLN A 313 -6.45 -12.72 -0.57
N LEU A 314 -6.62 -13.87 0.09
CA LEU A 314 -6.11 -14.05 1.44
C LEU A 314 -4.72 -14.71 1.50
N ARG A 315 -4.54 -15.79 0.75
CA ARG A 315 -3.39 -16.69 0.89
C ARG A 315 -2.06 -15.94 0.90
N ASP A 316 -1.89 -14.99 -0.02
CA ASP A 316 -0.61 -14.29 -0.17
C ASP A 316 -0.51 -13.05 0.71
N ALA A 317 -1.46 -12.83 1.60
CA ALA A 317 -1.47 -11.61 2.41
C ALA A 317 -0.87 -11.81 3.79
N ASN A 318 -0.07 -10.85 4.25
CA ASN A 318 0.44 -10.84 5.62
C ASN A 318 -0.69 -11.00 6.62
N PHE A 319 -0.50 -11.88 7.60
CA PHE A 319 -1.57 -12.21 8.54
C PHE A 319 -2.11 -10.98 9.28
N ALA A 320 -1.25 -9.98 9.48
CA ALA A 320 -1.61 -8.75 10.17
C ALA A 320 -2.85 -8.09 9.57
N ILE A 321 -2.95 -8.07 8.24
CA ILE A 321 -4.06 -7.40 7.59
C ILE A 321 -5.16 -8.39 7.15
N VAL A 322 -5.10 -9.62 7.66
CA VAL A 322 -6.11 -10.61 7.29
C VAL A 322 -7.43 -10.29 8.01
N GLY A 323 -7.34 -9.68 9.19
CA GLY A 323 -8.52 -9.18 9.87
C GLY A 323 -9.27 -8.18 9.02
N SER A 324 -8.56 -7.14 8.57
CA SER A 324 -9.09 -6.13 7.66
C SER A 324 -9.80 -6.75 6.46
N LEU A 325 -9.13 -7.73 5.86
CA LEU A 325 -9.58 -8.33 4.61
C LEU A 325 -10.82 -9.19 4.84
N LEU A 326 -10.91 -9.78 6.02
CA LEU A 326 -12.07 -10.59 6.39
C LEU A 326 -13.27 -9.70 6.70
N ASN A 327 -13.04 -8.61 7.44
CA ASN A 327 -14.09 -7.64 7.74
C ASN A 327 -14.72 -7.08 6.48
N THR A 328 -13.89 -6.53 5.60
CA THR A 328 -14.34 -5.90 4.38
C THR A 328 -15.19 -6.81 3.48
N VAL A 329 -14.79 -8.07 3.37
CA VAL A 329 -15.52 -9.02 2.55
C VAL A 329 -16.80 -9.47 3.23
N ALA A 330 -16.80 -9.46 4.56
CA ALA A 330 -17.98 -9.87 5.32
C ALA A 330 -19.13 -8.86 5.21
N ARG A 331 -18.77 -7.57 5.16
CA ARG A 331 -19.78 -6.52 5.06
C ARG A 331 -20.04 -6.13 3.60
N ARG A 332 -19.35 -6.80 2.69
CA ARG A 332 -19.59 -6.63 1.26
C ARG A 332 -20.46 -7.77 0.76
N LEU A 333 -20.57 -8.81 1.58
CA LEU A 333 -21.46 -9.93 1.29
C LEU A 333 -22.88 -9.59 1.69
N LYS A 334 -23.05 -9.04 2.89
CA LYS A 334 -24.38 -8.71 3.38
C LYS A 334 -24.92 -7.46 2.67
N SER A 335 -24.03 -6.69 2.05
CA SER A 335 -24.44 -5.50 1.32
C SER A 335 -24.66 -5.80 -0.16
N ASP A 336 -24.36 -7.03 -0.57
CA ASP A 336 -24.71 -7.50 -1.91
C ASP A 336 -25.85 -8.50 -1.79
N TYR A 337 -26.29 -8.72 -0.57
CA TYR A 337 -27.54 -9.41 -0.30
C TYR A 337 -28.61 -8.34 -0.15
N GLU A 338 -28.16 -7.11 0.02
CA GLU A 338 -29.03 -5.94 -0.05
C GLU A 338 -29.40 -5.68 -1.51
N SER A 339 -28.63 -6.28 -2.40
CA SER A 339 -28.81 -6.11 -3.83
C SER A 339 -30.09 -6.73 -4.38
N ARG A 340 -30.65 -6.02 -5.34
CA ARG A 340 -31.82 -6.37 -6.14
C ARG A 340 -32.82 -7.46 -5.70
N HIS A 341 -33.01 -7.74 -4.41
CA HIS A 341 -34.21 -8.51 -4.09
C HIS A 341 -35.23 -7.45 -3.62
N ASN A 342 -35.75 -6.76 -4.61
CA ASN A 342 -36.73 -5.67 -4.49
C ASN A 342 -37.61 -5.95 -5.70
N THR A 343 -37.09 -5.53 -6.86
CA THR A 343 -37.14 -6.38 -8.04
C THR A 343 -38.47 -6.64 -8.72
N LYS A 344 -39.32 -7.35 -7.99
CA LYS A 344 -40.12 -8.44 -8.55
C LYS A 344 -40.90 -8.12 -9.82
N THR A 345 -40.37 -8.64 -10.92
CA THR A 345 -41.13 -8.91 -12.12
C THR A 345 -41.44 -10.40 -12.03
N THR A 346 -40.84 -11.19 -12.91
CA THR A 346 -40.69 -12.62 -12.65
C THR A 346 -39.29 -13.07 -13.05
N ALA A 347 -38.59 -12.24 -13.81
CA ALA A 347 -37.34 -12.64 -14.44
C ALA A 347 -36.08 -12.15 -13.74
N GLU A 348 -36.15 -10.98 -13.09
CA GLU A 348 -34.96 -10.42 -12.45
C GLU A 348 -34.86 -10.88 -11.01
N LEU A 349 -35.68 -11.86 -10.67
CA LEU A 349 -35.55 -12.55 -9.41
C LEU A 349 -34.99 -13.92 -9.72
N LYS A 350 -35.34 -14.44 -10.89
CA LYS A 350 -34.76 -15.69 -11.40
C LYS A 350 -33.27 -15.48 -11.62
N GLU A 351 -32.90 -14.23 -11.86
CA GLU A 351 -31.51 -13.82 -11.92
C GLU A 351 -30.88 -13.89 -10.53
N PHE A 352 -31.42 -13.09 -9.60
CA PHE A 352 -30.88 -12.98 -8.25
C PHE A 352 -30.80 -14.33 -7.53
N VAL A 353 -31.78 -15.19 -7.77
CA VAL A 353 -31.81 -16.49 -7.10
C VAL A 353 -30.70 -17.41 -7.64
N LYS A 354 -30.28 -17.22 -8.88
CA LYS A 354 -29.20 -18.04 -9.41
C LYS A 354 -27.83 -17.59 -8.90
N LYS A 355 -27.74 -16.36 -8.41
CA LYS A 355 -26.50 -15.86 -7.84
C LYS A 355 -26.39 -16.28 -6.38
N LEU A 356 -27.29 -17.16 -5.95
CA LEU A 356 -27.43 -17.50 -4.54
C LEU A 356 -26.56 -18.69 -4.10
N PRO A 357 -26.36 -19.70 -4.99
CA PRO A 357 -25.30 -20.68 -4.68
C PRO A 357 -23.98 -20.02 -4.32
N GLY A 358 -23.53 -19.08 -5.14
CA GLY A 358 -22.26 -18.41 -4.90
C GLY A 358 -22.29 -17.54 -3.66
N TYR A 359 -23.48 -17.11 -3.27
CA TYR A 359 -23.64 -16.35 -2.02
C TYR A 359 -23.68 -17.29 -0.81
N GLN A 360 -23.60 -18.58 -1.09
CA GLN A 360 -23.58 -19.58 -0.03
C GLN A 360 -22.18 -20.14 0.01
N ALA A 361 -21.58 -20.26 -1.19
CA ALA A 361 -20.19 -20.63 -1.30
C ALA A 361 -19.32 -19.57 -0.67
N GLU A 362 -19.61 -18.31 -0.98
CA GLU A 362 -18.86 -17.19 -0.45
C GLU A 362 -19.16 -16.98 1.03
N GLN A 363 -20.30 -17.48 1.46
CA GLN A 363 -20.73 -17.31 2.84
C GLN A 363 -19.90 -18.24 3.71
N GLN A 364 -19.87 -19.50 3.31
CA GLN A 364 -19.21 -20.52 4.11
C GLN A 364 -17.70 -20.49 3.92
N SER A 365 -17.25 -20.05 2.75
CA SER A 365 -15.83 -19.79 2.53
C SER A 365 -15.30 -18.82 3.56
N LEU A 366 -16.11 -17.82 3.88
CA LEU A 366 -15.77 -16.84 4.89
C LEU A 366 -15.80 -17.42 6.31
N LYS A 367 -16.74 -18.31 6.56
CA LYS A 367 -16.92 -18.82 7.92
C LYS A 367 -15.76 -19.74 8.27
N ILE A 368 -15.30 -20.48 7.27
CA ILE A 368 -14.17 -21.37 7.48
C ILE A 368 -12.89 -20.57 7.77
N HIS A 369 -12.58 -19.60 6.92
CA HIS A 369 -11.35 -18.83 7.09
C HIS A 369 -11.38 -17.84 8.25
N SER A 370 -12.57 -17.50 8.73
CA SER A 370 -12.68 -16.64 9.90
C SER A 370 -12.37 -17.47 11.13
N ASN A 371 -12.56 -18.78 11.01
CA ASN A 371 -12.24 -19.72 12.07
C ASN A 371 -10.76 -20.07 12.14
N ILE A 372 -10.17 -20.31 10.98
CA ILE A 372 -8.74 -20.58 10.90
C ILE A 372 -7.95 -19.39 11.39
N ALA A 373 -8.32 -18.21 10.93
CA ALA A 373 -7.66 -16.97 11.33
C ALA A 373 -7.71 -16.81 12.84
N GLU A 374 -8.86 -17.17 13.42
CA GLU A 374 -9.05 -17.02 14.86
C GLU A 374 -8.13 -17.96 15.62
N GLU A 375 -7.95 -19.17 15.11
CA GLU A 375 -7.06 -20.14 15.74
C GLU A 375 -5.61 -19.70 15.59
N ILE A 376 -5.24 -19.31 14.38
CA ILE A 376 -3.88 -18.89 14.08
C ILE A 376 -3.51 -17.65 14.89
N ILE A 377 -4.47 -16.75 15.10
CA ILE A 377 -4.19 -15.58 15.93
C ILE A 377 -3.77 -16.00 17.34
N ASN A 378 -4.54 -16.88 17.98
CA ASN A 378 -4.21 -17.33 19.33
C ASN A 378 -2.79 -17.91 19.39
N TYR A 379 -2.47 -18.69 18.37
CA TYR A 379 -1.15 -19.30 18.18
C TYR A 379 -0.03 -18.27 18.16
N THR A 380 -0.30 -17.13 17.51
CA THR A 380 0.70 -16.09 17.33
C THR A 380 0.77 -15.14 18.52
N ARG A 381 0.05 -15.46 19.59
CA ARG A 381 0.07 -14.63 20.79
C ARG A 381 0.85 -15.23 21.96
N THR A 382 1.17 -16.52 21.87
CA THR A 382 1.84 -17.23 22.95
C THR A 382 3.25 -16.69 23.20
N GLU A 383 3.74 -16.80 24.45
CA GLU A 383 5.06 -16.26 24.78
C GLU A 383 6.18 -16.93 23.98
N ILE A 384 6.01 -18.23 23.79
CA ILE A 384 7.03 -19.03 23.14
C ILE A 384 7.12 -18.64 21.68
N PHE A 385 5.97 -18.48 21.03
CA PHE A 385 5.93 -17.99 19.65
C PHE A 385 6.64 -16.67 19.54
N ASN A 386 6.36 -15.77 20.48
CA ASN A 386 6.94 -14.45 20.40
C ASN A 386 8.43 -14.47 20.76
N LYS A 387 8.83 -15.37 21.66
CA LYS A 387 10.24 -15.49 21.97
C LYS A 387 11.04 -16.06 20.79
N LEU A 388 10.41 -16.91 19.96
CA LEU A 388 11.08 -17.45 18.78
C LEU A 388 11.19 -16.41 17.69
N LEU A 389 10.11 -15.69 17.45
CA LEU A 389 10.11 -14.68 16.40
C LEU A 389 11.11 -13.59 16.75
N GLU A 390 11.14 -13.21 18.02
CA GLU A 390 12.08 -12.21 18.52
C GLU A 390 13.51 -12.57 18.16
N VAL A 391 13.86 -13.84 18.32
CA VAL A 391 15.21 -14.32 18.00
C VAL A 391 15.46 -14.20 16.51
N GLN A 392 14.54 -14.76 15.72
CA GLN A 392 14.61 -14.69 14.26
C GLN A 392 14.80 -13.25 13.80
N GLN A 393 13.95 -12.35 14.30
CA GLN A 393 13.99 -10.95 13.87
C GLN A 393 15.34 -10.32 14.18
N ASN A 394 15.93 -10.70 15.30
CA ASN A 394 17.23 -10.15 15.64
C ASN A 394 18.32 -10.73 14.74
N LEU A 395 18.30 -12.05 14.58
CA LEU A 395 19.25 -12.75 13.71
C LEU A 395 19.16 -12.25 12.26
N ALA A 396 17.94 -12.05 11.80
CA ALA A 396 17.71 -11.66 10.41
C ALA A 396 18.06 -10.20 10.16
N ALA A 397 18.22 -9.43 11.23
CA ALA A 397 18.49 -8.00 11.10
C ALA A 397 19.97 -7.67 11.21
N GLY A 398 20.77 -8.63 11.64
CA GLY A 398 22.21 -8.43 11.66
C GLY A 398 22.80 -8.19 13.02
N ALA A 399 21.94 -8.26 14.03
CA ALA A 399 22.36 -8.22 15.43
C ALA A 399 23.36 -9.32 15.75
N ASP A 400 24.21 -9.08 16.74
CA ASP A 400 25.20 -10.05 17.18
C ASP A 400 24.48 -11.31 17.66
N PRO A 401 24.64 -12.40 16.91
CA PRO A 401 23.96 -13.66 17.20
C PRO A 401 24.12 -14.09 18.65
N SER A 402 25.26 -13.74 19.25
CA SER A 402 25.52 -14.02 20.65
C SER A 402 24.47 -13.43 21.57
N SER A 403 23.99 -12.23 21.23
CA SER A 403 22.99 -11.53 22.05
C SER A 403 21.69 -12.33 22.24
N GLN A 404 21.50 -13.35 21.40
CA GLN A 404 20.30 -14.18 21.42
C GLN A 404 20.47 -15.45 22.21
N PHE A 405 21.67 -15.67 22.75
CA PHE A 405 21.96 -16.95 23.40
C PHE A 405 21.05 -17.27 24.59
N ASP A 406 20.85 -16.33 25.50
CA ASP A 406 19.99 -16.60 26.66
C ASP A 406 18.57 -16.95 26.24
N SER A 407 18.04 -16.21 25.26
CA SER A 407 16.70 -16.45 24.74
C SER A 407 16.56 -17.87 24.17
N ILE A 408 17.61 -18.37 23.54
CA ILE A 408 17.60 -19.74 23.02
C ILE A 408 17.68 -20.75 24.17
N GLU A 409 18.56 -20.47 25.13
CA GLU A 409 18.70 -21.31 26.32
C GLU A 409 17.37 -21.53 27.03
N GLU A 410 16.62 -20.44 27.21
CA GLU A 410 15.33 -20.52 27.87
C GLU A 410 14.35 -21.39 27.09
N LEU A 411 14.27 -21.16 25.77
CA LEU A 411 13.35 -21.90 24.90
C LEU A 411 13.57 -23.41 25.01
N VAL A 412 14.84 -23.80 25.08
CA VAL A 412 15.19 -25.19 25.28
C VAL A 412 14.66 -25.67 26.63
N ALA A 413 14.97 -24.92 27.68
CA ALA A 413 14.55 -25.30 29.03
C ALA A 413 13.03 -25.29 29.21
N ARG A 414 12.32 -24.55 28.37
CA ARG A 414 10.85 -24.51 28.43
C ARG A 414 10.23 -25.55 27.51
N ASP A 415 11.04 -26.53 27.11
CA ASP A 415 10.60 -27.69 26.33
C ASP A 415 9.83 -27.32 25.06
N THR A 416 10.24 -26.25 24.40
CA THR A 416 9.62 -25.87 23.13
C THR A 416 10.09 -26.84 22.05
N PRO A 417 9.16 -27.30 21.20
CA PRO A 417 9.37 -28.37 20.20
C PRO A 417 10.69 -28.32 19.44
N LEU A 418 11.41 -29.44 19.45
CA LEU A 418 12.76 -29.52 18.88
C LEU A 418 12.90 -28.87 17.50
N PRO A 419 11.95 -29.11 16.57
CA PRO A 419 12.07 -28.44 15.27
C PRO A 419 12.17 -26.93 15.34
N GLN A 420 11.47 -26.34 16.30
CA GLN A 420 11.45 -24.88 16.43
C GLN A 420 12.78 -24.35 16.95
N VAL A 421 13.46 -25.15 17.74
CA VAL A 421 14.74 -24.72 18.29
C VAL A 421 15.84 -24.91 17.25
N LEU A 422 15.79 -26.04 16.55
CA LEU A 422 16.81 -26.36 15.56
C LEU A 422 16.80 -25.35 14.43
N ARG A 423 15.63 -24.81 14.10
CA ARG A 423 15.53 -23.83 13.02
C ARG A 423 16.27 -22.57 13.39
N LEU A 424 16.22 -22.22 14.67
CA LEU A 424 16.96 -21.07 15.17
C LEU A 424 18.47 -21.35 15.10
N LEU A 425 18.86 -22.53 15.55
CA LEU A 425 20.26 -22.93 15.53
C LEU A 425 20.86 -22.88 14.13
N CYS A 426 20.15 -23.45 13.17
CA CYS A 426 20.55 -23.40 11.76
C CYS A 426 20.49 -21.97 11.22
N LEU A 427 19.50 -21.20 11.65
CA LEU A 427 19.42 -19.82 11.22
C LEU A 427 20.69 -19.06 11.61
N TYR A 428 21.10 -19.21 12.87
CA TYR A 428 22.25 -18.51 13.43
C TYR A 428 23.48 -18.93 12.64
N SER A 429 23.62 -20.24 12.44
CA SER A 429 24.77 -20.77 11.73
C SER A 429 24.86 -20.23 10.30
N CYS A 430 23.75 -20.33 9.57
CA CYS A 430 23.73 -20.00 8.15
C CYS A 430 23.84 -18.51 7.90
N ILE A 431 23.50 -17.69 8.88
CA ILE A 431 23.40 -16.28 8.60
C ILE A 431 24.66 -15.55 9.11
N SER A 432 25.51 -16.29 9.81
CA SER A 432 26.67 -15.69 10.46
C SER A 432 28.01 -16.23 9.94
N GLY A 433 27.94 -17.27 9.12
CA GLY A 433 29.14 -17.94 8.67
C GLY A 433 29.57 -18.94 9.73
N GLY A 434 28.57 -19.56 10.36
CA GLY A 434 28.83 -20.55 11.39
C GLY A 434 28.80 -20.00 12.81
N ILE A 435 28.89 -20.92 13.77
CA ILE A 435 28.73 -20.61 15.18
C ILE A 435 30.08 -20.59 15.87
N LYS A 436 30.30 -19.63 16.76
CA LYS A 436 31.56 -19.58 17.51
C LYS A 436 31.71 -20.85 18.34
N THR A 437 32.95 -21.32 18.48
CA THR A 437 33.22 -22.63 19.02
C THR A 437 32.68 -22.83 20.44
N LYS A 438 32.75 -21.78 21.25
CA LYS A 438 32.21 -21.85 22.59
C LYS A 438 30.70 -22.01 22.55
N GLU A 439 30.03 -21.15 21.79
CA GLU A 439 28.58 -21.21 21.69
C GLU A 439 28.09 -22.51 21.07
N LEU A 440 28.89 -23.08 20.16
CA LEU A 440 28.51 -24.34 19.53
C LEU A 440 28.38 -25.45 20.57
N ASP A 441 29.42 -25.62 21.39
CA ASP A 441 29.43 -26.72 22.35
C ASP A 441 28.33 -26.57 23.40
N HIS A 442 28.01 -25.33 23.73
CA HIS A 442 26.91 -25.05 24.64
C HIS A 442 25.58 -25.47 24.01
N PHE A 443 25.40 -25.09 22.75
CA PHE A 443 24.22 -25.46 21.98
C PHE A 443 24.08 -26.97 21.88
N ARG A 444 25.18 -27.64 21.56
CA ARG A 444 25.20 -29.10 21.48
C ARG A 444 24.72 -29.73 22.78
N ARG A 445 25.24 -29.23 23.90
CA ARG A 445 24.88 -29.74 25.20
C ARG A 445 23.39 -29.54 25.51
N LEU A 446 22.86 -28.33 25.26
CA LEU A 446 21.45 -28.04 25.50
C LEU A 446 20.51 -28.98 24.77
N VAL A 447 20.66 -29.06 23.45
CA VAL A 447 19.85 -29.96 22.63
C VAL A 447 19.91 -31.40 23.13
N LEU A 448 21.12 -31.93 23.28
CA LEU A 448 21.32 -33.32 23.71
C LEU A 448 20.68 -33.57 25.07
N GLN A 449 20.85 -32.62 25.97
CA GLN A 449 20.34 -32.76 27.32
C GLN A 449 18.86 -32.39 27.37
N GLY A 450 18.43 -31.53 26.47
CA GLY A 450 17.04 -31.16 26.45
C GLY A 450 16.15 -32.25 25.89
N TYR A 451 16.56 -32.85 24.77
CA TYR A 451 15.64 -33.67 23.98
C TYR A 451 16.06 -35.13 23.78
N GLY A 452 17.34 -35.42 24.05
CA GLY A 452 17.81 -36.80 24.00
C GLY A 452 19.19 -36.93 23.41
N HIS A 453 19.94 -37.95 23.83
CA HIS A 453 21.28 -38.13 23.28
C HIS A 453 21.25 -38.76 21.88
N GLN A 454 20.06 -39.25 21.48
CA GLN A 454 19.86 -39.72 20.12
C GLN A 454 20.22 -38.63 19.13
N HIS A 455 20.08 -37.38 19.57
CA HIS A 455 20.23 -36.24 18.68
C HIS A 455 21.68 -35.91 18.40
N LEU A 456 22.56 -36.83 18.78
CA LEU A 456 23.91 -36.82 18.27
C LEU A 456 23.79 -36.96 16.77
N LEU A 457 22.98 -37.94 16.36
CA LEU A 457 22.70 -38.20 14.96
C LEU A 457 22.06 -37.00 14.27
N THR A 458 21.08 -36.39 14.93
CA THR A 458 20.42 -35.21 14.40
C THR A 458 21.40 -34.08 14.10
N LEU A 459 22.25 -33.77 15.09
CA LEU A 459 23.24 -32.70 14.95
C LEU A 459 24.27 -33.02 13.89
N HIS A 460 24.58 -34.32 13.76
CA HIS A 460 25.45 -34.78 12.68
C HIS A 460 24.80 -34.55 11.32
N ASN A 461 23.52 -34.90 11.18
CA ASN A 461 22.80 -34.71 9.93
C ASN A 461 22.75 -33.22 9.52
N LEU A 462 22.51 -32.33 10.49
CA LEU A 462 22.49 -30.91 10.22
C LEU A 462 23.89 -30.43 9.83
N GLU A 463 24.90 -31.16 10.27
CA GLU A 463 26.28 -30.87 9.90
C GLU A 463 26.53 -31.31 8.45
N ARG A 464 26.04 -32.48 8.09
CA ARG A 464 26.10 -32.93 6.70
C ARG A 464 25.32 -31.98 5.78
N LEU A 465 24.15 -31.53 6.25
CA LEU A 465 23.34 -30.57 5.52
C LEU A 465 24.07 -29.25 5.38
N GLN A 466 25.07 -29.05 6.23
CA GLN A 466 25.87 -27.83 6.29
C GLN A 466 24.97 -26.65 6.66
N MET A 467 24.01 -26.93 7.55
CA MET A 467 23.08 -25.93 8.05
C MET A 467 23.44 -25.51 9.48
N PHE A 468 24.32 -26.28 10.12
CA PHE A 468 24.68 -26.08 11.53
C PHE A 468 26.14 -26.48 11.75
N LEU A 469 27.04 -25.52 11.66
CA LEU A 469 28.49 -25.79 11.65
C LEU A 469 29.27 -24.86 12.55
N SER A 470 30.44 -25.31 12.99
CA SER A 470 31.37 -24.44 13.72
C SER A 470 32.02 -23.41 12.81
N LYS A 471 32.29 -22.22 13.35
CA LYS A 471 32.91 -21.15 12.59
C LYS A 471 34.30 -21.51 12.10
N SER A 472 34.95 -22.44 12.79
CA SER A 472 36.33 -22.81 12.48
C SER A 472 36.40 -23.88 11.39
N SER A 473 35.25 -24.46 11.04
CA SER A 473 35.18 -25.35 9.90
C SER A 473 35.43 -24.59 8.61
N PRO A 474 36.11 -25.23 7.65
CA PRO A 474 36.30 -24.61 6.33
C PRO A 474 34.96 -24.36 5.63
N LEU A 475 34.01 -25.29 5.79
CA LEU A 475 32.70 -25.22 5.15
C LEU A 475 31.76 -24.14 5.70
N ALA A 476 32.18 -23.47 6.77
CA ALA A 476 31.37 -22.42 7.39
C ALA A 476 31.52 -21.06 6.70
N SER A 477 32.69 -20.78 6.14
CA SER A 477 33.00 -19.45 5.59
C SER A 477 32.02 -18.92 4.56
N MET A 478 31.61 -17.68 4.76
CA MET A 478 30.88 -16.95 3.73
C MET A 478 31.85 -16.45 2.66
N ILE A 479 31.29 -15.93 1.56
CA ILE A 479 32.07 -15.48 0.42
C ILE A 479 32.53 -14.03 0.63
N THR A 480 33.80 -13.76 0.35
CA THR A 480 34.30 -12.40 0.24
C THR A 480 35.23 -12.27 -0.95
N MET A 481 35.33 -11.08 -1.51
CA MET A 481 36.28 -10.83 -2.59
C MET A 481 37.61 -10.51 -1.93
N SER A 482 37.53 -10.21 -0.64
CA SER A 482 38.70 -9.88 0.18
C SER A 482 39.62 -11.10 0.34
N GLY A 483 39.18 -12.08 1.12
CA GLY A 483 39.96 -13.29 1.39
C GLY A 483 39.92 -14.29 0.25
N SER A 484 40.05 -13.75 -0.96
CA SER A 484 40.01 -14.45 -2.26
C SER A 484 40.03 -15.99 -2.33
N SER A 485 41.19 -16.59 -2.07
CA SER A 485 41.34 -18.05 -2.22
C SER A 485 40.92 -18.82 -0.97
N GLY A 486 41.05 -20.14 -1.04
CA GLY A 486 40.67 -21.01 0.05
C GLY A 486 39.20 -21.35 0.10
N GLY A 487 38.87 -22.61 -0.15
CA GLY A 487 37.49 -23.08 -0.22
C GLY A 487 36.78 -22.87 -1.55
N PRO A 488 36.18 -23.94 -2.08
CA PRO A 488 35.42 -23.93 -3.34
C PRO A 488 33.89 -23.82 -3.14
N ASP A 489 33.41 -24.23 -1.98
CA ASP A 489 31.99 -24.31 -1.68
C ASP A 489 31.63 -23.23 -0.68
N GLN A 490 32.28 -22.09 -0.81
CA GLN A 490 32.07 -20.99 0.12
C GLN A 490 30.59 -20.58 0.15
N LYS A 491 30.12 -20.23 1.33
CA LYS A 491 28.69 -20.07 1.56
C LYS A 491 28.18 -18.66 1.30
N THR A 492 26.87 -18.52 1.19
CA THR A 492 26.22 -17.24 0.93
C THR A 492 26.52 -16.20 2.03
N ASN A 493 26.93 -15.01 1.61
CA ASN A 493 27.22 -13.93 2.54
C ASN A 493 25.99 -13.09 2.89
N TYR A 494 25.33 -13.44 4.00
CA TYR A 494 24.16 -12.71 4.45
C TYR A 494 24.51 -11.36 5.06
N THR A 495 25.74 -11.22 5.54
CA THR A 495 26.20 -9.92 6.04
C THR A 495 26.37 -8.92 4.91
N TYR A 496 26.91 -9.39 3.79
CA TYR A 496 27.07 -8.54 2.61
C TYR A 496 25.75 -8.30 1.88
N LEU A 497 25.01 -9.36 1.60
CA LEU A 497 23.81 -9.26 0.77
C LEU A 497 22.63 -8.60 1.49
N ARG A 498 22.73 -8.47 2.81
CA ARG A 498 21.68 -7.80 3.55
C ARG A 498 21.61 -6.36 3.10
N LYS A 499 22.77 -5.75 2.95
CA LYS A 499 22.86 -4.37 2.51
C LYS A 499 22.74 -4.23 1.00
N GLN A 500 23.50 -5.04 0.28
CA GLN A 500 23.60 -4.92 -1.17
C GLN A 500 22.33 -5.31 -1.91
N LEU A 501 21.56 -6.23 -1.36
CA LEU A 501 20.29 -6.60 -1.98
C LEU A 501 19.09 -6.13 -1.14
N ARG A 502 19.36 -5.25 -0.18
CA ARG A 502 18.31 -4.59 0.60
C ARG A 502 17.34 -5.62 1.19
N LEU A 503 17.88 -6.56 1.95
CA LEU A 503 17.05 -7.59 2.54
C LEU A 503 16.15 -7.05 3.65
N ILE A 504 16.50 -5.88 4.20
CA ILE A 504 15.71 -5.29 5.28
C ILE A 504 14.92 -4.04 4.86
N VAL A 505 13.61 -4.12 5.03
CA VAL A 505 12.69 -3.02 4.75
C VAL A 505 11.73 -2.91 5.92
N ASP A 506 12.18 -2.36 7.05
CA ASP A 506 11.29 -2.33 8.22
C ASP A 506 10.28 -1.19 8.15
N GLU A 507 10.19 -0.57 6.98
CA GLU A 507 9.23 0.50 6.74
C GLU A 507 8.32 0.09 5.59
N VAL A 508 7.59 -1.00 5.77
CA VAL A 508 6.82 -1.57 4.68
C VAL A 508 5.34 -1.66 5.05
N ASN A 509 4.49 -1.12 4.17
CA ASN A 509 3.05 -1.19 4.39
C ASN A 509 2.50 -2.60 4.14
N GLU A 510 1.88 -3.19 5.15
CA GLU A 510 1.33 -4.53 5.00
C GLU A 510 -0.03 -4.50 4.30
N GLN A 511 -0.74 -3.37 4.40
CA GLN A 511 -2.07 -3.26 3.80
C GLN A 511 -2.00 -3.12 2.27
N ASP A 512 -1.04 -2.33 1.81
CA ASP A 512 -0.85 -2.14 0.38
C ASP A 512 0.67 -2.22 0.13
N PRO A 513 1.20 -3.45 0.08
CA PRO A 513 2.64 -3.73 0.08
C PRO A 513 3.36 -3.18 -1.14
N ASN A 514 4.48 -2.51 -0.89
CA ASN A 514 5.27 -1.84 -1.92
C ASN A 514 6.43 -2.72 -2.36
N ASP A 515 6.68 -3.78 -1.60
CA ASP A 515 7.84 -4.60 -1.85
C ASP A 515 7.64 -6.01 -1.31
N ILE A 516 8.41 -6.97 -1.81
CA ILE A 516 8.22 -8.37 -1.44
C ILE A 516 8.55 -8.66 0.02
N ALA A 517 9.23 -7.74 0.70
CA ALA A 517 9.64 -7.97 2.09
C ALA A 517 8.44 -8.11 3.02
N TYR A 518 7.26 -7.78 2.50
CA TYR A 518 6.05 -7.80 3.29
C TYR A 518 5.78 -9.20 3.82
N VAL A 519 6.23 -10.22 3.10
CA VAL A 519 5.95 -11.60 3.45
C VAL A 519 6.58 -12.00 4.77
N TYR A 520 7.53 -11.21 5.25
CA TYR A 520 8.12 -11.48 6.55
C TYR A 520 8.06 -10.28 7.46
N SER A 521 7.28 -9.28 7.06
CA SER A 521 7.11 -8.04 7.80
C SER A 521 8.44 -7.34 7.99
N GLY A 522 9.16 -7.16 6.88
CA GLY A 522 10.39 -6.41 6.90
C GLY A 522 11.59 -7.11 6.31
N TYR A 523 11.45 -8.39 5.97
CA TYR A 523 12.59 -9.17 5.44
C TYR A 523 12.27 -9.84 4.11
N ALA A 524 12.94 -9.40 3.04
CA ALA A 524 12.74 -9.97 1.72
C ALA A 524 13.66 -11.20 1.50
N PRO A 525 13.08 -12.32 1.02
CA PRO A 525 13.86 -13.55 0.85
C PRO A 525 14.96 -13.31 -0.14
N LEU A 526 16.16 -13.82 0.13
CA LEU A 526 17.28 -13.59 -0.76
C LEU A 526 17.02 -14.23 -2.12
N SER A 527 16.36 -15.39 -2.08
CA SER A 527 16.06 -16.17 -3.27
C SER A 527 15.29 -15.37 -4.30
N ILE A 528 14.33 -14.58 -3.84
CA ILE A 528 13.49 -13.83 -4.75
C ILE A 528 14.18 -12.53 -5.14
N ARG A 529 14.96 -11.98 -4.20
CA ARG A 529 15.86 -10.87 -4.51
C ARG A 529 16.81 -11.27 -5.64
N LEU A 530 17.42 -12.43 -5.53
CA LEU A 530 18.20 -12.98 -6.63
C LEU A 530 17.43 -13.01 -7.95
N VAL A 531 16.17 -13.44 -7.88
CA VAL A 531 15.35 -13.48 -9.10
C VAL A 531 15.14 -12.07 -9.61
N GLN A 532 14.98 -11.12 -8.69
CA GLN A 532 14.76 -9.72 -9.04
C GLN A 532 15.98 -9.10 -9.72
N CYS A 533 17.14 -9.72 -9.53
CA CYS A 533 18.37 -9.27 -10.22
C CYS A 533 18.25 -9.52 -11.71
N VAL A 534 17.44 -10.48 -12.09
CA VAL A 534 17.19 -10.78 -13.50
C VAL A 534 15.96 -10.05 -14.05
N LEU A 535 14.85 -10.08 -13.31
CA LEU A 535 13.58 -9.57 -13.83
C LEU A 535 13.31 -8.10 -13.55
N GLN A 536 13.78 -7.60 -12.42
CA GLN A 536 13.48 -6.23 -12.02
C GLN A 536 14.75 -5.46 -11.68
N LYS A 537 15.67 -5.43 -12.64
CA LYS A 537 16.97 -4.79 -12.47
C LYS A 537 16.85 -3.32 -12.08
N GLN A 538 15.88 -2.64 -12.68
CA GLN A 538 15.75 -1.22 -12.45
C GLN A 538 15.16 -0.96 -11.08
N TYR A 539 14.14 -1.72 -10.72
CA TYR A 539 13.50 -1.58 -9.42
C TYR A 539 14.52 -1.84 -8.33
N LEU A 540 15.41 -2.80 -8.58
CA LEU A 540 16.41 -3.21 -7.60
C LEU A 540 17.44 -2.12 -7.38
N LEU A 541 17.77 -1.39 -8.43
CA LEU A 541 18.67 -0.26 -8.31
C LEU A 541 17.96 0.84 -7.55
N SER A 542 16.68 1.01 -7.87
CA SER A 542 15.83 2.02 -7.27
C SER A 542 15.84 1.98 -5.76
N ILE A 543 15.94 0.77 -5.19
CA ILE A 543 15.80 0.62 -3.75
C ILE A 543 17.13 0.57 -2.99
N THR A 544 18.19 1.07 -3.63
CA THR A 544 19.47 1.24 -2.94
C THR A 544 20.10 2.61 -3.24
N GLY A 560 18.39 -2.75 -19.07
CA GLY A 560 17.36 -3.56 -19.69
C GLY A 560 17.90 -4.73 -20.48
N ALA A 561 19.04 -5.25 -20.06
CA ALA A 561 19.59 -6.49 -20.60
C ALA A 561 19.02 -7.70 -19.86
N GLN A 562 19.15 -8.87 -20.45
CA GLN A 562 18.74 -10.11 -19.79
C GLN A 562 19.93 -10.63 -18.98
N GLY A 563 19.77 -11.82 -18.42
CA GLY A 563 20.82 -12.46 -17.66
C GLY A 563 21.06 -11.75 -16.34
N TRP A 564 22.27 -11.84 -15.85
CA TRP A 564 22.62 -11.23 -14.58
C TRP A 564 23.23 -9.85 -14.75
N LYS A 565 23.18 -9.32 -15.96
CA LYS A 565 23.92 -8.09 -16.27
C LYS A 565 23.48 -6.96 -15.34
N GLY A 566 24.45 -6.44 -14.61
CA GLY A 566 24.19 -5.42 -13.62
C GLY A 566 24.39 -5.88 -12.18
N PHE A 567 24.46 -7.19 -11.96
CA PHE A 567 24.52 -7.71 -10.61
C PHE A 567 25.48 -8.86 -10.47
N GLU A 568 26.44 -8.92 -11.39
CA GLU A 568 27.44 -9.99 -11.41
C GLU A 568 28.25 -10.06 -10.11
N GLU A 569 28.75 -8.92 -9.66
CA GLU A 569 29.51 -8.86 -8.39
C GLU A 569 28.66 -9.30 -7.21
N ILE A 570 27.50 -8.66 -7.09
CA ILE A 570 26.60 -8.91 -5.97
C ILE A 570 26.22 -10.38 -5.88
N VAL A 571 25.83 -10.98 -6.99
CA VAL A 571 25.39 -12.37 -7.00
C VAL A 571 26.57 -13.33 -6.83
N LYS A 572 27.77 -12.83 -7.03
CA LYS A 572 28.98 -13.63 -6.81
C LYS A 572 29.08 -13.99 -5.32
N HIS A 573 28.39 -13.19 -4.50
CA HIS A 573 28.45 -13.33 -3.05
C HIS A 573 27.43 -14.32 -2.53
N ALA A 574 26.73 -14.98 -3.46
CA ALA A 574 25.84 -16.06 -3.08
C ALA A 574 26.44 -17.39 -3.54
N ARG A 575 26.15 -18.44 -2.77
CA ARG A 575 26.71 -19.77 -2.95
C ARG A 575 26.63 -20.26 -4.38
N GLY A 576 27.69 -20.92 -4.84
CA GLY A 576 27.66 -21.65 -6.10
C GLY A 576 27.61 -20.86 -7.40
N PRO A 577 27.64 -21.60 -8.51
CA PRO A 577 27.75 -21.14 -9.91
C PRO A 577 26.68 -20.12 -10.30
N THR A 578 27.09 -19.06 -10.98
CA THR A 578 26.15 -18.14 -11.61
C THR A 578 26.22 -18.36 -13.12
N PHE A 579 25.09 -18.58 -13.78
CA PHE A 579 25.16 -18.84 -15.21
C PHE A 579 24.02 -18.28 -16.00
N ASP A 580 24.23 -18.25 -17.31
CA ASP A 580 23.31 -17.64 -18.24
C ASP A 580 23.52 -18.28 -19.59
N GLU A 581 23.03 -19.51 -19.75
CA GLU A 581 23.28 -20.30 -20.97
C GLU A 581 22.27 -19.94 -22.06
N ILE A 582 22.78 -19.47 -23.18
CA ILE A 582 21.92 -19.10 -24.32
C ILE A 582 21.65 -20.28 -25.23
N GLN A 583 20.38 -20.46 -25.60
CA GLN A 583 20.00 -21.49 -26.56
C GLN A 583 19.52 -20.82 -27.85
N LYS A 584 20.33 -20.90 -28.90
CA LYS A 584 20.00 -20.24 -30.17
C LYS A 584 19.44 -21.22 -31.20
N GLY A 585 19.57 -22.52 -30.90
CA GLY A 585 19.23 -23.58 -31.83
C GLY A 585 20.19 -23.55 -33.01
N GLU A 586 19.68 -23.76 -34.22
CA GLU A 586 20.42 -23.43 -35.44
C GLU A 586 19.49 -23.44 -36.65
N ASP A 587 18.95 -22.28 -37.00
CA ASP A 587 18.08 -22.12 -38.16
C ASP A 587 17.80 -20.64 -38.43
N GLY A 601 8.10 -10.23 -29.13
CA GLY A 601 6.79 -9.85 -29.61
C GLY A 601 5.80 -9.51 -28.49
N ASP A 602 4.79 -10.37 -28.34
CA ASP A 602 3.78 -10.23 -27.30
C ASP A 602 4.39 -10.46 -25.92
N LYS A 603 3.56 -10.59 -24.89
CA LYS A 603 4.06 -10.90 -23.57
C LYS A 603 4.38 -12.38 -23.56
N LYS A 604 5.43 -12.76 -22.85
CA LYS A 604 5.89 -14.13 -22.88
C LYS A 604 5.89 -14.74 -21.48
N THR A 605 5.97 -16.05 -21.40
CA THR A 605 6.01 -16.72 -20.11
C THR A 605 7.44 -16.83 -19.54
N VAL A 606 7.55 -16.59 -18.23
CA VAL A 606 8.79 -16.79 -17.48
C VAL A 606 8.61 -17.93 -16.48
N PHE A 607 9.47 -18.94 -16.57
CA PHE A 607 9.44 -20.02 -15.60
C PHE A 607 10.47 -19.77 -14.50
N VAL A 608 10.01 -19.56 -13.28
CA VAL A 608 10.93 -19.42 -12.17
C VAL A 608 10.99 -20.71 -11.38
N VAL A 609 12.11 -21.42 -11.48
CA VAL A 609 12.22 -22.78 -10.96
C VAL A 609 13.04 -22.89 -9.68
N PHE A 610 12.51 -23.61 -8.69
CA PHE A 610 13.25 -23.87 -7.45
C PHE A 610 13.66 -25.32 -7.32
N VAL A 611 14.95 -25.59 -7.43
CA VAL A 611 15.47 -26.92 -7.14
C VAL A 611 15.67 -27.06 -5.65
N GLY A 612 14.96 -27.97 -5.01
CA GLY A 612 15.17 -28.18 -3.58
C GLY A 612 14.06 -27.63 -2.70
N GLY A 613 13.00 -27.13 -3.33
CA GLY A 613 11.81 -26.73 -2.60
C GLY A 613 11.61 -25.23 -2.56
N ILE A 614 10.34 -24.82 -2.55
CA ILE A 614 9.96 -23.41 -2.45
C ILE A 614 8.95 -23.20 -1.33
N THR A 615 9.02 -22.06 -0.64
CA THR A 615 8.06 -21.77 0.42
C THR A 615 6.87 -21.03 -0.12
N PHE A 616 5.80 -20.96 0.67
CA PHE A 616 4.63 -20.18 0.28
C PHE A 616 4.94 -18.69 0.23
N THR A 617 5.64 -18.20 1.25
CA THR A 617 6.15 -16.84 1.22
C THR A 617 6.90 -16.53 -0.08
N GLU A 618 7.68 -17.46 -0.59
CA GLU A 618 8.37 -17.23 -1.86
C GLU A 618 7.36 -17.25 -3.03
N ILE A 619 6.41 -18.18 -2.98
CA ILE A 619 5.31 -18.21 -3.94
C ILE A 619 4.56 -16.87 -3.93
N ALA A 620 4.22 -16.40 -2.74
CA ALA A 620 3.59 -15.09 -2.57
C ALA A 620 4.40 -13.95 -3.20
N ALA A 621 5.67 -13.83 -2.84
CA ALA A 621 6.54 -12.77 -3.37
C ALA A 621 6.64 -12.85 -4.89
N LEU A 622 6.56 -14.07 -5.42
CA LEU A 622 6.66 -14.23 -6.87
C LEU A 622 5.36 -13.78 -7.55
N ARG A 623 4.20 -14.13 -6.97
CA ARG A 623 2.90 -13.65 -7.45
C ARG A 623 2.82 -12.13 -7.42
N PHE A 624 3.43 -11.54 -6.39
CA PHE A 624 3.51 -10.10 -6.24
C PHE A 624 4.24 -9.46 -7.43
N ILE A 625 5.39 -10.02 -7.76
CA ILE A 625 6.17 -9.58 -8.91
C ILE A 625 5.40 -9.84 -10.22
N ALA A 626 4.66 -10.94 -10.25
CA ALA A 626 3.94 -11.34 -11.46
C ALA A 626 2.84 -10.34 -11.80
N LYS A 627 2.22 -9.76 -10.77
CA LYS A 627 1.20 -8.73 -10.96
C LYS A 627 1.81 -7.47 -11.52
N GLN A 628 2.96 -7.10 -10.98
CA GLN A 628 3.71 -5.96 -11.46
C GLN A 628 4.09 -6.13 -12.94
N GLU A 629 4.47 -7.34 -13.31
CA GLU A 629 4.99 -7.61 -14.66
C GLU A 629 3.92 -8.11 -15.61
N GLU A 630 2.66 -7.90 -15.23
CA GLU A 630 1.50 -8.48 -15.91
C GLU A 630 1.47 -8.15 -17.40
N ALA A 631 2.09 -7.02 -17.75
CA ALA A 631 2.05 -6.48 -19.10
C ALA A 631 2.92 -7.28 -20.08
N ARG A 632 4.16 -7.57 -19.69
CA ARG A 632 5.12 -8.16 -20.60
C ARG A 632 5.43 -9.62 -20.28
N ARG A 633 4.98 -10.08 -19.11
CA ARG A 633 5.40 -11.39 -18.63
C ARG A 633 4.31 -12.15 -17.92
N ASN A 634 4.17 -13.42 -18.27
CA ASN A 634 3.37 -14.33 -17.46
C ASN A 634 4.32 -15.23 -16.70
N ILE A 635 4.30 -15.14 -15.38
CA ILE A 635 5.23 -15.91 -14.56
C ILE A 635 4.60 -17.22 -14.06
N VAL A 636 5.26 -18.33 -14.37
CA VAL A 636 4.85 -19.65 -13.90
C VAL A 636 5.91 -20.17 -12.91
N ILE A 637 5.50 -20.66 -11.76
CA ILE A 637 6.46 -21.22 -10.80
C ILE A 637 6.56 -22.73 -10.89
N CYS A 638 7.79 -23.23 -11.02
CA CYS A 638 8.04 -24.68 -10.97
C CYS A 638 8.88 -25.06 -9.76
N THR A 639 8.67 -26.26 -9.24
CA THR A 639 9.42 -26.70 -8.08
C THR A 639 9.40 -28.22 -7.90
N THR A 640 10.42 -28.74 -7.21
CA THR A 640 10.45 -30.16 -6.87
C THR A 640 9.41 -30.47 -5.78
N SER A 641 9.16 -29.49 -4.91
CA SER A 641 8.19 -29.65 -3.83
C SER A 641 8.00 -28.33 -3.12
N ILE A 642 6.94 -28.22 -2.33
CA ILE A 642 6.76 -27.03 -1.50
C ILE A 642 7.30 -27.27 -0.10
N ILE A 643 8.30 -26.48 0.30
CA ILE A 643 9.11 -26.78 1.47
C ILE A 643 8.84 -25.77 2.58
N ASN A 644 9.15 -26.14 3.82
CA ASN A 644 9.15 -25.17 4.90
C ASN A 644 10.14 -25.56 5.97
N GLY A 645 10.27 -24.72 6.99
CA GLY A 645 11.25 -24.97 8.04
C GLY A 645 11.14 -26.31 8.71
N ASN A 646 9.92 -26.78 8.93
CA ASN A 646 9.72 -28.03 9.64
C ASN A 646 10.11 -29.24 8.79
N ARG A 647 9.70 -29.24 7.52
CA ARG A 647 10.11 -30.31 6.63
C ARG A 647 11.64 -30.45 6.58
N MET A 648 12.34 -29.32 6.58
CA MET A 648 13.80 -29.34 6.57
C MET A 648 14.42 -30.03 7.78
N MET A 649 13.90 -29.73 8.96
CA MET A 649 14.43 -30.34 10.19
C MET A 649 14.08 -31.82 10.25
N ASN A 650 12.95 -32.20 9.64
CA ASN A 650 12.53 -33.59 9.70
C ASN A 650 13.45 -34.43 8.84
N ALA A 651 14.03 -33.79 7.82
CA ALA A 651 15.08 -34.43 7.05
C ALA A 651 16.24 -34.85 7.98
N ALA A 652 16.40 -34.12 9.07
CA ALA A 652 17.50 -34.35 10.01
C ALA A 652 17.14 -35.09 11.30
N ILE A 653 15.96 -34.84 11.85
CA ILE A 653 15.67 -35.33 13.20
C ILE A 653 15.53 -36.85 13.33
N GLU A 654 16.40 -37.45 14.15
CA GLU A 654 16.32 -38.86 14.47
C GLU A 654 15.17 -39.08 15.43
N THR A 655 14.32 -40.06 15.14
CA THR A 655 13.12 -40.26 15.94
C THR A 655 13.16 -41.52 16.82
N ALA A 656 14.22 -42.31 16.72
CA ALA A 656 14.41 -43.42 17.66
C ALA A 656 14.83 -42.84 19.01
N THR A 657 14.69 -43.60 20.10
CA THR A 657 14.45 -42.92 21.36
C THR A 657 15.03 -43.47 22.67
N PHE A 658 15.61 -44.66 22.66
CA PHE A 658 16.18 -45.26 23.89
C PHE A 658 15.16 -45.69 24.95
N GLU A 659 13.90 -45.84 24.60
CA GLU A 659 12.90 -46.26 25.57
C GLU A 659 12.59 -47.76 25.41
N ALA B 31 24.02 -42.39 -25.16
CA ALA B 31 24.51 -42.11 -23.80
C ALA B 31 23.64 -42.80 -22.75
N GLY B 32 22.67 -43.58 -23.22
CA GLY B 32 21.70 -44.19 -22.32
C GLY B 32 21.87 -45.70 -22.24
N ARG B 33 22.30 -46.30 -23.34
CA ARG B 33 22.88 -47.64 -23.28
C ARG B 33 24.22 -47.65 -24.01
N GLN B 34 24.79 -46.46 -24.17
CA GLN B 34 26.19 -46.25 -24.53
C GLN B 34 27.09 -46.56 -23.32
N VAL B 35 26.45 -46.73 -22.17
CA VAL B 35 27.15 -47.09 -20.95
C VAL B 35 27.51 -48.60 -20.87
N PRO B 36 26.53 -49.51 -21.08
CA PRO B 36 26.90 -50.93 -21.08
C PRO B 36 27.97 -51.27 -22.12
N LEU B 37 27.97 -50.52 -23.23
CA LEU B 37 29.02 -50.63 -24.23
C LEU B 37 30.37 -50.52 -23.54
N LEU B 38 30.54 -49.50 -22.72
CA LEU B 38 31.77 -49.33 -21.95
C LEU B 38 32.03 -50.53 -21.04
N LEU B 39 30.97 -51.13 -20.52
CA LEU B 39 31.11 -52.20 -19.54
C LEU B 39 31.23 -53.56 -20.21
N SER B 40 30.64 -53.70 -21.40
CA SER B 40 30.79 -54.93 -22.18
C SER B 40 32.27 -55.20 -22.39
N MET B 41 33.06 -54.15 -22.55
CA MET B 41 34.50 -54.25 -22.72
C MET B 41 35.19 -54.19 -21.37
N GLU B 42 34.45 -54.60 -20.33
CA GLU B 42 34.87 -54.60 -18.93
C GLU B 42 35.64 -53.34 -18.56
N GLU B 43 35.10 -52.18 -18.93
CA GLU B 43 35.64 -50.91 -18.47
C GLU B 43 34.78 -50.45 -17.31
N ASP B 44 35.13 -50.95 -16.13
CA ASP B 44 34.32 -50.82 -14.93
C ASP B 44 34.21 -49.39 -14.45
N GLU B 45 35.32 -48.87 -13.97
CA GLU B 45 35.34 -47.53 -13.38
C GLU B 45 34.95 -46.47 -14.40
N LEU B 46 35.22 -46.72 -15.67
CA LEU B 46 34.90 -45.75 -16.71
C LEU B 46 33.41 -45.71 -17.03
N ALA B 47 32.77 -46.88 -17.04
CA ALA B 47 31.33 -46.93 -17.27
C ALA B 47 30.59 -46.17 -16.19
N LEU B 48 31.06 -46.34 -14.95
CA LEU B 48 30.43 -45.70 -13.81
C LEU B 48 30.47 -44.18 -13.95
N ASP B 49 31.62 -43.67 -14.39
CA ASP B 49 31.78 -42.23 -14.53
C ASP B 49 30.81 -41.65 -15.57
N LYS B 50 30.61 -42.36 -16.67
CA LYS B 50 29.72 -41.85 -17.71
C LYS B 50 28.27 -41.90 -17.25
N ALA B 51 27.94 -42.87 -16.41
CA ALA B 51 26.60 -42.97 -15.86
C ALA B 51 26.35 -41.84 -14.87
N ILE B 52 27.39 -41.46 -14.14
CA ILE B 52 27.28 -40.37 -13.18
C ILE B 52 27.08 -39.04 -13.92
N GLU B 53 27.86 -38.82 -14.98
CA GLU B 53 27.71 -37.62 -15.80
C GLU B 53 26.30 -37.49 -16.38
N SER B 54 25.66 -38.63 -16.65
CA SER B 54 24.34 -38.62 -17.25
C SER B 54 23.27 -38.10 -16.28
N GLY B 55 23.48 -38.33 -14.99
CA GLY B 55 22.51 -37.90 -14.00
C GLY B 55 21.40 -38.93 -13.89
N ASP B 56 21.32 -39.81 -14.87
CA ASP B 56 20.30 -40.85 -14.88
C ASP B 56 20.59 -41.84 -13.76
N THR B 57 19.86 -41.69 -12.65
CA THR B 57 20.10 -42.48 -11.44
C THR B 57 19.90 -43.97 -11.69
N ASP B 58 19.19 -44.30 -12.76
CA ASP B 58 18.90 -45.68 -13.12
C ASP B 58 20.12 -46.36 -13.70
N LEU B 59 20.78 -45.66 -14.59
CA LEU B 59 22.03 -46.15 -15.17
C LEU B 59 23.08 -46.29 -14.08
N ILE B 60 23.08 -45.38 -13.10
CA ILE B 60 24.05 -45.48 -12.02
C ILE B 60 23.79 -46.72 -11.18
N TYR B 61 22.53 -47.01 -10.86
CA TYR B 61 22.26 -48.23 -10.11
C TYR B 61 22.69 -49.44 -10.92
N PHE B 62 22.39 -49.40 -12.22
CA PHE B 62 22.65 -50.53 -13.10
C PHE B 62 24.14 -50.89 -13.14
N VAL B 63 24.98 -49.87 -13.22
CA VAL B 63 26.42 -50.05 -13.22
C VAL B 63 26.91 -50.48 -11.84
N ILE B 64 26.34 -49.87 -10.81
CA ILE B 64 26.68 -50.25 -9.44
C ILE B 64 26.35 -51.71 -9.20
N HIS B 65 25.20 -52.15 -9.72
CA HIS B 65 24.76 -53.54 -9.57
C HIS B 65 25.69 -54.50 -10.30
N GLN B 66 26.16 -54.07 -11.47
CA GLN B 66 27.09 -54.86 -12.28
C GLN B 66 28.44 -55.04 -11.58
N LEU B 67 28.97 -53.93 -11.08
CA LEU B 67 30.24 -53.90 -10.37
C LEU B 67 30.22 -54.78 -9.14
N ARG B 68 29.11 -54.77 -8.41
CA ARG B 68 29.03 -55.53 -7.17
C ARG B 68 29.08 -57.03 -7.41
N ARG B 69 28.45 -57.48 -8.48
CA ARG B 69 28.36 -58.91 -8.79
C ARG B 69 29.69 -59.39 -9.34
N LYS B 70 30.47 -58.46 -9.90
CA LYS B 70 31.66 -58.81 -10.66
C LYS B 70 32.94 -58.79 -9.82
N LEU B 71 33.02 -57.89 -8.85
CA LEU B 71 34.26 -57.59 -8.14
C LEU B 71 34.38 -58.19 -6.73
N PRO B 72 35.63 -58.38 -6.26
CA PRO B 72 35.81 -58.59 -4.82
C PRO B 72 35.21 -57.38 -4.07
N LEU B 73 34.50 -57.62 -2.98
CA LEU B 73 33.77 -56.56 -2.30
C LEU B 73 34.68 -55.40 -1.94
N ALA B 74 35.85 -55.69 -1.37
CA ALA B 74 36.82 -54.65 -1.03
C ALA B 74 37.18 -53.82 -2.27
N SER B 75 37.32 -54.48 -3.42
CA SER B 75 37.65 -53.78 -4.66
C SER B 75 36.47 -52.90 -5.12
N PHE B 76 35.26 -53.40 -4.92
CA PHE B 76 34.02 -52.69 -5.17
C PHE B 76 33.95 -51.41 -4.37
N PHE B 77 34.34 -51.49 -3.10
CA PHE B 77 34.35 -50.34 -2.21
C PHE B 77 35.33 -49.29 -2.65
N ARG B 78 36.47 -49.73 -3.17
CA ARG B 78 37.51 -48.80 -3.59
C ARG B 78 37.03 -48.04 -4.82
N VAL B 79 36.43 -48.77 -5.75
CA VAL B 79 35.87 -48.17 -6.96
C VAL B 79 34.82 -47.13 -6.59
N VAL B 80 33.94 -47.53 -5.69
CA VAL B 80 32.73 -46.79 -5.36
C VAL B 80 32.99 -45.62 -4.39
N SER B 81 34.13 -45.65 -3.71
CA SER B 81 34.47 -44.57 -2.78
C SER B 81 35.20 -43.42 -3.45
N SER B 82 35.79 -43.68 -4.62
CA SER B 82 36.39 -42.61 -5.44
C SER B 82 35.34 -41.66 -6.01
N ARG B 83 34.12 -42.16 -6.17
CA ARG B 83 33.08 -41.37 -6.80
C ARG B 83 31.92 -41.10 -5.83
N PRO B 84 31.90 -39.89 -5.27
CA PRO B 84 30.91 -39.37 -4.33
C PRO B 84 29.47 -39.80 -4.60
N THR B 85 28.97 -39.57 -5.81
CA THR B 85 27.60 -39.93 -6.12
C THR B 85 27.39 -41.43 -5.98
N ALA B 86 28.40 -42.20 -6.40
CA ALA B 86 28.34 -43.66 -6.35
C ALA B 86 28.25 -44.18 -4.94
N SER B 87 29.18 -43.76 -4.09
CA SER B 87 29.16 -44.17 -2.69
C SER B 87 27.82 -43.80 -2.05
N ALA B 88 27.37 -42.58 -2.35
CA ALA B 88 26.12 -42.06 -1.80
C ALA B 88 24.94 -42.97 -2.13
N MET B 89 24.86 -43.43 -3.38
CA MET B 89 23.77 -44.32 -3.78
C MET B 89 23.95 -45.72 -3.21
N VAL B 90 25.18 -46.20 -3.16
CA VAL B 90 25.48 -47.48 -2.53
C VAL B 90 24.98 -47.46 -1.10
N GLU B 91 25.20 -46.33 -0.47
CA GLU B 91 24.93 -46.13 0.93
C GLU B 91 23.42 -46.10 1.19
N ALA B 92 22.70 -45.50 0.24
CA ALA B 92 21.24 -45.41 0.30
C ALA B 92 20.62 -46.80 0.27
N LEU B 93 20.95 -47.57 -0.77
CA LEU B 93 20.41 -48.91 -0.96
C LEU B 93 20.65 -49.79 0.26
N ALA B 94 21.71 -49.48 1.00
CA ALA B 94 22.04 -50.28 2.15
C ALA B 94 21.10 -49.99 3.32
N ARG B 95 20.42 -48.86 3.29
CA ARG B 95 19.54 -48.51 4.41
C ARG B 95 18.05 -48.54 4.03
N ASN B 96 17.75 -49.27 2.96
CA ASN B 96 16.40 -49.31 2.41
C ASN B 96 16.26 -50.49 1.44
N SER B 97 16.34 -51.71 1.95
CA SER B 97 16.34 -52.86 1.06
C SER B 97 15.24 -53.88 1.35
N ASP B 98 14.05 -53.37 1.69
CA ASP B 98 12.79 -54.12 1.66
C ASP B 98 11.62 -53.14 1.62
N GLY B 99 11.93 -51.86 1.81
CA GLY B 99 10.92 -50.83 1.87
C GLY B 99 10.91 -50.24 3.26
N ASP B 100 11.79 -49.27 3.46
CA ASP B 100 12.00 -48.61 4.76
C ASP B 100 12.61 -49.59 5.74
N GLY B 101 12.56 -49.19 7.00
CA GLY B 101 13.08 -49.98 8.10
C GLY B 101 14.44 -50.61 7.87
N ASN B 102 14.41 -51.86 7.41
CA ASN B 102 15.60 -52.69 7.42
C ASN B 102 16.81 -52.23 6.60
N GLU B 103 17.97 -52.59 7.14
CA GLU B 103 19.28 -52.08 6.76
C GLU B 103 20.16 -53.20 6.23
N ASP B 104 21.24 -52.80 5.57
CA ASP B 104 22.32 -53.71 5.27
C ASP B 104 23.46 -53.16 6.09
N THR B 105 23.27 -53.21 7.39
CA THR B 105 24.18 -52.65 8.39
C THR B 105 25.58 -53.21 8.22
N ALA B 106 25.66 -54.47 7.80
CA ALA B 106 26.93 -55.14 7.55
C ALA B 106 27.70 -54.42 6.45
N LEU B 107 27.00 -54.10 5.36
CA LEU B 107 27.61 -53.39 4.25
C LEU B 107 28.16 -52.04 4.72
N LEU B 108 27.35 -51.32 5.48
CA LEU B 108 27.72 -49.98 5.96
C LEU B 108 28.98 -49.99 6.81
N LYS B 109 29.06 -50.92 7.74
CA LYS B 109 30.20 -51.03 8.62
C LYS B 109 31.52 -51.23 7.86
N ASP B 110 31.49 -52.15 6.90
CA ASP B 110 32.69 -52.52 6.14
C ASP B 110 33.13 -51.40 5.22
N LEU B 111 32.15 -50.80 4.56
CA LEU B 111 32.38 -49.64 3.69
C LEU B 111 33.01 -48.51 4.50
N TYR B 112 32.48 -48.25 5.69
CA TYR B 112 33.03 -47.15 6.48
C TYR B 112 34.35 -47.55 7.09
N TYR B 113 34.58 -48.85 7.24
CA TYR B 113 35.79 -49.29 7.88
C TYR B 113 36.96 -49.22 6.90
N GLN B 114 36.69 -49.56 5.65
CA GLN B 114 37.72 -49.55 4.62
C GLN B 114 37.98 -48.13 4.09
N ASP B 115 37.27 -47.15 4.62
CA ASP B 115 37.45 -45.79 4.14
C ASP B 115 37.85 -44.89 5.29
N ASP B 116 38.03 -45.52 6.45
CA ASP B 116 38.33 -44.83 7.68
C ASP B 116 37.35 -43.67 7.94
N ARG B 117 36.09 -43.88 7.59
CA ARG B 117 35.01 -42.95 7.94
C ARG B 117 34.47 -43.37 9.28
N ARG B 118 35.06 -42.82 10.33
CA ARG B 118 34.80 -43.32 11.68
C ARG B 118 33.55 -42.71 12.29
N LEU B 119 33.27 -41.44 11.99
CA LEU B 119 32.02 -40.85 12.47
C LEU B 119 30.83 -41.56 11.86
N ASP B 120 30.87 -41.79 10.55
CA ASP B 120 29.79 -42.49 9.87
C ASP B 120 29.63 -43.91 10.36
N GLY B 121 30.76 -44.53 10.72
CA GLY B 121 30.72 -45.88 11.27
C GLY B 121 30.15 -45.89 12.67
N ALA B 122 30.49 -44.87 13.45
CA ALA B 122 30.00 -44.77 14.81
C ALA B 122 28.50 -44.54 14.82
N SER B 123 28.01 -43.75 13.87
CA SER B 123 26.59 -43.45 13.79
C SER B 123 25.80 -44.72 13.50
N VAL B 124 26.43 -45.69 12.85
CA VAL B 124 25.75 -46.95 12.56
C VAL B 124 25.53 -47.71 13.86
N PHE B 125 26.54 -47.71 14.74
CA PHE B 125 26.41 -48.37 16.03
C PHE B 125 25.48 -47.63 16.98
N ILE B 126 25.53 -46.29 16.98
CA ILE B 126 24.59 -45.50 17.78
C ILE B 126 23.18 -45.88 17.40
N ARG B 127 22.94 -45.91 16.10
CA ARG B 127 21.65 -46.32 15.55
C ARG B 127 21.24 -47.71 16.06
N GLU B 128 22.21 -48.60 16.17
CA GLU B 128 21.94 -49.94 16.68
C GLU B 128 21.54 -49.89 18.16
N ALA B 129 22.07 -48.91 18.89
CA ALA B 129 21.77 -48.78 20.31
C ALA B 129 20.32 -48.35 20.55
N LEU B 130 19.74 -47.66 19.58
CA LEU B 130 18.40 -47.16 19.73
C LEU B 130 17.36 -48.23 19.42
N GLN B 131 17.82 -49.38 18.97
CA GLN B 131 16.92 -50.48 18.65
C GLN B 131 17.04 -51.63 19.65
N GLN B 132 17.98 -51.50 20.59
CA GLN B 132 18.21 -52.51 21.62
C GLN B 132 17.19 -52.40 22.75
N PRO B 133 16.50 -53.52 23.05
CA PRO B 133 15.42 -53.56 24.05
C PRO B 133 15.85 -53.53 25.52
N GLU B 134 17.14 -53.72 25.79
CA GLU B 134 17.63 -53.62 27.16
C GLU B 134 18.81 -52.64 27.21
N THR B 135 18.94 -51.91 28.32
CA THR B 135 19.96 -50.86 28.44
C THR B 135 21.38 -51.38 28.39
N ARG B 136 21.59 -52.61 28.84
CA ARG B 136 22.93 -53.17 28.87
C ARG B 136 23.44 -53.40 27.45
N THR B 137 22.58 -53.95 26.60
CA THR B 137 22.91 -54.13 25.19
C THR B 137 23.07 -52.80 24.46
N ALA B 138 22.19 -51.85 24.77
CA ALA B 138 22.23 -50.52 24.19
C ALA B 138 23.55 -49.82 24.50
N SER B 139 24.03 -50.00 25.73
CA SER B 139 25.29 -49.42 26.13
C SER B 139 26.46 -50.10 25.44
N ASP B 140 26.29 -51.39 25.11
CA ASP B 140 27.33 -52.14 24.40
C ASP B 140 27.52 -51.57 23.00
N LYS B 141 26.41 -51.26 22.35
CA LYS B 141 26.46 -50.64 21.04
C LYS B 141 27.10 -49.26 21.13
N LEU B 142 26.76 -48.53 22.19
CA LEU B 142 27.39 -47.24 22.41
C LEU B 142 28.89 -47.41 22.65
N ASP B 143 29.24 -48.50 23.31
CA ASP B 143 30.63 -48.83 23.54
C ASP B 143 31.35 -49.11 22.22
N LEU B 144 30.72 -49.92 21.37
CA LEU B 144 31.28 -50.21 20.06
C LEU B 144 31.46 -48.89 19.33
N ALA B 145 30.39 -48.10 19.36
CA ALA B 145 30.37 -46.74 18.80
C ALA B 145 31.57 -45.89 19.25
N ALA B 146 31.80 -45.85 20.56
CA ALA B 146 32.88 -45.05 21.13
C ALA B 146 34.25 -45.61 20.73
N ASN B 147 34.36 -46.94 20.75
CA ASN B 147 35.62 -47.60 20.47
C ASN B 147 36.22 -47.21 19.13
N LEU B 148 35.38 -46.97 18.14
CA LEU B 148 35.85 -46.49 16.82
C LEU B 148 36.43 -45.08 16.89
N LEU B 149 35.89 -44.26 17.78
CA LEU B 149 36.25 -42.86 17.82
C LEU B 149 37.60 -42.60 18.50
N GLN B 150 38.01 -43.52 19.38
CA GLN B 150 39.34 -43.38 20.00
C GLN B 150 40.44 -43.84 19.06
N GLY B 151 40.11 -43.96 17.77
CA GLY B 151 41.11 -44.33 16.80
C GLY B 151 41.48 -43.10 15.99
N ASN B 152 41.55 -41.97 16.68
CA ASN B 152 41.75 -40.64 16.07
C ASN B 152 41.49 -39.55 17.12
N GLN B 153 41.03 -40.00 18.28
CA GLN B 153 40.70 -39.18 19.46
C GLN B 153 40.33 -37.71 19.27
N LYS B 154 41.32 -36.87 18.99
CA LYS B 154 41.07 -35.45 18.74
C LYS B 154 40.06 -35.26 17.60
N GLU B 155 39.37 -34.12 17.64
CA GLU B 155 38.21 -33.83 16.77
C GLU B 155 36.96 -34.58 17.24
N HIS B 156 37.15 -35.75 17.83
CA HIS B 156 36.02 -36.55 18.29
C HIS B 156 35.74 -36.39 19.77
N VAL B 157 36.32 -35.36 20.37
CA VAL B 157 36.18 -35.16 21.81
C VAL B 157 34.71 -35.03 22.23
N PHE B 158 33.96 -34.22 21.52
CA PHE B 158 32.57 -33.99 21.89
C PHE B 158 31.72 -35.26 21.86
N GLU B 159 31.78 -36.00 20.76
CA GLU B 159 30.97 -37.20 20.60
C GLU B 159 31.36 -38.26 21.63
N LEU B 160 32.66 -38.36 21.94
CA LEU B 160 33.12 -39.27 22.98
C LEU B 160 32.48 -38.90 24.31
N GLY B 161 32.52 -37.62 24.65
CA GLY B 161 31.87 -37.13 25.85
C GLY B 161 30.38 -37.38 25.84
N ALA B 162 29.76 -37.14 24.68
CA ALA B 162 28.31 -37.32 24.54
C ALA B 162 27.94 -38.79 24.72
N LEU B 163 28.71 -39.67 24.10
CA LEU B 163 28.48 -41.10 24.22
C LEU B 163 28.64 -41.56 25.66
N LYS B 164 29.68 -41.06 26.31
CA LYS B 164 29.99 -41.39 27.70
C LYS B 164 28.86 -40.99 28.63
N GLU B 165 28.26 -39.83 28.36
CA GLU B 165 27.12 -39.32 29.11
C GLU B 165 25.85 -40.19 29.03
N ALA B 166 25.49 -40.60 27.82
CA ALA B 166 24.28 -41.35 27.60
C ALA B 166 24.33 -42.67 28.35
N LYS B 167 25.51 -43.32 28.30
CA LYS B 167 25.75 -44.56 29.01
C LYS B 167 25.52 -44.37 30.52
N MET B 168 25.97 -43.23 31.04
CA MET B 168 25.73 -42.88 32.44
C MET B 168 24.25 -42.65 32.71
N LEU B 169 23.62 -41.84 31.86
CA LEU B 169 22.21 -41.51 32.03
C LEU B 169 21.33 -42.76 31.96
N LEU B 170 21.65 -43.66 31.03
CA LEU B 170 20.89 -44.90 30.91
C LEU B 170 21.01 -45.70 32.20
N ARG B 171 22.22 -45.78 32.74
CA ARG B 171 22.48 -46.51 33.97
C ARG B 171 21.70 -45.93 35.15
N MET B 172 21.85 -44.61 35.38
CA MET B 172 21.13 -43.93 36.45
C MET B 172 19.62 -44.12 36.34
N GLN B 173 19.12 -44.18 35.11
CA GLN B 173 17.71 -44.34 34.87
C GLN B 173 17.23 -45.75 35.19
N GLU B 174 18.11 -46.73 35.02
CA GLU B 174 17.77 -48.11 35.34
C GLU B 174 17.72 -48.27 36.86
N THR B 175 18.61 -47.56 37.55
CA THR B 175 18.55 -47.44 39.02
C THR B 175 17.19 -46.88 39.48
N PHE B 176 16.81 -45.72 38.95
CA PHE B 176 15.55 -45.06 39.32
C PHE B 176 14.33 -45.94 39.14
N GLU B 177 14.31 -46.69 38.05
CA GLU B 177 13.16 -47.55 37.73
C GLU B 177 12.94 -48.65 38.78
N ARG B 178 14.02 -49.18 39.32
CA ARG B 178 13.95 -50.28 40.27
C ARG B 178 13.63 -49.76 41.68
N ASP B 179 14.32 -48.70 42.07
CA ASP B 179 14.08 -48.03 43.34
C ASP B 179 12.68 -47.44 43.40
N LEU B 180 12.39 -46.51 42.50
CA LEU B 180 11.20 -45.65 42.63
C LEU B 180 9.94 -46.20 41.96
N THR B 181 10.09 -47.30 41.20
CA THR B 181 8.98 -47.95 40.52
C THR B 181 8.20 -47.02 39.58
N ASP B 182 8.91 -46.42 38.61
CA ASP B 182 8.26 -45.64 37.55
C ASP B 182 9.18 -45.56 36.31
N SER B 183 8.64 -45.09 35.18
CA SER B 183 9.40 -45.00 33.94
C SER B 183 10.44 -43.88 34.02
N PHE B 184 11.65 -44.17 33.55
CA PHE B 184 12.69 -43.15 33.49
C PHE B 184 13.65 -43.37 32.32
N VAL B 185 13.93 -44.64 32.02
CA VAL B 185 14.89 -45.00 30.98
C VAL B 185 14.49 -44.47 29.61
N GLY B 186 15.38 -43.72 28.98
CA GLY B 186 15.14 -43.20 27.65
C GLY B 186 14.88 -41.70 27.57
N LEU B 187 14.41 -41.12 28.67
CA LEU B 187 14.15 -39.69 28.75
C LEU B 187 15.44 -38.90 28.66
N SER B 188 15.33 -37.62 28.29
CA SER B 188 16.51 -36.77 28.22
C SER B 188 16.94 -36.36 29.62
N VAL B 189 18.12 -35.77 29.74
CA VAL B 189 18.59 -35.30 31.04
C VAL B 189 17.54 -34.40 31.68
N ASN B 190 17.15 -33.35 30.95
CA ASN B 190 16.14 -32.42 31.41
C ASN B 190 14.83 -33.13 31.78
N GLN B 191 14.30 -33.97 30.88
CA GLN B 191 13.06 -34.69 31.16
C GLN B 191 13.16 -35.52 32.43
N THR B 192 14.33 -36.06 32.72
CA THR B 192 14.53 -36.88 33.90
C THR B 192 14.41 -36.04 35.16
N MET B 193 15.12 -34.90 35.18
CA MET B 193 15.00 -33.94 36.27
C MET B 193 13.54 -33.58 36.54
N PHE B 194 12.81 -33.29 35.46
CA PHE B 194 11.39 -32.96 35.54
C PHE B 194 10.60 -34.05 36.26
N LYS B 195 10.72 -35.29 35.80
CA LYS B 195 9.94 -36.38 36.38
C LYS B 195 10.34 -36.66 37.82
N LEU B 196 11.62 -36.54 38.14
CA LEU B 196 12.08 -36.74 39.51
C LEU B 196 11.49 -35.68 40.44
N ILE B 197 11.45 -34.43 39.97
CA ILE B 197 10.92 -33.34 40.78
C ILE B 197 9.39 -33.39 40.94
N LYS B 198 8.68 -33.66 39.86
CA LYS B 198 7.23 -33.79 39.90
C LYS B 198 6.78 -34.90 40.86
N LEU B 199 7.68 -35.86 41.10
CA LEU B 199 7.35 -36.99 41.97
C LEU B 199 7.93 -36.81 43.38
N GLY B 200 8.48 -35.63 43.63
CA GLY B 200 8.94 -35.26 44.96
C GLY B 200 10.33 -35.75 45.30
N TYR B 201 11.01 -36.39 44.35
CA TYR B 201 12.37 -36.86 44.57
C TYR B 201 13.40 -35.81 44.21
N HIS B 202 13.44 -34.73 44.99
CA HIS B 202 14.36 -33.64 44.69
C HIS B 202 15.81 -34.01 44.93
N GLY B 203 16.05 -34.97 45.81
CA GLY B 203 17.40 -35.37 46.12
C GLY B 203 18.05 -36.03 44.92
N ARG B 204 17.28 -36.88 44.23
CA ARG B 204 17.76 -37.56 43.04
C ARG B 204 17.86 -36.58 41.88
N ALA B 205 16.85 -35.72 41.76
CA ALA B 205 16.79 -34.74 40.69
C ALA B 205 17.95 -33.76 40.75
N LYS B 206 18.50 -33.57 41.94
CA LYS B 206 19.67 -32.71 42.12
C LYS B 206 20.93 -33.49 41.76
N LYS B 207 20.84 -34.81 41.85
CA LYS B 207 21.96 -35.68 41.51
C LYS B 207 22.17 -35.67 40.00
N ILE B 208 21.07 -35.80 39.26
CA ILE B 208 21.11 -35.67 37.80
C ILE B 208 21.73 -34.33 37.43
N GLN B 209 21.23 -33.26 38.02
CA GLN B 209 21.70 -31.91 37.71
C GLN B 209 23.21 -31.75 37.91
N SER B 210 23.71 -32.15 39.08
CA SER B 210 25.13 -32.01 39.41
C SER B 210 26.01 -32.89 38.50
N GLU B 211 25.50 -34.08 38.23
CA GLU B 211 26.22 -35.08 37.45
C GLU B 211 26.48 -34.62 36.03
N PHE B 212 25.43 -34.15 35.36
CA PHE B 212 25.55 -33.74 33.97
C PHE B 212 25.75 -32.23 33.81
N LYS B 213 26.15 -31.57 34.89
CA LYS B 213 26.49 -30.14 34.88
C LYS B 213 25.43 -29.27 34.20
N VAL B 214 24.16 -29.58 34.45
CA VAL B 214 23.04 -28.80 33.93
C VAL B 214 23.13 -27.32 34.35
N PRO B 215 23.07 -26.39 33.37
CA PRO B 215 23.17 -24.94 33.61
C PRO B 215 22.16 -24.43 34.65
N GLU B 216 22.55 -23.40 35.40
CA GLU B 216 21.69 -22.83 36.42
C GLU B 216 20.33 -22.42 35.85
N ARG B 217 20.34 -21.51 34.89
CA ARG B 217 19.12 -20.97 34.29
C ARG B 217 18.24 -22.08 33.73
N VAL B 218 18.88 -23.13 33.20
CA VAL B 218 18.14 -24.27 32.69
C VAL B 218 17.46 -25.00 33.84
N ALA B 219 18.24 -25.28 34.88
CA ALA B 219 17.76 -26.06 36.01
C ALA B 219 16.68 -25.34 36.81
N TRP B 220 16.79 -24.02 36.92
CA TRP B 220 15.74 -23.28 37.60
C TRP B 220 14.44 -23.33 36.82
N TRP B 221 14.53 -23.19 35.50
CA TRP B 221 13.35 -23.27 34.64
C TRP B 221 12.68 -24.63 34.78
N ILE B 222 13.47 -25.68 34.88
CA ILE B 222 12.93 -27.02 35.04
C ILE B 222 12.26 -27.16 36.39
N ARG B 223 12.96 -26.69 37.42
CA ARG B 223 12.49 -26.80 38.79
C ARG B 223 11.12 -26.16 38.94
N LEU B 224 10.98 -24.94 38.42
CA LEU B 224 9.70 -24.24 38.44
C LEU B 224 8.57 -24.97 37.70
N GLN B 225 8.83 -25.38 36.46
CA GLN B 225 7.77 -26.00 35.65
C GLN B 225 7.26 -27.30 36.27
N ALA B 226 8.15 -28.02 36.93
CA ALA B 226 7.77 -29.30 37.50
C ALA B 226 6.90 -29.08 38.73
N LEU B 227 7.33 -28.16 39.61
CA LEU B 227 6.58 -27.89 40.82
C LEU B 227 5.17 -27.39 40.50
N VAL B 228 5.05 -26.64 39.40
CA VAL B 228 3.74 -26.16 38.94
C VAL B 228 2.88 -27.32 38.40
N ALA B 229 3.51 -28.25 37.71
CA ALA B 229 2.82 -29.44 37.25
C ALA B 229 2.40 -30.27 38.45
N LYS B 230 3.18 -30.15 39.52
CA LYS B 230 3.03 -30.99 40.71
C LYS B 230 2.04 -30.37 41.68
N ARG B 231 1.73 -29.09 41.47
CA ARG B 231 0.89 -28.32 42.36
C ARG B 231 1.51 -28.15 43.76
N ASP B 232 2.81 -28.44 43.87
CA ASP B 232 3.51 -28.29 45.15
C ASP B 232 3.73 -26.81 45.45
N TRP B 233 2.64 -26.14 45.80
CA TRP B 233 2.65 -24.71 46.09
C TRP B 233 3.52 -24.40 47.32
N ASN B 234 3.77 -25.43 48.12
CA ASN B 234 4.49 -25.30 49.39
C ASN B 234 5.98 -25.03 49.22
N GLU B 235 6.62 -25.72 48.28
CA GLU B 235 8.06 -25.52 48.09
C GLU B 235 8.36 -24.43 47.07
N ILE B 236 7.40 -24.16 46.19
CA ILE B 236 7.47 -22.97 45.35
C ILE B 236 7.55 -21.77 46.28
N GLU B 237 6.78 -21.85 47.37
CA GLU B 237 6.77 -20.83 48.39
C GLU B 237 8.11 -20.76 49.09
N GLU B 238 8.66 -21.92 49.42
CA GLU B 238 9.93 -22.00 50.12
C GLU B 238 11.09 -21.49 49.25
N ILE B 239 10.90 -21.56 47.92
CA ILE B 239 11.88 -21.00 46.98
C ILE B 239 11.88 -19.48 47.04
N SER B 240 10.68 -18.91 47.14
CA SER B 240 10.50 -17.47 47.14
C SER B 240 11.20 -16.80 48.31
N ARG B 241 11.60 -17.61 49.29
CA ARG B 241 12.19 -17.08 50.51
C ARG B 241 13.68 -16.83 50.40
N GLN B 242 14.22 -16.82 49.18
CA GLN B 242 15.59 -16.38 49.02
C GLN B 242 15.69 -15.14 48.12
N ARG B 243 16.87 -14.56 48.09
CA ARG B 243 17.04 -13.20 47.59
C ARG B 243 16.80 -13.07 46.10
N LYS B 244 17.75 -13.60 45.33
CA LYS B 244 17.75 -13.41 43.88
C LYS B 244 17.48 -14.71 43.12
N SER B 245 17.05 -14.59 41.87
CA SER B 245 16.90 -15.75 40.97
C SER B 245 17.70 -15.53 39.68
N PRO B 246 18.39 -16.58 39.20
CA PRO B 246 19.17 -16.42 37.97
C PRO B 246 18.32 -16.22 36.72
N ILE B 247 17.02 -16.48 36.83
CA ILE B 247 16.09 -16.26 35.74
C ILE B 247 15.07 -15.19 36.09
N GLY B 248 15.22 -14.60 37.28
CA GLY B 248 14.29 -13.61 37.78
C GLY B 248 13.09 -14.23 38.45
N TRP B 249 12.17 -13.40 38.95
CA TRP B 249 11.01 -13.92 39.64
C TRP B 249 9.77 -13.75 38.79
N GLU B 250 9.95 -12.95 37.75
CA GLU B 250 8.98 -12.79 36.67
C GLU B 250 8.46 -14.16 36.15
N PRO B 251 9.36 -15.14 35.90
CA PRO B 251 8.84 -16.47 35.53
C PRO B 251 7.96 -17.09 36.60
N PHE B 252 8.35 -16.95 37.87
CA PHE B 252 7.60 -17.53 38.99
C PHE B 252 6.19 -16.94 39.09
N PHE B 253 6.07 -15.64 38.84
CA PHE B 253 4.76 -15.01 38.82
C PHE B 253 3.84 -15.64 37.77
N ASN B 254 4.20 -15.47 36.49
CA ASN B 254 3.35 -15.90 35.38
C ASN B 254 3.02 -17.38 35.42
N GLN B 255 4.03 -18.18 35.76
CA GLN B 255 3.90 -19.62 35.74
C GLN B 255 2.93 -20.09 36.83
N VAL B 256 3.06 -19.48 38.01
CA VAL B 256 2.20 -19.85 39.13
C VAL B 256 0.79 -19.30 38.93
N LEU B 257 0.69 -18.05 38.47
CA LEU B 257 -0.60 -17.45 38.18
C LEU B 257 -1.37 -18.38 37.27
N GLN B 258 -0.81 -18.64 36.08
CA GLN B 258 -1.49 -19.48 35.10
C GLN B 258 -1.81 -20.84 35.70
N ALA B 259 -3.06 -21.24 35.54
CA ALA B 259 -3.58 -22.45 36.17
C ALA B 259 -3.04 -22.62 37.58
N GLY B 260 -3.32 -21.67 38.47
CA GLY B 260 -2.84 -21.77 39.84
C GLY B 260 -3.39 -20.75 40.81
N ASN B 261 -2.56 -20.36 41.78
CA ASN B 261 -3.00 -19.47 42.82
C ASN B 261 -2.63 -18.05 42.52
N PRO B 262 -3.65 -17.21 42.27
CA PRO B 262 -3.40 -15.78 42.20
C PRO B 262 -2.82 -15.34 43.54
N ARG B 263 -3.25 -16.01 44.62
CA ARG B 263 -2.76 -15.73 45.97
C ARG B 263 -1.25 -15.98 46.05
N LEU B 264 -0.82 -17.17 45.67
CA LEU B 264 0.61 -17.48 45.66
C LEU B 264 1.33 -16.64 44.62
N ALA B 265 0.71 -16.49 43.45
CA ALA B 265 1.29 -15.71 42.36
C ALA B 265 1.73 -14.33 42.81
N ALA B 266 0.80 -13.61 43.44
CA ALA B 266 1.00 -12.22 43.86
C ALA B 266 2.22 -12.03 44.75
N THR B 267 2.65 -13.10 45.42
CA THR B 267 3.73 -12.99 46.39
C THR B 267 5.09 -12.71 45.77
N PHE B 268 5.16 -12.70 44.45
CA PHE B 268 6.45 -12.56 43.75
C PHE B 268 6.75 -11.12 43.33
N ILE B 269 5.72 -10.30 43.28
CA ILE B 269 5.90 -8.87 43.41
C ILE B 269 6.03 -8.57 44.91
N PRO B 270 7.03 -7.75 45.32
CA PRO B 270 7.97 -6.96 44.54
C PRO B 270 9.35 -7.58 44.50
N LYS B 271 9.43 -8.89 44.35
CA LYS B 271 10.72 -9.53 44.23
C LYS B 271 11.28 -9.30 42.83
N CYS B 272 10.43 -8.78 41.95
CA CYS B 272 10.73 -8.65 40.53
C CYS B 272 11.60 -7.44 40.19
N THR B 273 12.90 -7.68 39.97
CA THR B 273 13.85 -6.64 39.64
C THR B 273 13.63 -6.06 38.25
N ASN B 274 13.55 -6.97 37.27
CA ASN B 274 13.46 -6.59 35.86
C ASN B 274 12.01 -6.36 35.44
N LEU B 275 11.49 -5.17 35.72
CA LEU B 275 10.09 -4.85 35.42
C LEU B 275 9.95 -3.44 34.84
N GLU B 276 8.80 -3.17 34.20
CA GLU B 276 8.52 -1.85 33.63
C GLU B 276 7.46 -1.07 34.41
N PRO B 277 7.59 0.26 34.46
CA PRO B 277 6.76 1.17 35.26
C PRO B 277 5.27 0.80 35.36
N GLY B 278 4.76 0.75 36.59
CA GLY B 278 3.34 0.54 36.84
C GLY B 278 2.81 -0.78 36.33
N GLN B 279 3.57 -1.85 36.54
CA GLN B 279 3.17 -3.17 36.06
C GLN B 279 2.93 -4.07 37.25
N THR B 280 3.60 -3.74 38.35
CA THR B 280 3.31 -4.30 39.66
C THR B 280 1.81 -4.10 39.94
N ILE B 281 1.30 -2.94 39.55
CA ILE B 281 -0.14 -2.67 39.68
C ILE B 281 -0.94 -3.70 38.90
N THR B 282 -0.72 -3.77 37.60
CA THR B 282 -1.51 -4.64 36.74
C THR B 282 -1.38 -6.11 37.18
N MET B 283 -0.23 -6.45 37.75
CA MET B 283 0.00 -7.81 38.26
C MET B 283 -0.93 -8.14 39.44
N TYR B 284 -1.07 -7.22 40.39
CA TYR B 284 -2.06 -7.40 41.47
C TYR B 284 -3.46 -7.49 40.90
N GLU B 285 -3.75 -6.67 39.90
CA GLU B 285 -5.02 -6.71 39.20
C GLU B 285 -5.25 -8.09 38.58
N LYS B 286 -4.26 -8.61 37.86
CA LYS B 286 -4.39 -9.89 37.19
C LYS B 286 -4.62 -11.03 38.18
N CYS B 287 -4.18 -10.84 39.42
CA CYS B 287 -4.40 -11.83 40.46
C CYS B 287 -5.78 -11.70 41.10
N GLY B 288 -6.57 -10.74 40.62
CA GLY B 288 -7.91 -10.54 41.13
C GLY B 288 -7.98 -9.71 42.40
N MET B 289 -6.84 -9.17 42.81
CA MET B 289 -6.75 -8.36 44.02
C MET B 289 -6.77 -6.87 43.71
N ARG B 290 -7.95 -6.34 43.38
CA ARG B 290 -8.09 -4.93 43.09
C ARG B 290 -7.66 -4.03 44.26
N VAL B 291 -7.92 -4.52 45.47
CA VAL B 291 -7.56 -3.83 46.70
C VAL B 291 -6.07 -3.55 46.78
N LYS B 292 -5.27 -4.61 46.70
CA LYS B 292 -3.83 -4.51 46.86
C LYS B 292 -3.22 -3.81 45.64
N ALA B 293 -3.90 -3.94 44.51
CA ALA B 293 -3.54 -3.17 43.30
C ALA B 293 -3.68 -1.69 43.56
N ALA B 294 -4.83 -1.30 44.11
CA ALA B 294 -5.09 0.07 44.50
C ALA B 294 -4.01 0.54 45.46
N GLU B 295 -3.73 -0.28 46.47
CA GLU B 295 -2.66 0.01 47.43
C GLU B 295 -1.33 0.24 46.73
N GLU B 296 -1.02 -0.65 45.78
CA GLU B 296 0.21 -0.54 45.01
C GLU B 296 0.18 0.70 44.11
N ALA B 297 -1.02 1.02 43.64
CA ALA B 297 -1.24 2.21 42.81
C ALA B 297 -0.93 3.49 43.57
N VAL B 298 -1.35 3.54 44.84
CA VAL B 298 -1.15 4.73 45.66
C VAL B 298 0.30 4.87 46.06
N ARG B 299 0.94 3.72 46.31
CA ARG B 299 2.33 3.69 46.71
C ARG B 299 3.26 4.25 45.62
N LEU B 300 2.83 4.14 44.37
CA LEU B 300 3.63 4.60 43.23
C LEU B 300 3.30 6.03 42.83
N LYS B 301 2.47 6.69 43.64
CA LYS B 301 2.03 8.05 43.38
C LYS B 301 1.30 8.18 42.04
N ASP B 302 0.61 7.10 41.63
CA ASP B 302 -0.20 7.15 40.41
C ASP B 302 -1.67 7.25 40.77
N THR B 303 -2.12 8.49 40.87
CA THR B 303 -3.50 8.80 41.18
C THR B 303 -4.48 8.38 40.09
N GLU B 304 -4.00 8.26 38.85
CA GLU B 304 -4.89 7.94 37.74
C GLU B 304 -5.33 6.49 37.80
N ALA B 305 -4.39 5.58 38.04
CA ALA B 305 -4.71 4.17 38.17
C ALA B 305 -5.62 3.92 39.36
N TRP B 306 -5.43 4.72 40.41
CA TRP B 306 -6.24 4.62 41.62
C TRP B 306 -7.69 4.96 41.31
N ASN B 307 -7.89 5.96 40.45
CA ASN B 307 -9.20 6.33 39.97
C ASN B 307 -9.85 5.19 39.20
N ARG B 308 -9.06 4.59 38.29
CA ARG B 308 -9.58 3.56 37.43
C ARG B 308 -9.96 2.35 38.27
N LEU B 309 -9.19 2.10 39.31
CA LEU B 309 -9.44 0.99 40.21
C LEU B 309 -10.64 1.22 41.12
N LEU B 310 -10.84 2.46 41.55
CA LEU B 310 -12.00 2.80 42.40
C LEU B 310 -13.31 2.83 41.61
N GLU B 311 -13.29 3.42 40.42
CA GLU B 311 -14.46 3.41 39.53
C GLU B 311 -14.85 1.99 39.13
N ALA B 312 -13.85 1.11 39.01
CA ALA B 312 -14.09 -0.30 38.71
C ALA B 312 -15.02 -0.91 39.76
N ALA B 313 -14.69 -0.69 41.03
CA ALA B 313 -15.56 -1.08 42.13
C ALA B 313 -16.76 -0.12 42.14
N GLY B 314 -16.53 1.07 42.68
CA GLY B 314 -17.50 2.16 42.58
C GLY B 314 -17.89 2.85 43.87
N ARG B 315 -16.90 3.36 44.60
CA ARG B 315 -17.10 4.31 45.70
C ARG B 315 -17.93 3.75 46.86
N ASN B 316 -18.68 2.69 46.61
CA ASN B 316 -19.59 2.10 47.58
C ASN B 316 -19.42 0.58 47.59
N THR B 317 -19.54 -0.03 46.42
CA THR B 317 -19.27 -1.45 46.23
C THR B 317 -17.86 -1.87 46.69
N ALA B 318 -17.76 -3.13 47.14
CA ALA B 318 -16.51 -3.75 47.58
C ALA B 318 -15.81 -2.82 48.56
N GLU B 319 -16.61 -2.26 49.46
CA GLU B 319 -16.19 -1.14 50.29
C GLU B 319 -15.86 -0.01 49.30
N GLY B 320 -14.74 -0.12 48.57
CA GLY B 320 -14.36 0.93 47.63
C GLY B 320 -13.87 2.10 48.44
N ARG B 321 -14.54 2.28 49.57
CA ARG B 321 -14.20 3.20 50.63
C ARG B 321 -12.81 2.80 51.08
N GLU B 322 -12.54 1.50 51.12
CA GLU B 322 -11.22 0.99 51.50
C GLU B 322 -10.18 1.40 50.48
N ILE B 323 -10.57 1.32 49.21
CA ILE B 323 -9.80 1.88 48.11
C ILE B 323 -9.67 3.38 48.32
N GLU B 324 -10.78 4.02 48.68
CA GLU B 324 -10.83 5.46 48.93
C GLU B 324 -10.07 5.87 50.20
N ARG B 325 -10.14 5.04 51.24
CA ARG B 325 -9.46 5.30 52.50
C ARG B 325 -7.95 5.28 52.32
N LEU B 326 -7.52 4.72 51.19
CA LEU B 326 -6.10 4.55 50.91
C LEU B 326 -5.49 5.78 50.25
N GLY B 327 -6.23 6.89 50.25
CA GLY B 327 -5.74 8.16 49.75
C GLY B 327 -6.19 9.34 50.58
N ALA C 7 11.01 46.84 17.12
CA ALA C 7 9.84 47.49 17.70
C ALA C 7 8.61 47.22 16.84
N GLY C 8 8.84 47.04 15.54
CA GLY C 8 7.78 46.86 14.57
C GLY C 8 7.01 45.55 14.69
N PHE C 9 6.05 45.36 13.80
CA PHE C 9 5.29 44.11 13.76
C PHE C 9 6.17 42.97 13.27
N ASP C 10 6.16 41.84 13.97
CA ASP C 10 6.95 40.71 13.55
C ASP C 10 6.06 39.47 13.42
N ALA C 11 6.01 38.89 12.22
CA ALA C 11 5.19 37.72 11.97
C ALA C 11 5.63 36.53 12.83
N GLU C 12 6.87 36.56 13.31
CA GLU C 12 7.34 35.52 14.19
C GLU C 12 6.63 35.58 15.53
N GLN C 13 6.27 36.78 15.96
CA GLN C 13 5.61 36.96 17.25
C GLN C 13 4.19 36.40 17.22
N VAL C 14 3.63 36.26 16.02
CA VAL C 14 2.31 35.67 15.87
C VAL C 14 2.42 34.15 16.00
N ARG C 15 3.52 33.61 15.47
CA ARG C 15 3.79 32.18 15.53
C ARG C 15 4.10 31.72 16.95
N ASP C 16 4.94 32.49 17.63
CA ASP C 16 5.37 32.14 18.99
C ASP C 16 4.21 32.18 19.97
N LYS C 17 3.31 33.15 19.79
CA LYS C 17 2.10 33.24 20.63
C LYS C 17 1.17 32.05 20.40
N ALA C 18 0.94 31.72 19.14
CA ALA C 18 0.14 30.57 18.76
C ALA C 18 0.71 29.32 19.40
N ARG C 19 2.02 29.16 19.26
CA ARG C 19 2.76 28.02 19.79
C ARG C 19 2.62 27.94 21.31
N LYS C 20 2.78 29.10 21.94
CA LYS C 20 2.57 29.25 23.37
C LYS C 20 1.17 28.80 23.80
N ASP C 21 0.15 29.38 23.19
CA ASP C 21 -1.23 29.14 23.63
C ASP C 21 -1.68 27.69 23.44
N LEU C 22 -1.16 27.03 22.41
CA LEU C 22 -1.51 25.64 22.19
C LEU C 22 -0.84 24.74 23.23
N LEU C 23 0.47 24.88 23.37
CA LEU C 23 1.25 24.06 24.28
C LEU C 23 0.78 24.26 25.73
N HIS C 24 0.44 25.51 26.07
CA HIS C 24 -0.08 25.83 27.39
C HIS C 24 -1.36 25.05 27.73
N LEU C 25 -2.16 24.78 26.72
CA LEU C 25 -3.38 24.01 26.93
C LEU C 25 -3.09 22.52 27.00
N LEU C 26 -2.07 22.06 26.30
CA LEU C 26 -1.71 20.65 26.34
C LEU C 26 -1.09 20.24 27.67
N GLU C 27 -0.23 21.08 28.23
CA GLU C 27 0.30 20.84 29.57
C GLU C 27 -0.81 20.80 30.61
N GLY C 28 -1.80 21.67 30.44
CA GLY C 28 -2.96 21.71 31.32
C GLY C 28 -3.63 20.36 31.40
N VAL C 29 -3.63 19.63 30.29
CA VAL C 29 -4.08 18.25 30.28
C VAL C 29 -2.96 17.40 30.85
N ARG C 30 -3.00 17.19 32.16
CA ARG C 30 -1.90 16.50 32.84
C ARG C 30 -1.90 15.00 32.52
N GLY C 31 -0.74 14.51 32.11
CA GLY C 31 -0.58 13.13 31.67
C GLY C 31 -0.43 13.10 30.17
N LYS C 32 -0.67 11.96 29.56
CA LYS C 32 -0.54 11.84 28.11
C LYS C 32 -1.91 11.82 27.45
N LYS C 33 -1.95 12.23 26.19
CA LYS C 33 -3.20 12.42 25.48
C LYS C 33 -3.20 11.72 24.14
N ASN C 34 -4.40 11.47 23.65
CA ASN C 34 -4.61 11.20 22.24
C ASN C 34 -5.22 12.47 21.65
N LEU C 35 -4.94 12.74 20.38
CA LEU C 35 -5.31 14.01 19.78
C LEU C 35 -6.36 13.85 18.69
N VAL C 36 -7.47 14.56 18.83
CA VAL C 36 -8.51 14.57 17.81
C VAL C 36 -8.58 15.95 17.15
N ILE C 37 -8.04 16.05 15.94
CA ILE C 37 -7.97 17.34 15.22
C ILE C 37 -8.86 17.39 13.98
N GLU C 38 -9.63 18.47 13.84
CA GLU C 38 -10.33 18.78 12.58
C GLU C 38 -9.35 18.79 11.40
N LYS C 39 -9.65 18.03 10.36
CA LYS C 39 -8.70 17.81 9.27
C LYS C 39 -8.33 19.10 8.56
N ASP C 40 -9.30 20.00 8.39
CA ASP C 40 -9.04 21.29 7.77
C ASP C 40 -8.10 22.14 8.61
N LEU C 41 -7.92 21.74 9.87
CA LEU C 41 -7.10 22.50 10.81
C LEU C 41 -5.72 21.91 11.08
N ALA C 42 -5.50 20.65 10.71
CA ALA C 42 -4.22 20.00 11.00
C ALA C 42 -3.07 20.68 10.30
N GLY C 43 -3.27 21.00 9.02
CA GLY C 43 -2.29 21.69 8.21
C GLY C 43 -1.88 23.03 8.78
N PRO C 44 -2.85 23.95 8.95
CA PRO C 44 -2.53 25.26 9.53
C PRO C 44 -1.83 25.15 10.87
N LEU C 45 -2.19 24.16 11.69
CA LEU C 45 -1.50 23.94 12.97
C LEU C 45 -0.02 23.65 12.76
N GLY C 46 0.27 22.87 11.72
CA GLY C 46 1.62 22.47 11.40
C GLY C 46 2.56 23.63 11.15
N VAL C 47 1.98 24.79 10.87
CA VAL C 47 2.73 25.99 10.57
C VAL C 47 3.23 26.63 11.86
N ILE C 48 2.65 26.21 12.98
CA ILE C 48 2.99 26.82 14.25
C ILE C 48 3.60 25.81 15.22
N VAL C 49 3.42 24.52 14.96
CA VAL C 49 4.11 23.51 15.76
C VAL C 49 4.37 22.21 15.00
N LYS C 50 5.46 21.53 15.40
CA LYS C 50 5.84 20.23 14.85
C LYS C 50 5.20 19.09 15.61
N ALA C 51 5.00 17.96 14.93
CA ALA C 51 4.51 16.77 15.60
C ALA C 51 5.52 16.31 16.66
N SER C 52 6.80 16.39 16.30
CA SER C 52 7.91 16.14 17.22
C SER C 52 7.70 16.89 18.52
N THR C 53 7.52 18.20 18.41
CA THR C 53 7.28 19.05 19.57
C THR C 53 6.03 18.61 20.30
N LEU C 54 5.05 18.12 19.55
CA LEU C 54 3.77 17.76 20.16
C LEU C 54 3.85 16.49 20.99
N ARG C 55 4.74 15.58 20.58
CA ARG C 55 4.87 14.32 21.30
C ARG C 55 5.74 14.52 22.54
N ASP C 56 6.71 15.42 22.42
CA ASP C 56 7.49 15.85 23.59
C ASP C 56 6.53 16.37 24.66
N TYR C 57 5.48 17.08 24.24
CA TYR C 57 4.50 17.61 25.19
C TYR C 57 3.40 16.60 25.52
N GLY C 58 3.67 15.33 25.23
CA GLY C 58 2.90 14.23 25.78
C GLY C 58 1.74 13.71 24.96
N VAL C 59 1.88 13.73 23.64
CA VAL C 59 0.81 13.24 22.76
C VAL C 59 1.11 11.83 22.28
N ASP C 60 0.13 10.95 22.46
CA ASP C 60 0.31 9.56 22.07
C ASP C 60 0.10 9.39 20.57
N ASN C 61 -1.16 9.42 20.14
CA ASN C 61 -1.49 9.29 18.71
C ASN C 61 -2.30 10.48 18.17
N PHE C 62 -2.38 10.57 16.84
CA PHE C 62 -3.13 11.63 16.17
C PHE C 62 -4.32 11.07 15.39
N PHE C 63 -5.49 11.69 15.60
CA PHE C 63 -6.71 11.28 14.90
C PHE C 63 -7.43 12.46 14.26
N PHE C 64 -8.20 12.19 13.21
CA PHE C 64 -9.02 13.22 12.57
C PHE C 64 -10.46 13.15 13.08
N LEU C 65 -11.09 14.31 13.29
CA LEU C 65 -12.48 14.35 13.70
C LEU C 65 -13.36 13.72 12.64
N GLU C 66 -13.01 13.96 11.38
CA GLU C 66 -13.76 13.46 10.24
C GLU C 66 -13.60 11.95 10.03
N ASN C 67 -12.71 11.33 10.79
CA ASN C 67 -12.41 9.91 10.63
C ASN C 67 -13.14 8.99 11.63
N LYS C 68 -13.68 9.59 12.70
CA LYS C 68 -14.49 8.89 13.71
C LYS C 68 -13.84 7.71 14.46
N ASN C 69 -12.57 7.39 14.19
CA ASN C 69 -11.93 6.23 14.80
C ASN C 69 -10.94 6.56 15.94
N THR C 70 -11.39 7.35 16.91
CA THR C 70 -10.54 7.74 18.04
C THR C 70 -10.19 6.56 18.95
N GLY C 71 -8.91 6.44 19.30
CA GLY C 71 -8.41 5.36 20.13
C GLY C 71 -8.85 5.38 21.58
N THR C 72 -8.93 4.19 22.17
CA THR C 72 -9.39 4.04 23.55
C THR C 72 -8.20 3.88 24.47
N SER C 73 -7.03 3.72 23.86
CA SER C 73 -5.80 3.37 24.57
C SER C 73 -5.39 4.39 25.64
N GLN C 74 -5.65 5.67 25.38
CA GLN C 74 -5.24 6.72 26.31
C GLN C 74 -6.46 7.29 27.01
N ARG C 75 -6.25 7.82 28.22
CA ARG C 75 -7.38 8.35 28.99
C ARG C 75 -7.79 9.74 28.55
N ASN C 76 -6.80 10.59 28.29
CA ASN C 76 -7.07 11.93 27.83
C ASN C 76 -7.33 11.99 26.33
N ILE C 77 -8.55 12.36 25.97
CA ILE C 77 -8.87 12.61 24.57
C ILE C 77 -9.08 14.11 24.37
N VAL C 78 -8.22 14.69 23.53
CA VAL C 78 -8.17 16.12 23.31
C VAL C 78 -8.77 16.50 21.96
N PHE C 79 -9.78 17.36 21.99
CA PHE C 79 -10.47 17.82 20.78
C PHE C 79 -9.99 19.20 20.35
N ILE C 80 -9.44 19.28 19.13
CA ILE C 80 -9.02 20.55 18.56
C ILE C 80 -9.79 20.82 17.27
N ALA C 81 -10.68 21.80 17.29
CA ALA C 81 -11.46 22.12 16.11
C ALA C 81 -11.92 23.56 16.14
N ARG C 82 -12.34 24.09 14.99
CA ARG C 82 -12.78 25.48 14.90
C ARG C 82 -14.17 25.65 15.50
N GLY C 83 -14.32 26.69 16.30
CA GLY C 83 -15.50 26.87 17.12
C GLY C 83 -16.69 27.55 16.47
N GLU C 84 -16.56 27.96 15.21
CA GLU C 84 -17.69 28.54 14.49
C GLU C 84 -18.42 27.48 13.63
N SER C 85 -17.71 26.41 13.28
CA SER C 85 -18.29 25.36 12.44
C SER C 85 -19.36 24.58 13.19
N VAL C 86 -20.54 24.48 12.61
CA VAL C 86 -21.62 23.73 13.24
C VAL C 86 -21.39 22.24 12.96
N ARG C 87 -20.76 21.95 11.83
CA ARG C 87 -20.45 20.59 11.44
C ARG C 87 -19.46 19.96 12.43
N ASN C 88 -18.74 20.80 13.17
CA ASN C 88 -17.73 20.31 14.10
C ASN C 88 -18.27 19.98 15.49
N ALA C 89 -19.13 20.83 16.02
CA ALA C 89 -19.72 20.59 17.32
C ALA C 89 -20.49 19.26 17.29
N HIS C 90 -21.36 19.14 16.29
CA HIS C 90 -22.13 17.91 16.11
C HIS C 90 -21.21 16.72 15.92
N ALA C 91 -20.07 16.92 15.25
CA ALA C 91 -19.15 15.82 15.01
C ALA C 91 -18.48 15.43 16.31
N ILE C 92 -18.16 16.42 17.14
CA ILE C 92 -17.51 16.21 18.43
C ILE C 92 -18.45 15.57 19.44
N ALA C 93 -19.62 16.17 19.63
CA ALA C 93 -20.63 15.61 20.52
C ALA C 93 -20.93 14.16 20.14
N ALA C 94 -21.11 13.91 18.85
CA ALA C 94 -21.36 12.56 18.34
C ALA C 94 -20.11 11.70 18.38
N GLN C 95 -18.97 12.32 18.64
CA GLN C 95 -17.72 11.60 18.79
C GLN C 95 -17.55 11.14 20.23
N ILE C 96 -18.03 11.96 21.15
CA ILE C 96 -17.87 11.66 22.56
C ILE C 96 -18.68 10.44 22.99
N LYS C 97 -19.98 10.47 22.69
CA LYS C 97 -20.84 9.39 23.14
C LYS C 97 -20.65 8.13 22.29
N ARG C 98 -20.12 8.28 21.09
CA ARG C 98 -19.90 7.12 20.20
C ARG C 98 -18.62 6.37 20.60
N ILE C 99 -17.96 6.82 21.67
CA ILE C 99 -16.85 6.06 22.24
C ILE C 99 -17.00 6.06 23.77
N GLN C 100 -18.02 6.75 24.26
CA GLN C 100 -18.35 6.71 25.67
C GLN C 100 -19.12 5.43 26.01
N ARG C 101 -19.66 4.78 24.99
CA ARG C 101 -20.54 3.63 25.21
C ARG C 101 -19.91 2.32 24.74
N GLU C 102 -18.79 2.41 24.04
CA GLU C 102 -18.14 1.22 23.51
C GLU C 102 -16.68 1.14 23.91
N SER C 103 -16.39 1.68 25.09
CA SER C 103 -15.03 1.68 25.63
C SER C 103 -15.01 0.67 26.77
N GLN C 104 -14.42 1.06 27.89
CA GLN C 104 -14.39 0.21 29.07
C GLN C 104 -14.02 1.07 30.26
N THR C 105 -13.24 2.12 30.00
CA THR C 105 -12.88 3.07 31.04
C THR C 105 -13.85 4.24 31.02
N SER C 106 -13.38 5.43 31.36
CA SER C 106 -14.25 6.60 31.40
C SER C 106 -13.79 7.75 30.51
N HIS C 107 -12.47 8.01 30.49
CA HIS C 107 -11.86 9.04 29.64
C HIS C 107 -12.15 10.46 30.13
N ASP C 108 -11.15 11.32 30.10
CA ASP C 108 -11.38 12.74 30.32
C ASP C 108 -11.27 13.54 29.02
N PHE C 109 -12.38 14.17 28.64
CA PHE C 109 -12.47 14.83 27.34
C PHE C 109 -12.14 16.30 27.42
N HIS C 110 -11.32 16.76 26.48
CA HIS C 110 -10.93 18.17 26.42
C HIS C 110 -11.25 18.70 25.03
N ILE C 111 -11.85 19.89 24.98
CA ILE C 111 -12.14 20.52 23.70
C ILE C 111 -11.50 21.91 23.63
N PHE C 112 -10.53 22.03 22.73
CA PHE C 112 -9.89 23.32 22.45
C PHE C 112 -10.57 23.99 21.26
N TRP C 113 -11.45 24.96 21.52
CA TRP C 113 -12.14 25.66 20.44
C TRP C 113 -11.27 26.75 19.83
N VAL C 114 -11.11 26.71 18.51
CA VAL C 114 -10.38 27.74 17.80
C VAL C 114 -11.33 28.71 17.11
N PRO C 115 -11.36 29.98 17.54
CA PRO C 115 -10.60 30.57 18.65
C PRO C 115 -11.40 30.72 19.94
N ARG C 116 -12.68 30.36 19.92
CA ARG C 116 -13.61 30.72 21.01
C ARG C 116 -14.71 29.72 21.28
N ARG C 117 -15.18 29.72 22.51
CA ARG C 117 -16.34 28.92 22.93
C ARG C 117 -17.59 29.66 22.46
N THR C 118 -18.49 28.94 21.79
CA THR C 118 -19.70 29.59 21.28
C THR C 118 -20.96 29.10 21.99
N LEU C 119 -22.00 29.92 21.96
CA LEU C 119 -23.29 29.54 22.53
C LEU C 119 -23.82 28.34 21.75
N PHE C 120 -23.55 28.33 20.44
CA PHE C 120 -23.93 27.22 19.58
C PHE C 120 -23.23 25.92 20.03
N SER C 121 -21.96 26.02 20.40
CA SER C 121 -21.21 24.87 20.89
C SER C 121 -21.89 24.29 22.11
N ASP C 122 -22.25 25.17 23.05
CA ASP C 122 -22.73 24.77 24.36
C ASP C 122 -24.11 24.13 24.31
N LYS C 123 -24.83 24.31 23.20
CA LYS C 123 -26.14 23.68 23.08
C LYS C 123 -26.06 22.34 22.39
N VAL C 124 -25.27 22.25 21.33
CA VAL C 124 -25.07 20.97 20.67
C VAL C 124 -24.46 20.00 21.66
N LEU C 125 -23.69 20.55 22.59
CA LEU C 125 -23.03 19.76 23.61
C LEU C 125 -23.93 19.39 24.77
N GLU C 126 -24.93 20.20 25.07
CA GLU C 126 -25.87 19.82 26.14
C GLU C 126 -26.93 18.85 25.59
N GLU C 127 -27.40 19.09 24.38
CA GLU C 127 -28.41 18.25 23.73
C GLU C 127 -27.84 16.91 23.23
N ALA C 128 -26.75 16.46 23.86
CA ALA C 128 -26.14 15.17 23.57
C ALA C 128 -25.70 14.51 24.88
N GLY C 129 -25.87 15.24 25.98
CA GLY C 129 -25.56 14.73 27.29
C GLY C 129 -24.10 14.91 27.63
N VAL C 130 -23.35 15.56 26.73
CA VAL C 130 -21.90 15.58 26.82
C VAL C 130 -21.30 16.94 27.17
N LEU C 131 -22.15 17.93 27.46
CA LEU C 131 -21.64 19.24 27.85
C LEU C 131 -20.91 19.19 29.20
N GLY C 132 -21.38 18.33 30.10
CA GLY C 132 -20.82 18.24 31.43
C GLY C 132 -19.62 17.33 31.59
N ASP C 133 -19.30 16.56 30.55
CA ASP C 133 -18.20 15.59 30.64
C ASP C 133 -16.96 16.03 29.87
N ALA C 134 -16.88 17.33 29.56
CA ALA C 134 -15.81 17.85 28.72
C ALA C 134 -15.32 19.19 29.20
N ASN C 135 -14.01 19.28 29.43
CA ASN C 135 -13.40 20.55 29.85
C ASN C 135 -13.12 21.42 28.63
N ILE C 136 -13.88 22.51 28.53
CA ILE C 136 -13.87 23.35 27.33
C ILE C 136 -13.08 24.64 27.55
N SER C 137 -12.05 24.84 26.74
CA SER C 137 -11.22 26.03 26.82
C SER C 137 -11.03 26.66 25.44
N GLU C 138 -10.59 27.91 25.42
CA GLU C 138 -10.45 28.67 24.17
C GLU C 138 -9.00 28.79 23.70
N LEU C 139 -8.76 28.43 22.43
CA LEU C 139 -7.44 28.44 21.82
C LEU C 139 -7.39 29.50 20.73
N PRO C 140 -6.94 30.71 21.08
CA PRO C 140 -7.08 31.91 20.25
C PRO C 140 -6.18 32.00 19.02
N LEU C 141 -6.26 31.05 18.10
CA LEU C 141 -5.57 31.17 16.83
C LEU C 141 -6.38 32.01 15.84
N TYR C 142 -5.72 32.97 15.19
CA TYR C 142 -6.36 33.74 14.15
C TYR C 142 -5.56 33.67 12.86
N PHE C 143 -4.58 34.56 12.74
CA PHE C 143 -3.67 34.53 11.59
C PHE C 143 -2.69 33.40 11.70
N PHE C 144 -2.46 32.71 10.58
CA PHE C 144 -1.35 31.75 10.46
C PHE C 144 -0.23 32.32 9.59
N PRO C 145 0.91 32.64 10.20
CA PRO C 145 2.00 33.24 9.41
C PRO C 145 2.60 32.22 8.46
N LEU C 146 2.23 32.32 7.19
CA LEU C 146 2.73 31.40 6.19
C LEU C 146 4.09 31.86 5.69
N GLU C 147 4.34 33.16 5.83
CA GLU C 147 5.61 33.77 5.50
C GLU C 147 5.80 35.04 6.33
N ARG C 148 7.00 35.59 6.34
CA ARG C 148 7.23 36.81 7.10
C ARG C 148 6.35 37.95 6.60
N ASP C 149 5.86 37.82 5.36
CA ASP C 149 5.04 38.86 4.77
C ASP C 149 3.66 38.37 4.33
N VAL C 150 3.29 37.17 4.78
CA VAL C 150 1.96 36.65 4.49
C VAL C 150 1.30 36.05 5.72
N LEU C 151 0.25 36.71 6.19
CA LEU C 151 -0.61 36.19 7.24
C LEU C 151 -1.90 35.64 6.62
N SER C 152 -2.36 34.48 7.07
CA SER C 152 -3.62 33.90 6.55
C SER C 152 -4.49 33.24 7.60
N LEU C 153 -5.80 33.48 7.51
CA LEU C 153 -6.73 32.86 8.43
C LEU C 153 -6.95 31.38 8.14
N GLU C 154 -6.66 30.98 6.89
CA GLU C 154 -6.72 29.60 6.44
C GLU C 154 -8.13 29.02 6.53
N LEU C 155 -9.12 29.86 6.27
CA LEU C 155 -10.50 29.37 6.23
C LEU C 155 -10.80 28.89 4.82
N ASN C 156 -10.72 27.58 4.61
CA ASN C 156 -10.79 27.04 3.25
C ASN C 156 -12.17 27.12 2.62
N ASP C 157 -13.21 27.22 3.45
CA ASP C 157 -14.56 27.39 2.95
C ASP C 157 -15.00 28.85 3.06
N SER C 158 -14.06 29.76 3.30
CA SER C 158 -14.44 31.14 3.57
C SER C 158 -15.03 31.80 2.33
N PHE C 159 -14.50 31.48 1.15
CA PHE C 159 -15.09 31.97 -0.10
C PHE C 159 -16.54 31.49 -0.27
N ARG C 160 -16.76 30.18 -0.19
CA ARG C 160 -18.12 29.65 -0.26
C ARG C 160 -19.03 30.33 0.77
N ASP C 161 -18.60 30.32 2.03
CA ASP C 161 -19.40 30.88 3.12
C ASP C 161 -19.70 32.36 2.92
N LEU C 162 -18.68 33.14 2.63
CA LEU C 162 -18.86 34.59 2.52
C LEU C 162 -19.79 34.96 1.37
N TYR C 163 -19.54 34.42 0.18
CA TYR C 163 -20.16 34.88 -1.06
C TYR C 163 -21.31 34.03 -1.55
N LEU C 164 -21.41 32.79 -1.08
CA LEU C 164 -22.54 31.96 -1.50
C LEU C 164 -23.60 31.86 -0.39
N ALA C 165 -23.18 31.45 0.80
CA ALA C 165 -24.08 31.23 1.93
C ALA C 165 -24.41 32.53 2.67
N LYS C 166 -23.71 33.59 2.31
CA LYS C 166 -23.85 34.91 2.95
C LYS C 166 -23.51 34.89 4.45
N ASP C 167 -22.62 33.98 4.84
CA ASP C 167 -22.13 33.88 6.22
C ASP C 167 -21.07 34.95 6.54
N PRO C 168 -21.40 35.88 7.44
CA PRO C 168 -20.45 36.94 7.80
C PRO C 168 -19.47 36.53 8.91
N THR C 169 -19.25 35.23 9.09
CA THR C 169 -18.28 34.72 10.06
C THR C 169 -16.83 35.03 9.65
N PRO C 170 -16.44 34.76 8.37
CA PRO C 170 -15.10 35.17 7.96
C PRO C 170 -14.75 36.64 8.26
N VAL C 171 -15.69 37.55 8.01
CA VAL C 171 -15.46 38.98 8.23
C VAL C 171 -15.27 39.27 9.72
N PHE C 172 -15.96 38.49 10.54
CA PHE C 172 -15.90 38.71 11.96
C PHE C 172 -14.54 38.31 12.49
N LEU C 173 -14.11 37.11 12.11
CA LEU C 173 -12.80 36.61 12.49
C LEU C 173 -11.70 37.51 11.98
N LEU C 174 -11.80 37.89 10.72
CA LEU C 174 -10.82 38.77 10.11
C LEU C 174 -10.72 40.07 10.90
N SER C 175 -11.87 40.55 11.36
CA SER C 175 -11.90 41.79 12.11
C SER C 175 -11.16 41.66 13.44
N ARG C 176 -11.45 40.59 14.16
CA ARG C 176 -10.81 40.34 15.45
C ARG C 176 -9.31 40.13 15.29
N ALA C 177 -8.91 39.45 14.23
CA ALA C 177 -7.48 39.24 13.97
C ALA C 177 -6.76 40.58 13.82
N LEU C 178 -7.34 41.48 13.03
CA LEU C 178 -6.76 42.81 12.82
C LEU C 178 -6.79 43.66 14.09
N MET C 179 -7.83 43.50 14.89
CA MET C 179 -7.96 44.23 16.15
C MET C 179 -6.89 43.81 17.14
N GLY C 180 -6.45 42.55 17.05
CA GLY C 180 -5.36 42.05 17.87
C GLY C 180 -4.03 42.68 17.52
N ILE C 181 -3.84 42.96 16.24
CA ILE C 181 -2.66 43.65 15.76
C ILE C 181 -2.67 45.08 16.28
N GLN C 182 -3.86 45.67 16.37
CA GLN C 182 -4.01 47.02 16.87
C GLN C 182 -3.71 47.11 18.37
N LYS C 183 -4.20 46.15 19.14
CA LYS C 183 -4.01 46.16 20.58
C LYS C 183 -2.53 46.14 20.93
N LYS C 184 -1.75 45.42 20.13
CA LYS C 184 -0.32 45.26 20.34
C LYS C 184 0.54 46.42 19.79
N HIS C 185 0.14 46.98 18.64
CA HIS C 185 0.97 47.95 17.94
C HIS C 185 0.35 49.33 17.74
N GLY C 186 -0.91 49.53 18.14
CA GLY C 186 -1.52 50.84 17.98
C GLY C 186 -2.63 50.86 16.95
N LEU C 187 -3.49 51.87 17.02
CA LEU C 187 -4.55 52.03 16.04
C LEU C 187 -3.99 52.23 14.64
N PHE C 188 -4.62 51.63 13.64
CA PHE C 188 -4.32 51.95 12.25
C PHE C 188 -4.57 53.44 11.97
N PRO C 189 -3.50 54.19 11.66
CA PRO C 189 -3.67 55.63 11.39
C PRO C 189 -4.70 55.87 10.30
N ARG C 190 -4.77 54.95 9.35
CA ARG C 190 -5.79 54.98 8.31
C ARG C 190 -6.30 53.58 8.00
N ILE C 191 -7.62 53.42 7.97
CA ILE C 191 -8.24 52.20 7.46
C ILE C 191 -8.74 52.47 6.05
N ILE C 192 -8.01 52.00 5.05
CA ILE C 192 -8.32 52.29 3.66
C ILE C 192 -8.90 51.07 2.95
N GLY C 193 -10.00 51.21 2.22
CA GLY C 193 -10.59 50.03 1.63
C GLY C 193 -11.39 50.13 0.34
N LYS C 194 -11.78 48.97 -0.17
CA LYS C 194 -12.60 48.88 -1.37
C LYS C 194 -13.54 47.66 -1.37
N GLY C 195 -14.85 47.90 -1.35
CA GLY C 195 -15.83 46.83 -1.41
C GLY C 195 -16.68 46.60 -0.17
N GLU C 196 -17.82 45.93 -0.34
CA GLU C 196 -18.77 45.72 0.76
C GLU C 196 -18.17 45.10 2.02
N ASN C 197 -17.47 43.99 1.86
CA ASN C 197 -16.86 43.29 2.98
C ASN C 197 -15.60 43.95 3.47
N ALA C 198 -14.96 44.72 2.60
CA ALA C 198 -13.87 45.56 3.06
C ALA C 198 -14.42 46.62 4.01
N LYS C 199 -15.60 47.15 3.70
CA LYS C 199 -16.21 48.15 4.57
C LYS C 199 -16.70 47.54 5.88
N ARG C 200 -17.28 46.35 5.79
CA ARG C 200 -17.83 45.70 6.98
C ARG C 200 -16.76 45.54 8.04
N VAL C 201 -15.56 45.20 7.60
CA VAL C 201 -14.45 45.04 8.52
C VAL C 201 -14.17 46.36 9.21
N ALA C 202 -14.06 47.43 8.43
CA ALA C 202 -13.85 48.76 8.96
C ALA C 202 -14.91 49.15 9.98
N ASP C 203 -16.15 48.74 9.76
CA ASP C 203 -17.23 49.03 10.71
C ASP C 203 -16.98 48.32 12.04
N LEU C 204 -16.62 47.04 11.98
CA LEU C 204 -16.37 46.26 13.20
C LEU C 204 -15.13 46.74 13.92
N LEU C 205 -14.14 47.22 13.17
CA LEU C 205 -12.96 47.81 13.76
C LEU C 205 -13.34 49.05 14.53
N SER C 206 -14.21 49.86 13.93
CA SER C 206 -14.76 51.02 14.60
C SER C 206 -15.59 50.60 15.82
N ARG C 207 -16.43 49.59 15.66
CA ARG C 207 -17.23 49.08 16.76
C ARG C 207 -16.36 48.56 17.90
N MET C 208 -15.34 47.77 17.55
CA MET C 208 -14.51 47.11 18.55
C MET C 208 -13.60 48.10 19.27
N ARG C 209 -13.16 49.13 18.55
CA ARG C 209 -12.43 50.24 19.16
C ARG C 209 -13.31 51.03 20.15
N GLN C 210 -14.58 51.23 19.80
CA GLN C 210 -15.52 51.90 20.71
C GLN C 210 -15.93 51.00 21.88
N GLU C 211 -15.87 49.69 21.66
CA GLU C 211 -16.16 48.73 22.73
C GLU C 211 -15.02 48.59 23.73
N LEU C 212 -13.80 48.89 23.30
CA LEU C 212 -12.66 48.87 24.22
C LEU C 212 -12.59 50.16 25.02
N LEU C 213 -13.15 51.23 24.47
CA LEU C 213 -13.15 52.53 25.14
C LEU C 213 -14.35 52.61 26.08
N ALA C 214 -15.39 51.85 25.77
CA ALA C 214 -16.55 51.73 26.65
C ALA C 214 -16.23 50.85 27.85
N GLY C 215 -15.33 49.89 27.66
CA GLY C 215 -14.97 48.96 28.72
C GLY C 215 -14.11 49.62 29.77
N GLU C 216 -13.12 50.38 29.32
CA GLU C 216 -12.18 51.03 30.23
C GLU C 216 -12.90 52.10 31.05
N GLU C 217 -13.72 52.90 30.39
CA GLU C 217 -14.51 53.93 31.04
C GLU C 217 -15.49 53.34 32.06
N ALA C 218 -15.99 52.14 31.78
CA ALA C 218 -17.00 51.52 32.64
C ALA C 218 -16.39 50.48 33.59
N GLY C 219 -15.29 50.87 34.21
CA GLY C 219 -14.67 50.08 35.27
C GLY C 219 -14.25 48.65 34.98
N GLU C 220 -14.25 48.26 33.70
CA GLU C 220 -13.67 46.99 33.29
C GLU C 220 -12.14 47.09 33.26
N SER C 221 -11.64 48.31 33.43
CA SER C 221 -10.20 48.62 33.54
C SER C 221 -9.47 48.44 32.22
N ASP C 222 -8.87 47.26 32.02
CA ASP C 222 -8.06 46.93 30.84
C ASP C 222 -6.82 47.81 30.67
N ARG C 223 -6.54 48.64 31.67
CA ARG C 223 -5.31 49.44 31.81
C ARG C 223 -5.10 50.58 30.80
N ALA C 224 -4.86 50.25 29.53
CA ALA C 224 -4.26 51.23 28.62
C ALA C 224 -5.01 51.45 27.31
N GLY C 225 -5.50 52.67 27.12
CA GLY C 225 -6.23 53.08 25.93
C GLY C 225 -5.41 53.15 24.65
N LEU C 226 -6.05 52.83 23.53
CA LEU C 226 -5.37 52.75 22.23
C LEU C 226 -5.15 54.08 21.49
N SER C 227 -3.89 54.38 21.17
CA SER C 227 -3.54 55.56 20.38
C SER C 227 -2.95 55.14 19.03
N PRO C 228 -3.03 56.02 18.02
CA PRO C 228 -2.44 55.77 16.70
C PRO C 228 -1.04 55.18 16.75
N SER C 229 -0.79 54.17 15.92
CA SER C 229 0.47 53.47 15.89
C SER C 229 1.61 54.37 15.43
N THR C 230 2.82 54.10 15.91
CA THR C 230 4.01 54.77 15.42
C THR C 230 4.75 53.82 14.46
N THR C 231 4.37 52.54 14.53
CA THR C 231 4.95 51.46 13.73
C THR C 231 4.25 51.29 12.38
N ILE C 232 2.97 51.62 12.33
CA ILE C 232 2.13 51.29 11.16
C ILE C 232 1.70 52.54 10.37
N GLU C 233 1.83 52.48 9.04
CA GLU C 233 1.42 53.58 8.17
C GLU C 233 -0.08 53.50 7.89
N SER C 234 -0.52 52.39 7.30
CA SER C 234 -1.93 52.19 7.01
C SER C 234 -2.25 50.72 6.80
N VAL C 235 -3.52 50.40 6.91
CA VAL C 235 -4.05 49.12 6.47
C VAL C 235 -4.95 49.32 5.26
N ILE C 236 -4.71 48.57 4.20
CA ILE C 236 -5.56 48.63 3.02
C ILE C 236 -6.36 47.36 2.84
N ILE C 237 -7.68 47.49 2.77
CA ILE C 237 -8.56 46.32 2.66
C ILE C 237 -9.31 46.21 1.33
N ILE C 238 -9.15 45.09 0.65
CA ILE C 238 -9.79 44.88 -0.64
C ILE C 238 -10.75 43.70 -0.55
N ASP C 239 -11.96 43.89 -1.03
CA ASP C 239 -12.94 42.81 -1.10
C ASP C 239 -12.67 41.98 -2.35
N ARG C 240 -12.66 40.65 -2.23
CA ARG C 240 -12.47 39.75 -3.37
C ARG C 240 -13.53 39.95 -4.44
N GLU C 241 -14.78 40.24 -4.03
CA GLU C 241 -15.89 40.34 -4.98
C GLU C 241 -15.79 41.54 -5.93
N VAL C 242 -14.87 42.45 -5.60
CA VAL C 242 -14.59 43.61 -6.43
C VAL C 242 -13.84 43.18 -7.68
N ASP C 243 -13.04 42.11 -7.58
CA ASP C 243 -12.20 41.68 -8.69
C ASP C 243 -12.15 40.15 -8.79
N PHE C 244 -13.24 39.59 -9.31
CA PHE C 244 -13.37 38.15 -9.51
C PHE C 244 -12.57 37.65 -10.69
N VAL C 245 -12.14 38.57 -11.54
CA VAL C 245 -11.44 38.23 -12.80
C VAL C 245 -10.04 37.62 -12.59
N THR C 246 -9.26 38.22 -11.70
CA THR C 246 -7.91 37.76 -11.39
C THR C 246 -7.83 36.29 -10.95
N PRO C 247 -8.61 35.89 -9.93
CA PRO C 247 -8.41 34.47 -9.57
C PRO C 247 -8.93 33.52 -10.65
N LEU C 248 -9.84 34.00 -11.50
CA LEU C 248 -10.39 33.19 -12.57
C LEU C 248 -9.36 32.87 -13.63
N LEU C 249 -8.49 33.82 -13.94
CA LEU C 249 -7.38 33.58 -14.86
C LEU C 249 -6.41 32.49 -14.38
N THR C 250 -5.93 31.67 -15.31
CA THR C 250 -4.87 30.72 -15.03
C THR C 250 -3.58 31.46 -14.65
N GLN C 251 -3.08 31.21 -13.45
CA GLN C 251 -1.88 31.88 -12.95
C GLN C 251 -0.63 31.45 -13.73
N LEU C 252 0.29 32.38 -13.97
CA LEU C 252 1.47 32.08 -14.79
C LEU C 252 2.82 32.27 -14.10
N THR C 253 2.84 32.34 -12.77
CA THR C 253 4.12 32.28 -12.05
C THR C 253 4.42 30.85 -11.62
N TYR C 254 5.60 30.63 -11.04
CA TYR C 254 6.00 29.27 -10.70
C TYR C 254 5.12 28.71 -9.61
N GLU C 255 5.01 29.42 -8.49
CA GLU C 255 4.10 29.02 -7.42
C GLU C 255 2.68 28.96 -7.94
N GLY C 256 2.34 29.95 -8.76
CA GLY C 256 1.01 30.07 -9.31
C GLY C 256 0.57 28.87 -10.10
N LEU C 257 1.49 28.31 -10.87
CA LEU C 257 1.16 27.15 -11.68
C LEU C 257 1.24 25.89 -10.83
N ILE C 258 1.94 25.99 -9.72
CA ILE C 258 2.03 24.85 -8.83
C ILE C 258 0.69 24.71 -8.15
N ASP C 259 0.10 25.85 -7.77
CA ASP C 259 -1.22 25.86 -7.14
C ASP C 259 -2.29 25.43 -8.14
N GLU C 260 -2.09 25.74 -9.42
CA GLU C 260 -3.05 25.35 -10.45
C GLU C 260 -3.02 23.86 -10.77
N TYR C 261 -1.83 23.27 -10.71
CA TYR C 261 -1.66 21.93 -11.25
C TYR C 261 -1.55 20.87 -10.14
N PHE C 262 -0.83 21.21 -9.08
CA PHE C 262 -0.67 20.32 -7.94
C PHE C 262 -1.60 20.64 -6.76
N GLY C 263 -1.76 21.93 -6.46
CA GLY C 263 -2.57 22.34 -5.32
C GLY C 263 -1.71 22.56 -4.08
N ILE C 264 -1.48 23.82 -3.74
CA ILE C 264 -0.71 24.15 -2.56
C ILE C 264 -1.65 24.40 -1.39
N GLN C 265 -1.25 23.91 -0.23
CA GLN C 265 -2.01 24.00 1.01
C GLN C 265 -1.04 24.02 2.16
N ASN C 266 -1.18 25.00 3.04
CA ASN C 266 -0.34 25.10 4.24
C ASN C 266 1.13 25.00 3.89
N ASN C 267 1.56 25.76 2.89
CA ASN C 267 2.94 25.74 2.43
C ASN C 267 3.37 24.39 1.89
N GLN C 268 2.42 23.51 1.59
CA GLN C 268 2.77 22.18 1.12
C GLN C 268 1.91 21.68 -0.04
N THR C 269 2.49 20.78 -0.82
CA THR C 269 1.78 20.15 -1.94
C THR C 269 2.10 18.66 -2.00
N ASP C 270 1.53 17.97 -2.98
CA ASP C 270 1.70 16.53 -3.12
C ASP C 270 2.10 16.15 -4.54
N VAL C 271 3.18 15.38 -4.67
CA VAL C 271 3.63 14.86 -5.96
C VAL C 271 4.06 13.38 -5.88
N ASP C 272 4.30 12.76 -7.04
CA ASP C 272 4.50 11.30 -7.11
C ASP C 272 5.95 10.82 -7.17
N ALA C 273 6.41 10.46 -8.37
CA ALA C 273 7.72 9.87 -8.60
C ALA C 273 8.86 10.72 -8.04
N VAL C 274 9.33 11.68 -8.83
CA VAL C 274 10.41 12.55 -8.41
C VAL C 274 9.96 14.00 -8.32
N ARG C 298 0.52 6.00 -2.95
CA ARG C 298 1.09 7.11 -2.19
C ARG C 298 1.83 8.09 -3.08
N LYS C 299 1.84 9.34 -2.65
CA LYS C 299 2.57 10.37 -3.35
C LYS C 299 3.33 11.14 -2.26
N ARG C 300 4.33 11.93 -2.64
CA ARG C 300 5.23 12.48 -1.63
C ARG C 300 4.90 13.94 -1.30
N LYS C 301 5.27 14.36 -0.10
CA LYS C 301 4.97 15.70 0.39
C LYS C 301 6.13 16.67 0.12
N ILE C 302 5.82 17.83 -0.45
CA ILE C 302 6.79 18.88 -0.67
C ILE C 302 6.50 20.06 0.25
N GLN C 303 7.54 20.61 0.85
CA GLN C 303 7.36 21.85 1.60
C GLN C 303 7.58 23.00 0.63
N LEU C 304 6.75 24.02 0.70
CA LEU C 304 6.92 25.17 -0.18
C LEU C 304 6.84 26.47 0.60
N ASP C 305 7.92 26.80 1.30
CA ASP C 305 8.01 28.10 1.95
C ASP C 305 9.34 28.78 1.62
N GLY C 306 9.51 30.01 2.10
CA GLY C 306 10.65 30.83 1.75
C GLY C 306 11.93 30.63 2.54
N SER C 307 11.96 29.62 3.39
CA SER C 307 13.18 29.25 4.11
C SER C 307 14.21 28.70 3.15
N ASP C 308 13.72 28.06 2.10
CA ASP C 308 14.54 27.56 1.02
C ASP C 308 15.13 28.71 0.20
N SER C 309 16.45 28.73 0.10
CA SER C 309 17.15 29.77 -0.68
C SER C 309 16.61 29.84 -2.10
N LEU C 310 16.50 28.69 -2.74
CA LEU C 310 16.13 28.62 -4.15
C LEU C 310 14.64 28.94 -4.38
N TYR C 311 13.77 28.39 -3.54
CA TYR C 311 12.34 28.58 -3.75
C TYR C 311 11.94 30.05 -3.62
N SER C 312 12.65 30.79 -2.76
CA SER C 312 12.41 32.21 -2.62
C SER C 312 12.59 32.93 -3.95
N GLN C 313 13.63 32.57 -4.70
CA GLN C 313 13.90 33.21 -5.98
C GLN C 313 13.02 32.67 -7.11
N LEU C 314 12.40 31.52 -6.87
CA LEU C 314 11.57 30.90 -7.92
C LEU C 314 10.09 31.23 -7.85
N ARG C 315 9.51 31.13 -6.66
CA ARG C 315 8.05 31.15 -6.46
C ARG C 315 7.34 32.28 -7.20
N ASP C 316 7.90 33.49 -7.12
CA ASP C 316 7.31 34.69 -7.70
C ASP C 316 7.67 34.95 -9.17
N ALA C 317 8.35 33.99 -9.80
CA ALA C 317 8.82 34.22 -11.16
C ALA C 317 7.87 33.68 -12.23
N ASN C 318 7.66 34.48 -13.28
CA ASN C 318 6.96 33.99 -14.45
C ASN C 318 7.61 32.69 -14.89
N PHE C 319 6.80 31.68 -15.15
CA PHE C 319 7.32 30.36 -15.45
C PHE C 319 8.30 30.33 -16.62
N ALA C 320 8.12 31.25 -17.58
CA ALA C 320 8.98 31.33 -18.77
C ALA C 320 10.46 31.43 -18.42
N ILE C 321 10.80 32.21 -17.40
CA ILE C 321 12.20 32.42 -17.06
C ILE C 321 12.69 31.53 -15.92
N VAL C 322 11.89 30.53 -15.56
CA VAL C 322 12.26 29.62 -14.47
C VAL C 322 13.36 28.66 -14.95
N GLY C 323 13.37 28.38 -16.26
CA GLY C 323 14.44 27.62 -16.88
C GLY C 323 15.78 28.31 -16.67
N SER C 324 15.85 29.58 -17.05
CA SER C 324 17.02 30.43 -16.82
C SER C 324 17.50 30.35 -15.38
N LEU C 325 16.57 30.45 -14.45
CA LEU C 325 16.90 30.54 -13.03
C LEU C 325 17.47 29.25 -12.48
N LEU C 326 17.05 28.13 -13.02
CA LEU C 326 17.57 26.86 -12.57
C LEU C 326 18.99 26.66 -13.08
N ASN C 327 19.18 26.94 -14.36
CA ASN C 327 20.51 26.85 -14.98
C ASN C 327 21.52 27.73 -14.25
N THR C 328 21.23 29.02 -14.15
CA THR C 328 22.11 29.98 -13.51
C THR C 328 22.43 29.62 -12.06
N VAL C 329 21.43 29.11 -11.33
CA VAL C 329 21.65 28.70 -9.94
C VAL C 329 22.42 27.38 -9.93
N ALA C 330 22.26 26.59 -10.99
CA ALA C 330 22.98 25.32 -11.13
C ALA C 330 24.47 25.53 -11.39
N ARG C 331 24.83 26.58 -12.11
CA ARG C 331 26.23 26.84 -12.41
C ARG C 331 26.85 27.75 -11.36
N ARG C 332 26.05 28.19 -10.39
CA ARG C 332 26.58 28.97 -9.27
C ARG C 332 26.76 28.03 -8.09
N LEU C 333 26.18 26.84 -8.20
CA LEU C 333 26.40 25.79 -7.21
C LEU C 333 27.69 25.02 -7.48
N LYS C 334 27.87 24.57 -8.72
CA LYS C 334 29.05 23.79 -9.06
C LYS C 334 30.30 24.67 -9.20
N SER C 335 30.11 25.98 -9.34
CA SER C 335 31.25 26.90 -9.46
C SER C 335 31.68 27.42 -8.10
N ASP C 336 30.94 27.06 -7.06
CA ASP C 336 31.37 27.30 -5.68
C ASP C 336 31.75 25.96 -5.08
N TYR C 337 31.61 24.93 -5.91
CA TYR C 337 32.18 23.62 -5.66
C TYR C 337 33.53 23.55 -6.37
N GLU C 338 33.78 24.50 -7.27
CA GLU C 338 35.11 24.67 -7.83
C GLU C 338 36.05 25.34 -6.83
N SER C 339 35.48 26.01 -5.84
CA SER C 339 36.27 26.68 -4.81
C SER C 339 36.92 25.67 -3.87
N ARG C 340 36.27 25.45 -2.73
CA ARG C 340 36.62 24.45 -1.72
C ARG C 340 38.03 23.86 -1.64
N HIS C 341 38.38 23.02 -2.61
CA HIS C 341 39.58 22.20 -2.48
C HIS C 341 40.83 22.86 -3.03
N ASN C 342 41.40 23.67 -2.15
CA ASN C 342 42.63 24.41 -2.36
C ASN C 342 43.29 24.23 -1.01
N THR C 343 42.80 25.01 -0.05
CA THR C 343 42.60 24.53 1.31
C THR C 343 43.82 24.21 2.16
N LYS C 344 44.50 23.11 1.84
CA LYS C 344 45.12 22.31 2.89
C LYS C 344 45.98 23.08 3.89
N THR C 345 45.32 23.49 4.97
CA THR C 345 45.97 23.74 6.23
C THR C 345 45.60 22.57 7.13
N THR C 346 44.83 22.89 8.17
CA THR C 346 44.01 21.93 8.87
C THR C 346 42.71 22.67 9.20
N ALA C 347 42.74 23.99 9.00
CA ALA C 347 41.67 24.86 9.47
C ALA C 347 40.69 25.32 8.40
N GLU C 348 41.15 25.50 7.16
CA GLU C 348 40.25 25.95 6.10
C GLU C 348 39.65 24.75 5.36
N LEU C 349 39.75 23.59 5.99
CA LEU C 349 39.04 22.41 5.55
C LEU C 349 37.87 22.19 6.49
N LYS C 350 38.10 22.53 7.77
CA LYS C 350 37.02 22.52 8.75
C LYS C 350 36.03 23.62 8.42
N GLU C 351 36.49 24.65 7.70
CA GLU C 351 35.63 25.68 7.16
C GLU C 351 34.69 25.10 6.12
N PHE C 352 35.27 24.57 5.04
CA PHE C 352 34.50 24.00 3.94
C PHE C 352 33.52 22.91 4.37
N VAL C 353 33.88 22.10 5.36
CA VAL C 353 33.04 21.00 5.78
C VAL C 353 31.78 21.50 6.52
N LYS C 354 31.85 22.71 7.09
CA LYS C 354 30.68 23.26 7.77
C LYS C 354 29.64 23.80 6.80
N LYS C 355 30.08 24.12 5.58
CA LYS C 355 29.19 24.62 4.54
C LYS C 355 28.58 23.46 3.77
N LEU C 356 28.73 22.24 4.27
CA LEU C 356 28.37 21.08 3.49
C LEU C 356 26.90 20.64 3.62
N PRO C 357 26.30 20.76 4.82
CA PRO C 357 24.84 20.61 4.85
C PRO C 357 24.13 21.50 3.82
N GLY C 358 24.47 22.79 3.83
CA GLY C 358 23.83 23.74 2.94
C GLY C 358 24.17 23.56 1.48
N TYR C 359 25.31 22.94 1.18
CA TYR C 359 25.66 22.64 -0.21
C TYR C 359 24.94 21.41 -0.73
N GLN C 360 24.23 20.71 0.16
CA GLN C 360 23.52 19.50 -0.22
C GLN C 360 22.03 19.77 -0.15
N ALA C 361 21.65 20.63 0.78
CA ALA C 361 20.29 21.12 0.87
C ALA C 361 19.99 21.87 -0.41
N GLU C 362 20.98 22.62 -0.87
CA GLU C 362 20.87 23.40 -2.09
C GLU C 362 20.85 22.49 -3.31
N GLN C 363 21.37 21.28 -3.15
CA GLN C 363 21.46 20.32 -4.25
C GLN C 363 20.11 19.73 -4.63
N GLN C 364 19.42 19.17 -3.64
CA GLN C 364 18.15 18.48 -3.90
C GLN C 364 17.00 19.47 -4.02
N SER C 365 17.12 20.61 -3.36
CA SER C 365 16.19 21.70 -3.61
C SER C 365 16.23 22.03 -5.09
N LEU C 366 17.43 21.95 -5.67
CA LEU C 366 17.58 22.19 -7.09
C LEU C 366 16.95 21.07 -7.93
N LYS C 367 17.12 19.82 -7.49
CA LYS C 367 16.63 18.69 -8.28
C LYS C 367 15.12 18.58 -8.17
N ILE C 368 14.56 18.91 -7.01
CA ILE C 368 13.11 18.88 -6.86
C ILE C 368 12.45 19.90 -7.77
N HIS C 369 12.91 21.15 -7.72
CA HIS C 369 12.28 22.18 -8.53
C HIS C 369 12.58 22.00 -10.00
N SER C 370 13.64 21.26 -10.33
CA SER C 370 13.93 20.97 -11.72
C SER C 370 12.98 19.91 -12.23
N ASN C 371 12.50 19.08 -11.30
CA ASN C 371 11.53 18.05 -11.63
C ASN C 371 10.11 18.58 -11.71
N ILE C 372 9.73 19.43 -10.76
CA ILE C 372 8.43 20.08 -10.80
C ILE C 372 8.33 20.94 -12.06
N ALA C 373 9.40 21.69 -12.32
CA ALA C 373 9.43 22.55 -13.50
C ALA C 373 9.20 21.73 -14.76
N GLU C 374 9.77 20.54 -14.79
CA GLU C 374 9.68 19.66 -15.96
C GLU C 374 8.25 19.18 -16.17
N GLU C 375 7.55 18.90 -15.08
CA GLU C 375 6.15 18.49 -15.14
C GLU C 375 5.25 19.63 -15.61
N ILE C 376 5.41 20.80 -15.02
CA ILE C 376 4.57 21.93 -15.36
C ILE C 376 4.78 22.33 -16.83
N ILE C 377 6.00 22.20 -17.33
CA ILE C 377 6.26 22.46 -18.75
C ILE C 377 5.41 21.54 -19.62
N ASN C 378 5.41 20.25 -19.31
CA ASN C 378 4.59 19.28 -20.04
C ASN C 378 3.12 19.68 -20.04
N TYR C 379 2.66 20.14 -18.88
CA TYR C 379 1.30 20.62 -18.68
C TYR C 379 0.97 21.79 -19.62
N THR C 380 1.92 22.70 -19.76
CA THR C 380 1.69 23.92 -20.53
C THR C 380 1.91 23.78 -22.03
N ARG C 381 2.16 22.57 -22.51
CA ARG C 381 2.40 22.37 -23.93
C ARG C 381 1.19 21.77 -24.62
N THR C 382 0.28 21.22 -23.81
CA THR C 382 -0.89 20.51 -24.32
C THR C 382 -1.83 21.43 -25.09
N GLU C 383 -2.57 20.88 -26.05
CA GLU C 383 -3.46 21.72 -26.84
C GLU C 383 -4.52 22.37 -25.95
N ILE C 384 -5.05 21.60 -25.00
CA ILE C 384 -6.16 22.09 -24.20
C ILE C 384 -5.69 23.22 -23.29
N PHE C 385 -4.51 23.09 -22.69
CA PHE C 385 -3.97 24.17 -21.88
C PHE C 385 -3.92 25.44 -22.70
N ASN C 386 -3.40 25.33 -23.91
CA ASN C 386 -3.21 26.48 -24.76
C ASN C 386 -4.53 26.99 -25.35
N LYS C 387 -5.47 26.10 -25.61
CA LYS C 387 -6.77 26.54 -26.09
C LYS C 387 -7.50 27.35 -24.99
N LEU C 388 -7.25 27.01 -23.72
CA LEU C 388 -7.81 27.73 -22.58
C LEU C 388 -7.10 29.05 -22.36
N LEU C 389 -5.77 29.04 -22.45
CA LEU C 389 -4.97 30.24 -22.24
C LEU C 389 -5.33 31.25 -23.32
N GLU C 390 -5.41 30.76 -24.56
CA GLU C 390 -5.73 31.62 -25.70
C GLU C 390 -7.05 32.34 -25.49
N VAL C 391 -8.06 31.62 -25.00
CA VAL C 391 -9.38 32.19 -24.76
C VAL C 391 -9.30 33.24 -23.66
N GLN C 392 -8.63 32.90 -22.57
CA GLN C 392 -8.44 33.85 -21.47
C GLN C 392 -7.84 35.17 -21.95
N GLN C 393 -6.73 35.06 -22.68
CA GLN C 393 -5.99 36.23 -23.18
C GLN C 393 -6.81 37.11 -24.10
N ASN C 394 -7.70 36.49 -24.87
CA ASN C 394 -8.55 37.26 -25.75
C ASN C 394 -9.62 38.01 -24.96
N LEU C 395 -10.28 37.29 -24.04
CA LEU C 395 -11.29 37.91 -23.19
C LEU C 395 -10.70 39.05 -22.36
N ALA C 396 -9.51 38.83 -21.83
CA ALA C 396 -8.86 39.80 -20.95
C ALA C 396 -8.31 41.00 -21.71
N ALA C 397 -8.17 40.87 -23.03
CA ALA C 397 -7.60 41.95 -23.82
C ALA C 397 -8.69 42.85 -24.38
N GLY C 398 -9.93 42.38 -24.28
CA GLY C 398 -11.07 43.18 -24.66
C GLY C 398 -11.67 42.76 -25.97
N ALA C 399 -11.15 41.69 -26.57
CA ALA C 399 -11.75 41.14 -27.77
C ALA C 399 -13.23 40.79 -27.55
N ASP C 400 -14.02 40.85 -28.62
CA ASP C 400 -15.44 40.53 -28.51
C ASP C 400 -15.60 39.10 -28.10
N PRO C 401 -16.11 38.87 -26.88
CA PRO C 401 -16.30 37.54 -26.27
C PRO C 401 -16.97 36.55 -27.19
N SER C 402 -17.83 37.04 -28.07
CA SER C 402 -18.53 36.21 -29.04
C SER C 402 -17.58 35.39 -29.90
N SER C 403 -16.43 35.99 -30.26
CA SER C 403 -15.45 35.30 -31.09
C SER C 403 -14.89 34.04 -30.42
N GLN C 404 -15.10 33.90 -29.11
CA GLN C 404 -14.55 32.78 -28.37
C GLN C 404 -15.52 31.63 -28.21
N PHE C 405 -16.73 31.78 -28.73
CA PHE C 405 -17.76 30.79 -28.50
C PHE C 405 -17.34 29.45 -29.06
N ASP C 406 -16.86 29.46 -30.29
CA ASP C 406 -16.43 28.22 -30.94
C ASP C 406 -15.30 27.53 -30.17
N SER C 407 -14.26 28.27 -29.77
CA SER C 407 -13.18 27.67 -28.99
C SER C 407 -13.69 27.11 -27.66
N ILE C 408 -14.65 27.83 -27.06
CA ILE C 408 -15.25 27.37 -25.80
C ILE C 408 -16.08 26.13 -26.05
N GLU C 409 -16.84 26.14 -27.14
CA GLU C 409 -17.63 24.98 -27.53
C GLU C 409 -16.77 23.74 -27.75
N GLU C 410 -15.64 23.91 -28.43
CA GLU C 410 -14.75 22.80 -28.72
C GLU C 410 -14.21 22.17 -27.45
N LEU C 411 -13.77 23.02 -26.52
CA LEU C 411 -13.24 22.57 -25.23
C LEU C 411 -14.23 21.69 -24.49
N VAL C 412 -15.50 22.09 -24.52
CA VAL C 412 -16.57 21.33 -23.88
C VAL C 412 -16.73 19.95 -24.48
N ALA C 413 -16.86 19.90 -25.80
CA ALA C 413 -17.07 18.62 -26.49
C ALA C 413 -15.86 17.72 -26.34
N ARG C 414 -14.70 18.30 -26.06
CA ARG C 414 -13.51 17.48 -25.82
C ARG C 414 -13.37 17.12 -24.35
N ASP C 415 -14.47 17.20 -23.62
CA ASP C 415 -14.51 16.79 -22.21
C ASP C 415 -13.43 17.43 -21.32
N THR C 416 -13.17 18.71 -21.54
CA THR C 416 -12.23 19.43 -20.69
C THR C 416 -12.81 19.56 -19.28
N PRO C 417 -12.00 19.27 -18.25
CA PRO C 417 -12.49 19.26 -16.87
C PRO C 417 -13.36 20.47 -16.52
N LEU C 418 -14.55 20.21 -16.00
CA LEU C 418 -15.57 21.25 -15.74
C LEU C 418 -15.06 22.55 -15.08
N PRO C 419 -14.22 22.46 -14.04
CA PRO C 419 -13.73 23.71 -13.45
C PRO C 419 -13.07 24.63 -14.48
N GLN C 420 -12.38 24.03 -15.44
CA GLN C 420 -11.66 24.79 -16.46
C GLN C 420 -12.62 25.45 -17.43
N VAL C 421 -13.78 24.84 -17.62
CA VAL C 421 -14.76 25.43 -18.52
C VAL C 421 -15.49 26.52 -17.76
N LEU C 422 -15.88 26.24 -16.52
CA LEU C 422 -16.67 27.19 -15.75
C LEU C 422 -15.89 28.47 -15.50
N ARG C 423 -14.58 28.36 -15.36
CA ARG C 423 -13.77 29.55 -15.13
C ARG C 423 -13.77 30.46 -16.36
N LEU C 424 -13.82 29.86 -17.55
CA LEU C 424 -13.90 30.66 -18.77
C LEU C 424 -15.22 31.39 -18.84
N LEU C 425 -16.30 30.66 -18.59
CA LEU C 425 -17.66 31.21 -18.64
C LEU C 425 -17.87 32.38 -17.66
N CYS C 426 -17.45 32.23 -16.41
CA CYS C 426 -17.51 33.31 -15.44
C CYS C 426 -16.62 34.48 -15.85
N LEU C 427 -15.46 34.17 -16.41
CA LEU C 427 -14.54 35.20 -16.88
C LEU C 427 -15.21 36.09 -17.92
N TYR C 428 -15.85 35.45 -18.88
CA TYR C 428 -16.52 36.11 -19.99
C TYR C 428 -17.61 36.98 -19.39
N SER C 429 -18.38 36.41 -18.47
CA SER C 429 -19.48 37.14 -17.85
C SER C 429 -18.98 38.34 -17.07
N CYS C 430 -17.97 38.15 -16.22
CA CYS C 430 -17.52 39.21 -15.34
C CYS C 430 -16.77 40.32 -16.07
N ILE C 431 -16.23 40.05 -17.24
CA ILE C 431 -15.37 41.06 -17.84
C ILE C 431 -16.11 41.89 -18.89
N SER C 432 -17.32 41.46 -19.23
CA SER C 432 -18.11 42.11 -20.28
C SER C 432 -19.42 42.70 -19.76
N GLY C 433 -19.73 42.42 -18.51
CA GLY C 433 -21.02 42.80 -17.96
C GLY C 433 -22.08 41.77 -18.27
N GLY C 434 -21.68 40.50 -18.23
CA GLY C 434 -22.62 39.42 -18.47
C GLY C 434 -22.66 38.90 -19.90
N ILE C 435 -23.44 37.85 -20.08
CA ILE C 435 -23.48 37.13 -21.35
C ILE C 435 -24.76 37.46 -22.11
N LYS C 436 -24.61 37.64 -23.42
CA LYS C 436 -25.75 37.90 -24.30
C LYS C 436 -26.72 36.73 -24.24
N THR C 437 -28.02 37.01 -24.33
CA THR C 437 -29.05 36.00 -24.08
C THR C 437 -28.94 34.80 -25.02
N LYS C 438 -28.54 35.05 -26.27
CA LYS C 438 -28.34 33.98 -27.24
C LYS C 438 -27.22 33.06 -26.78
N GLU C 439 -26.08 33.66 -26.47
CA GLU C 439 -24.94 32.89 -26.00
C GLU C 439 -25.15 32.22 -24.64
N LEU C 440 -25.95 32.83 -23.77
CA LEU C 440 -26.20 32.23 -22.46
C LEU C 440 -26.87 30.86 -22.56
N ASP C 441 -27.99 30.80 -23.27
CA ASP C 441 -28.75 29.56 -23.32
C ASP C 441 -27.97 28.45 -24.01
N HIS C 442 -27.13 28.80 -24.99
CA HIS C 442 -26.22 27.82 -25.61
C HIS C 442 -25.19 27.29 -24.63
N PHE C 443 -24.58 28.19 -23.86
CA PHE C 443 -23.60 27.81 -22.84
C PHE C 443 -24.21 26.86 -21.83
N ARG C 444 -25.41 27.20 -21.37
CA ARG C 444 -26.14 26.33 -20.44
C ARG C 444 -26.35 24.95 -21.04
N ARG C 445 -26.74 24.91 -22.31
CA ARG C 445 -26.98 23.67 -23.03
C ARG C 445 -25.72 22.82 -23.06
N LEU C 446 -24.60 23.44 -23.41
CA LEU C 446 -23.30 22.78 -23.47
C LEU C 446 -22.90 22.14 -22.13
N VAL C 447 -22.83 22.97 -21.10
CA VAL C 447 -22.49 22.52 -19.77
C VAL C 447 -23.38 21.37 -19.31
N LEU C 448 -24.70 21.59 -19.38
CA LEU C 448 -25.67 20.58 -18.93
C LEU C 448 -25.58 19.27 -19.68
N GLN C 449 -25.49 19.35 -21.00
CA GLN C 449 -25.45 18.15 -21.82
C GLN C 449 -24.06 17.57 -21.83
N GLY C 450 -23.08 18.42 -21.63
CA GLY C 450 -21.70 17.97 -21.58
C GLY C 450 -21.36 17.23 -20.30
N TYR C 451 -21.78 17.76 -19.15
CA TYR C 451 -21.26 17.27 -17.88
C TYR C 451 -22.31 16.68 -16.92
N GLY C 452 -23.59 16.93 -17.16
CA GLY C 452 -24.64 16.32 -16.35
C GLY C 452 -25.75 17.29 -16.04
N HIS C 453 -26.97 16.80 -15.85
CA HIS C 453 -28.06 17.72 -15.57
C HIS C 453 -28.08 18.18 -14.10
N GLN C 454 -27.28 17.54 -13.26
CA GLN C 454 -27.10 18.00 -11.89
C GLN C 454 -26.66 19.44 -11.86
N HIS C 455 -25.96 19.85 -12.92
CA HIS C 455 -25.30 21.14 -12.96
C HIS C 455 -26.28 22.27 -13.25
N LEU C 456 -27.58 21.95 -13.17
CA LEU C 456 -28.61 22.97 -13.00
C LEU C 456 -28.34 23.73 -11.73
N LEU C 457 -28.07 23.00 -10.66
CA LEU C 457 -27.71 23.57 -9.37
C LEU C 457 -26.40 24.36 -9.46
N THR C 458 -25.41 23.80 -10.15
CA THR C 458 -24.14 24.49 -10.34
C THR C 458 -24.34 25.87 -11.00
N LEU C 459 -25.09 25.90 -12.09
CA LEU C 459 -25.30 27.16 -12.80
C LEU C 459 -26.08 28.14 -11.95
N HIS C 460 -27.00 27.60 -11.14
CA HIS C 460 -27.76 28.40 -10.19
C HIS C 460 -26.84 29.06 -9.17
N ASN C 461 -25.91 28.28 -8.61
CA ASN C 461 -24.96 28.80 -7.64
C ASN C 461 -24.11 29.92 -8.21
N LEU C 462 -23.66 29.77 -9.45
CA LEU C 462 -22.85 30.80 -10.08
C LEU C 462 -23.66 32.07 -10.33
N GLU C 463 -24.98 31.90 -10.41
CA GLU C 463 -25.88 33.03 -10.56
C GLU C 463 -25.99 33.76 -9.21
N ARG C 464 -26.12 32.98 -8.15
CA ARG C 464 -26.13 33.53 -6.79
C ARG C 464 -24.81 34.25 -6.52
N LEU C 465 -23.69 33.63 -6.94
CA LEU C 465 -22.37 34.24 -6.80
C LEU C 465 -22.19 35.47 -7.66
N GLN C 466 -23.09 35.62 -8.63
CA GLN C 466 -23.08 36.71 -9.61
C GLN C 466 -21.80 36.68 -10.43
N MET C 467 -21.37 35.47 -10.75
CA MET C 467 -20.18 35.28 -11.55
C MET C 467 -20.54 34.88 -12.98
N PHE C 468 -21.80 34.50 -13.17
CA PHE C 468 -22.25 33.97 -14.45
C PHE C 468 -23.72 34.35 -14.61
N LEU C 469 -23.95 35.48 -15.29
CA LEU C 469 -25.27 36.11 -15.39
C LEU C 469 -25.65 36.55 -16.79
N SER C 470 -26.94 36.68 -17.04
CA SER C 470 -27.41 37.27 -18.28
C SER C 470 -27.16 38.77 -18.35
N LYS C 471 -26.83 39.26 -19.55
CA LYS C 471 -26.61 40.69 -19.77
C LYS C 471 -27.87 41.50 -19.47
N SER C 472 -29.03 40.85 -19.55
CA SER C 472 -30.31 41.53 -19.32
C SER C 472 -30.68 41.58 -17.84
N SER C 473 -29.93 40.83 -17.02
CA SER C 473 -30.10 40.96 -15.57
C SER C 473 -29.65 42.33 -15.11
N PRO C 474 -30.36 42.88 -14.13
CA PRO C 474 -29.96 44.16 -13.53
C PRO C 474 -28.58 44.05 -12.89
N LEU C 475 -28.33 42.91 -12.26
CA LEU C 475 -27.11 42.65 -11.51
C LEU C 475 -25.88 42.48 -12.39
N ALA C 476 -26.07 42.41 -13.70
CA ALA C 476 -24.97 42.24 -14.64
C ALA C 476 -24.27 43.57 -15.00
N SER C 477 -25.04 44.66 -14.98
CA SER C 477 -24.57 45.96 -15.45
C SER C 477 -23.32 46.43 -14.74
N MET C 478 -22.33 46.82 -15.53
CA MET C 478 -21.14 47.47 -15.01
C MET C 478 -21.36 48.95 -14.73
N ILE C 479 -20.40 49.56 -14.06
CA ILE C 479 -20.55 50.94 -13.64
C ILE C 479 -20.15 51.89 -14.77
N THR C 480 -21.02 52.86 -15.05
CA THR C 480 -20.71 53.99 -15.90
C THR C 480 -21.32 55.23 -15.28
N MET C 481 -20.77 56.39 -15.60
CA MET C 481 -21.36 57.65 -15.18
C MET C 481 -22.40 58.08 -16.21
N SER C 482 -22.32 57.45 -17.39
CA SER C 482 -23.20 57.75 -18.52
C SER C 482 -24.65 57.36 -18.27
N GLY C 483 -24.94 56.06 -18.30
CA GLY C 483 -26.31 55.57 -18.16
C GLY C 483 -26.83 55.61 -16.73
N SER C 484 -26.54 56.71 -16.04
CA SER C 484 -26.92 56.93 -14.64
C SER C 484 -26.44 55.80 -13.74
N SER C 485 -27.08 55.70 -12.57
CA SER C 485 -26.75 54.64 -11.63
C SER C 485 -27.65 53.45 -11.98
N GLY C 486 -28.66 53.21 -11.14
CA GLY C 486 -29.58 52.11 -11.33
C GLY C 486 -28.94 50.84 -10.80
N GLY C 487 -29.47 50.32 -9.71
CA GLY C 487 -28.81 49.19 -9.06
C GLY C 487 -27.70 49.73 -8.18
N PRO C 488 -27.64 49.25 -6.95
CA PRO C 488 -26.61 49.73 -6.00
C PRO C 488 -25.34 48.89 -6.05
N ASP C 489 -25.45 47.68 -6.59
CA ASP C 489 -24.35 46.73 -6.60
C ASP C 489 -23.81 46.59 -8.03
N GLN C 490 -23.82 47.70 -8.76
CA GLN C 490 -23.34 47.71 -10.15
C GLN C 490 -21.89 47.24 -10.15
N LYS C 491 -21.52 46.46 -11.16
CA LYS C 491 -20.28 45.70 -11.11
C LYS C 491 -19.06 46.44 -11.63
N THR C 492 -17.89 45.88 -11.34
CA THR C 492 -16.64 46.46 -11.79
C THR C 492 -16.55 46.57 -13.31
N ASN C 493 -16.21 47.76 -13.79
CA ASN C 493 -16.12 48.02 -15.22
C ASN C 493 -14.74 47.68 -15.78
N TYR C 494 -14.60 46.47 -16.31
CA TYR C 494 -13.34 46.07 -16.85
C TYR C 494 -13.05 46.73 -18.19
N THR C 495 -14.10 47.12 -18.91
CA THR C 495 -13.89 47.80 -20.18
C THR C 495 -13.32 49.19 -19.91
N TYR C 496 -13.83 49.85 -18.90
CA TYR C 496 -13.33 51.18 -18.52
C TYR C 496 -11.98 51.08 -17.84
N LEU C 497 -11.88 50.18 -16.87
CA LEU C 497 -10.67 50.10 -16.05
C LEU C 497 -9.49 49.47 -16.78
N ARG C 498 -9.72 48.83 -17.93
CA ARG C 498 -8.60 48.24 -18.68
C ARG C 498 -7.66 49.33 -19.15
N LYS C 499 -8.20 50.43 -19.68
CA LYS C 499 -7.33 51.52 -20.12
C LYS C 499 -6.88 52.39 -18.95
N GLN C 500 -7.82 52.75 -18.08
CA GLN C 500 -7.56 53.74 -17.04
C GLN C 500 -6.55 53.26 -16.00
N LEU C 501 -6.50 51.95 -15.75
CA LEU C 501 -5.49 51.42 -14.84
C LEU C 501 -4.46 50.58 -15.59
N ARG C 502 -4.50 50.66 -16.93
CA ARG C 502 -3.47 50.06 -17.77
C ARG C 502 -3.29 48.57 -17.42
N LEU C 503 -4.37 47.82 -17.46
CA LEU C 503 -4.33 46.41 -17.13
C LEU C 503 -3.56 45.61 -18.17
N ILE C 504 -3.38 46.17 -19.36
CA ILE C 504 -2.64 45.44 -20.40
C ILE C 504 -1.26 46.04 -20.64
N VAL C 505 -0.25 45.21 -20.45
CA VAL C 505 1.13 45.58 -20.69
C VAL C 505 1.82 44.45 -21.47
N ASP C 506 1.52 44.31 -22.76
CA ASP C 506 2.06 43.20 -23.55
C ASP C 506 3.50 43.48 -24.00
N GLU C 507 4.11 44.50 -23.39
CA GLU C 507 5.50 44.82 -23.64
C GLU C 507 6.28 44.76 -22.33
N VAL C 508 6.30 43.59 -21.71
CA VAL C 508 6.90 43.45 -20.39
C VAL C 508 8.01 42.41 -20.42
N ASN C 509 9.19 42.83 -19.96
CA ASN C 509 10.31 41.91 -19.89
C ASN C 509 10.14 40.97 -18.71
N GLU C 510 10.06 39.67 -18.98
CA GLU C 510 9.87 38.68 -17.92
C GLU C 510 11.19 38.39 -17.23
N GLN C 511 12.27 38.67 -17.95
CA GLN C 511 13.63 38.44 -17.44
C GLN C 511 13.96 39.45 -16.36
N ASP C 512 13.56 40.71 -16.59
CA ASP C 512 13.75 41.78 -15.63
C ASP C 512 12.48 42.63 -15.59
N PRO C 513 11.46 42.17 -14.86
CA PRO C 513 10.12 42.77 -14.92
C PRO C 513 10.05 44.22 -14.42
N ASN C 514 9.39 45.05 -15.23
CA ASN C 514 9.26 46.47 -14.99
C ASN C 514 7.93 46.82 -14.33
N ASP C 515 7.03 45.86 -14.31
CA ASP C 515 5.68 46.07 -13.83
C ASP C 515 5.00 44.79 -13.34
N ILE C 516 3.98 44.95 -12.51
CA ILE C 516 3.31 43.79 -11.91
C ILE C 516 2.57 42.95 -12.92
N ALA C 517 2.38 43.46 -14.13
CA ALA C 517 1.62 42.71 -15.13
C ALA C 517 2.32 41.43 -15.55
N TYR C 518 3.60 41.31 -15.17
CA TYR C 518 4.40 40.16 -15.56
C TYR C 518 3.81 38.86 -15.02
N VAL C 519 3.10 38.94 -13.90
CA VAL C 519 2.58 37.75 -13.24
C VAL C 519 1.59 37.01 -14.13
N TYR C 520 1.07 37.70 -15.14
CA TYR C 520 0.17 37.07 -16.10
C TYR C 520 0.67 37.26 -17.53
N SER C 521 1.92 37.72 -17.65
CA SER C 521 2.55 37.94 -18.96
C SER C 521 1.78 38.91 -19.81
N GLY C 522 1.50 40.09 -19.25
CA GLY C 522 0.86 41.16 -20.01
C GLY C 522 -0.38 41.74 -19.35
N TYR C 523 -0.83 41.09 -18.28
CA TYR C 523 -2.05 41.52 -17.61
C TYR C 523 -1.85 41.78 -16.13
N ALA C 524 -1.99 43.03 -15.72
CA ALA C 524 -1.85 43.37 -14.31
C ALA C 524 -3.19 43.17 -13.58
N PRO C 525 -3.15 42.43 -12.46
CA PRO C 525 -4.39 42.12 -11.73
C PRO C 525 -5.04 43.40 -11.26
N LEU C 526 -6.36 43.50 -11.41
CA LEU C 526 -7.05 44.74 -11.06
C LEU C 526 -6.89 45.04 -9.58
N SER C 527 -6.89 43.98 -8.77
CA SER C 527 -6.78 44.11 -7.33
C SER C 527 -5.52 44.87 -6.91
N ILE C 528 -4.41 44.56 -7.55
CA ILE C 528 -3.16 45.16 -7.11
C ILE C 528 -3.02 46.57 -7.68
N ARG C 529 -3.57 46.78 -8.87
CA ARG C 529 -3.70 48.13 -9.43
C ARG C 529 -4.43 49.08 -8.47
N LEU C 530 -5.58 48.64 -7.97
CA LEU C 530 -6.30 49.36 -6.92
C LEU C 530 -5.41 49.73 -5.72
N VAL C 531 -4.59 48.78 -5.28
CA VAL C 531 -3.65 49.01 -4.17
C VAL C 531 -2.61 50.06 -4.59
N GLN C 532 -2.19 50.00 -5.85
CA GLN C 532 -1.20 50.95 -6.40
C GLN C 532 -1.75 52.37 -6.46
N CYS C 533 -3.07 52.52 -6.43
CA CYS C 533 -3.71 53.83 -6.37
C CYS C 533 -3.45 54.51 -5.03
N VAL C 534 -3.21 53.71 -3.99
CA VAL C 534 -2.89 54.24 -2.67
C VAL C 534 -1.36 54.38 -2.50
N LEU C 535 -0.59 53.34 -2.85
CA LEU C 535 0.85 53.37 -2.58
C LEU C 535 1.73 53.96 -3.66
N GLN C 536 1.36 53.81 -4.91
CA GLN C 536 2.24 54.25 -5.99
C GLN C 536 1.55 55.19 -6.97
N LYS C 537 1.00 56.28 -6.44
CA LYS C 537 0.24 57.23 -7.24
C LYS C 537 1.06 57.77 -8.41
N GLN C 538 2.35 58.02 -8.18
CA GLN C 538 3.17 58.58 -9.23
C GLN C 538 3.54 57.54 -10.27
N TYR C 539 3.90 56.33 -9.84
CA TYR C 539 4.22 55.29 -10.81
C TYR C 539 3.04 55.02 -11.72
N LEU C 540 1.86 55.05 -11.12
CA LEU C 540 0.63 54.72 -11.82
C LEU C 540 0.33 55.76 -12.89
N LEU C 541 0.69 57.01 -12.58
CA LEU C 541 0.57 58.09 -13.55
C LEU C 541 1.59 57.92 -14.65
N SER C 542 2.80 57.51 -14.25
CA SER C 542 3.89 57.30 -15.19
C SER C 542 3.49 56.39 -16.34
N ILE C 543 2.66 55.38 -16.05
CA ILE C 543 2.30 54.38 -17.05
C ILE C 543 0.94 54.64 -17.73
N THR C 544 0.47 55.88 -17.65
CA THR C 544 -0.74 56.30 -18.36
C THR C 544 -0.50 57.61 -19.12
N GLY C 560 2.23 61.52 -3.69
CA GLY C 560 2.54 61.31 -2.29
C GLY C 560 1.51 61.87 -1.33
N ALA C 561 0.25 61.90 -1.76
CA ALA C 561 -0.87 62.19 -0.88
C ALA C 561 -1.30 60.86 -0.28
N GLN C 562 -2.03 60.87 0.83
CA GLN C 562 -2.52 59.61 1.34
C GLN C 562 -3.91 59.33 0.74
N GLY C 563 -4.52 58.21 1.13
CA GLY C 563 -5.86 57.90 0.71
C GLY C 563 -5.98 57.57 -0.77
N TRP C 564 -7.16 57.84 -1.31
CA TRP C 564 -7.41 57.61 -2.73
C TRP C 564 -7.17 58.85 -3.57
N LYS C 565 -6.58 59.90 -2.98
CA LYS C 565 -6.47 61.19 -3.67
C LYS C 565 -5.72 61.04 -4.98
N GLY C 566 -6.38 61.43 -6.06
CA GLY C 566 -5.80 61.28 -7.38
C GLY C 566 -6.53 60.26 -8.20
N PHE C 567 -7.34 59.42 -7.54
CA PHE C 567 -7.97 58.30 -8.24
C PHE C 567 -9.41 58.07 -7.80
N GLU C 568 -10.05 59.10 -7.25
CA GLU C 568 -11.43 58.94 -6.80
C GLU C 568 -12.32 58.51 -7.96
N GLU C 569 -12.19 59.19 -9.09
CA GLU C 569 -12.98 58.89 -10.30
C GLU C 569 -12.77 57.47 -10.80
N ILE C 570 -11.51 57.13 -11.04
CA ILE C 570 -11.15 55.85 -11.61
C ILE C 570 -11.64 54.69 -10.73
N VAL C 571 -11.42 54.79 -9.43
CA VAL C 571 -11.79 53.72 -8.49
C VAL C 571 -13.33 53.67 -8.25
N LYS C 572 -14.03 54.73 -8.65
CA LYS C 572 -15.49 54.73 -8.57
C LYS C 572 -16.08 53.65 -9.49
N HIS C 573 -15.30 53.28 -10.50
CA HIS C 573 -15.75 52.36 -11.54
C HIS C 573 -15.52 50.89 -11.15
N ALA C 574 -15.10 50.65 -9.92
CA ALA C 574 -15.00 49.29 -9.41
C ALA C 574 -16.09 49.05 -8.39
N ARG C 575 -16.54 47.80 -8.32
CA ARG C 575 -17.66 47.40 -7.47
C ARG C 575 -17.56 47.92 -6.04
N GLY C 576 -18.68 48.35 -5.48
CA GLY C 576 -18.77 48.67 -4.06
C GLY C 576 -18.09 49.90 -3.49
N PRO C 577 -18.31 50.12 -2.18
CA PRO C 577 -17.91 51.31 -1.38
C PRO C 577 -16.43 51.61 -1.40
N THR C 578 -16.09 52.88 -1.60
CA THR C 578 -14.72 53.35 -1.44
C THR C 578 -14.59 54.19 -0.17
N PHE C 579 -13.62 53.89 0.69
CA PHE C 579 -13.49 54.64 1.93
C PHE C 579 -12.06 54.88 2.38
N ASP C 580 -11.91 55.78 3.34
CA ASP C 580 -10.60 56.18 3.81
C ASP C 580 -10.75 56.70 5.25
N GLU C 581 -10.89 55.77 6.19
CA GLU C 581 -11.18 56.10 7.58
C GLU C 581 -9.94 56.47 8.36
N ILE C 582 -9.92 57.69 8.87
CA ILE C 582 -8.81 58.17 9.69
C ILE C 582 -9.08 57.85 11.17
N GLN C 583 -8.07 57.30 11.85
CA GLN C 583 -8.16 57.03 13.28
C GLN C 583 -7.23 57.98 14.05
N LYS C 584 -7.82 58.93 14.79
CA LYS C 584 -7.03 59.93 15.51
C LYS C 584 -6.85 59.62 16.99
N GLY C 585 -7.57 58.62 17.51
CA GLY C 585 -7.56 58.36 18.94
C GLY C 585 -8.22 59.53 19.65
N GLU C 586 -7.62 59.99 20.74
CA GLU C 586 -7.98 61.30 21.27
C GLU C 586 -6.95 61.88 22.25
N ASP C 587 -6.05 62.70 21.72
CA ASP C 587 -5.06 63.43 22.52
C ASP C 587 -4.31 64.41 21.63
N GLY C 601 8.15 58.97 11.46
CA GLY C 601 9.55 58.75 11.76
C GLY C 601 10.27 57.81 10.81
N ASP C 602 10.66 56.64 11.32
CA ASP C 602 11.36 55.62 10.55
C ASP C 602 10.41 55.02 9.49
N LYS C 603 10.81 53.92 8.84
CA LYS C 603 9.93 53.27 7.88
C LYS C 603 8.86 52.47 8.61
N LYS C 604 7.65 52.46 8.04
CA LYS C 604 6.50 51.89 8.74
C LYS C 604 5.82 50.73 8.00
N THR C 605 5.00 49.99 8.72
CA THR C 605 4.32 48.82 8.17
C THR C 605 3.04 49.16 7.42
N VAL C 606 2.87 48.55 6.25
CA VAL C 606 1.62 48.66 5.53
C VAL C 606 0.97 47.28 5.42
N PHE C 607 -0.25 47.14 5.92
CA PHE C 607 -0.96 45.86 5.82
C PHE C 607 -1.92 45.84 4.65
N VAL C 608 -1.67 45.00 3.66
CA VAL C 608 -2.59 44.88 2.55
C VAL C 608 -3.47 43.66 2.74
N VAL C 609 -4.75 43.91 3.07
CA VAL C 609 -5.65 42.84 3.49
C VAL C 609 -6.65 42.47 2.40
N PHE C 610 -6.81 41.18 2.15
CA PHE C 610 -7.78 40.70 1.18
C PHE C 610 -8.92 39.98 1.88
N VAL C 611 -10.11 40.56 1.88
CA VAL C 611 -11.28 39.84 2.35
C VAL C 611 -11.79 38.98 1.22
N GLY C 612 -11.79 37.67 1.41
CA GLY C 612 -12.35 36.80 0.40
C GLY C 612 -11.30 36.04 -0.38
N GLY C 613 -10.04 36.19 0.00
CA GLY C 613 -9.00 35.37 -0.58
C GLY C 613 -8.07 36.11 -1.51
N ILE C 614 -6.81 35.68 -1.53
CA ILE C 614 -5.78 36.23 -2.40
C ILE C 614 -5.07 35.10 -3.18
N THR C 615 -4.66 35.39 -4.41
CA THR C 615 -3.92 34.41 -5.23
C THR C 615 -2.43 34.53 -5.02
N PHE C 616 -1.69 33.54 -5.52
CA PHE C 616 -0.24 33.61 -5.48
C PHE C 616 0.28 34.70 -6.43
N THR C 617 -0.30 34.79 -7.62
CA THR C 617 -0.04 35.93 -8.52
C THR C 617 -0.22 37.30 -7.84
N GLU C 618 -1.22 37.45 -6.99
CA GLU C 618 -1.39 38.72 -6.30
C GLU C 618 -0.33 38.90 -5.21
N ILE C 619 -0.04 37.85 -4.47
CA ILE C 619 1.07 37.87 -3.52
C ILE C 619 2.39 38.28 -4.19
N ALA C 620 2.69 37.64 -5.32
CA ALA C 620 3.83 38.02 -6.13
C ALA C 620 3.81 39.50 -6.50
N ALA C 621 2.69 39.95 -7.06
CA ALA C 621 2.58 41.34 -7.51
C ALA C 621 2.86 42.31 -6.37
N LEU C 622 2.46 41.92 -5.17
CA LEU C 622 2.66 42.76 -3.99
C LEU C 622 4.12 42.72 -3.53
N ARG C 623 4.72 41.53 -3.52
CA ARG C 623 6.14 41.39 -3.18
C ARG C 623 7.01 42.25 -4.09
N PHE C 624 6.62 42.33 -5.36
CA PHE C 624 7.30 43.16 -6.34
C PHE C 624 7.25 44.61 -5.92
N ILE C 625 6.07 45.08 -5.55
CA ILE C 625 5.89 46.44 -5.07
C ILE C 625 6.65 46.68 -3.76
N ALA C 626 6.68 45.67 -2.89
CA ALA C 626 7.31 45.82 -1.60
C ALA C 626 8.82 46.00 -1.73
N LYS C 627 9.42 45.36 -2.73
CA LYS C 627 10.84 45.49 -3.01
C LYS C 627 11.10 46.90 -3.53
N GLN C 628 10.25 47.38 -4.42
CA GLN C 628 10.34 48.74 -4.90
C GLN C 628 10.26 49.72 -3.75
N GLU C 629 9.38 49.41 -2.79
CA GLU C 629 9.07 50.32 -1.68
C GLU C 629 9.94 50.05 -0.45
N GLU C 630 11.04 49.33 -0.67
CA GLU C 630 11.86 48.80 0.41
C GLU C 630 12.37 49.86 1.39
N ALA C 631 12.53 51.08 0.90
CA ALA C 631 13.15 52.15 1.70
C ALA C 631 12.22 52.68 2.79
N ARG C 632 10.97 52.93 2.44
CA ARG C 632 10.05 53.61 3.33
C ARG C 632 8.97 52.67 3.90
N ARG C 633 8.85 51.47 3.35
CA ARG C 633 7.70 50.62 3.68
C ARG C 633 8.02 49.14 3.82
N ASN C 634 7.51 48.54 4.89
CA ASN C 634 7.45 47.09 5.01
C ASN C 634 6.01 46.63 4.81
N ILE C 635 5.77 45.87 3.76
CA ILE C 635 4.43 45.43 3.42
C ILE C 635 4.15 44.02 3.96
N VAL C 636 3.09 43.89 4.74
CA VAL C 636 2.61 42.60 5.22
C VAL C 636 1.27 42.26 4.56
N ILE C 637 1.15 41.06 4.00
CA ILE C 637 -0.12 40.66 3.39
C ILE C 637 -0.93 39.85 4.38
N CYS C 638 -2.19 40.24 4.55
CA CYS C 638 -3.14 39.50 5.36
C CYS C 638 -4.26 38.98 4.47
N THR C 639 -4.84 37.84 4.83
CA THR C 639 -5.91 37.28 4.01
C THR C 639 -6.77 36.28 4.80
N THR C 640 -8.02 36.11 4.38
CA THR C 640 -8.85 35.06 4.98
C THR C 640 -8.39 33.69 4.53
N SER C 641 -7.85 33.62 3.32
CA SER C 641 -7.36 32.37 2.77
C SER C 641 -6.64 32.62 1.43
N ILE C 642 -5.91 31.62 0.97
CA ILE C 642 -5.28 31.69 -0.34
C ILE C 642 -6.16 31.00 -1.38
N ILE C 643 -6.60 31.79 -2.36
CA ILE C 643 -7.67 31.39 -3.27
C ILE C 643 -7.13 31.18 -4.67
N ASN C 644 -7.84 30.42 -5.49
CA ASN C 644 -7.57 30.36 -6.92
C ASN C 644 -8.82 30.02 -7.66
N GLY C 645 -8.72 29.97 -8.98
CA GLY C 645 -9.86 29.67 -9.84
C GLY C 645 -10.58 28.38 -9.50
N ASN C 646 -9.84 27.35 -9.09
CA ASN C 646 -10.46 26.06 -8.83
C ASN C 646 -11.30 26.01 -7.54
N ARG C 647 -10.75 26.53 -6.43
CA ARG C 647 -11.50 26.59 -5.19
C ARG C 647 -12.82 27.35 -5.37
N MET C 648 -12.75 28.42 -6.16
CA MET C 648 -13.91 29.23 -6.46
C MET C 648 -15.01 28.42 -7.15
N MET C 649 -14.63 27.61 -8.14
CA MET C 649 -15.62 26.80 -8.82
C MET C 649 -16.20 25.69 -7.93
N ASN C 650 -15.39 25.16 -7.01
CA ASN C 650 -15.84 24.06 -6.16
C ASN C 650 -16.89 24.52 -5.15
N ALA C 651 -16.82 25.81 -4.81
CA ALA C 651 -17.88 26.44 -4.03
C ALA C 651 -19.22 26.29 -4.72
N ALA C 652 -19.19 26.24 -6.05
CA ALA C 652 -20.40 26.21 -6.86
C ALA C 652 -20.74 24.82 -7.41
N ILE C 653 -19.74 24.04 -7.75
CA ILE C 653 -19.97 22.79 -8.47
C ILE C 653 -20.70 21.72 -7.63
N GLU C 654 -21.87 21.31 -8.11
CA GLU C 654 -22.62 20.23 -7.50
C GLU C 654 -21.94 18.91 -7.79
N THR C 655 -21.75 18.07 -6.77
CA THR C 655 -21.00 16.83 -6.95
C THR C 655 -21.87 15.56 -6.93
N ALA C 656 -23.17 15.70 -6.65
CA ALA C 656 -24.10 14.57 -6.77
C ALA C 656 -24.42 14.29 -8.25
N THR C 657 -24.93 13.11 -8.56
CA THR C 657 -24.63 12.57 -9.88
C THR C 657 -25.67 11.76 -10.66
N PHE C 658 -26.79 11.40 -10.06
CA PHE C 658 -27.82 10.57 -10.75
C PHE C 658 -27.41 9.12 -11.04
N GLU C 659 -26.37 8.61 -10.38
CA GLU C 659 -25.97 7.23 -10.60
C GLU C 659 -26.44 6.31 -9.49
N ALA D 31 -22.43 46.37 24.03
CA ALA D 31 -23.00 46.14 22.70
C ALA D 31 -22.99 44.65 22.36
N GLY D 32 -22.52 43.84 23.30
CA GLY D 32 -22.30 42.42 23.08
C GLY D 32 -23.25 41.57 23.89
N ARG D 33 -23.66 42.09 25.03
CA ARG D 33 -24.78 41.51 25.76
C ARG D 33 -25.87 42.57 25.98
N GLN D 34 -25.87 43.56 25.08
CA GLN D 34 -27.00 44.46 24.91
C GLN D 34 -28.15 43.69 24.24
N VAL D 35 -27.82 42.50 23.75
CA VAL D 35 -28.82 41.62 23.16
C VAL D 35 -29.64 40.86 24.23
N PRO D 36 -28.99 40.17 25.19
CA PRO D 36 -29.80 39.56 26.24
C PRO D 36 -30.63 40.56 27.03
N LEU D 37 -30.11 41.77 27.20
CA LEU D 37 -30.90 42.85 27.78
C LEU D 37 -32.18 43.05 26.96
N LEU D 38 -32.00 43.24 25.66
CA LEU D 38 -33.12 43.37 24.72
C LEU D 38 -34.00 42.14 24.69
N LEU D 39 -33.43 40.99 24.98
CA LEU D 39 -34.13 39.73 24.78
C LEU D 39 -35.02 39.45 26.00
N SER D 40 -34.53 39.84 27.17
CA SER D 40 -35.31 39.76 28.41
C SER D 40 -36.61 40.59 28.36
N MET D 41 -36.57 41.71 27.65
CA MET D 41 -37.72 42.59 27.56
C MET D 41 -38.66 42.29 26.39
N GLU D 42 -38.70 41.02 25.97
CA GLU D 42 -39.50 40.58 24.83
C GLU D 42 -39.40 41.54 23.63
N GLU D 43 -38.22 42.08 23.41
CA GLU D 43 -37.95 42.79 22.18
C GLU D 43 -37.05 41.94 21.30
N ASP D 44 -37.65 40.94 20.69
CA ASP D 44 -36.95 39.92 19.94
C ASP D 44 -36.38 40.42 18.62
N GLU D 45 -37.27 40.89 17.75
CA GLU D 45 -36.89 41.34 16.42
C GLU D 45 -35.85 42.45 16.50
N LEU D 46 -35.91 43.22 17.58
CA LEU D 46 -34.99 44.31 17.77
C LEU D 46 -33.63 43.74 18.14
N ALA D 47 -33.64 42.70 18.96
CA ALA D 47 -32.40 42.03 19.34
C ALA D 47 -31.70 41.47 18.11
N LEU D 48 -32.47 40.90 17.18
CA LEU D 48 -31.92 40.33 15.97
C LEU D 48 -31.24 41.40 15.13
N ASP D 49 -31.87 42.56 15.02
CA ASP D 49 -31.30 43.65 14.23
C ASP D 49 -29.98 44.08 14.84
N LYS D 50 -29.92 44.16 16.16
CA LYS D 50 -28.71 44.57 16.85
C LYS D 50 -27.64 43.48 16.77
N ALA D 51 -28.08 42.23 16.78
CA ALA D 51 -27.17 41.10 16.70
C ALA D 51 -26.49 41.04 15.35
N ILE D 52 -27.25 41.37 14.31
CA ILE D 52 -26.72 41.39 12.96
C ILE D 52 -25.71 42.55 12.82
N GLU D 53 -26.06 43.72 13.37
CA GLU D 53 -25.16 44.87 13.36
C GLU D 53 -23.82 44.56 14.02
N SER D 54 -23.84 43.70 15.03
CA SER D 54 -22.64 43.35 15.76
C SER D 54 -21.72 42.50 14.88
N GLY D 55 -22.32 41.72 13.99
CA GLY D 55 -21.55 40.85 13.11
C GLY D 55 -21.22 39.55 13.80
N ASP D 56 -21.35 39.52 15.13
CA ASP D 56 -21.07 38.31 15.87
C ASP D 56 -22.11 37.28 15.49
N THR D 57 -21.70 36.36 14.62
CA THR D 57 -22.59 35.37 14.05
C THR D 57 -23.19 34.47 15.14
N ASP D 58 -22.53 34.43 16.29
CA ASP D 58 -22.97 33.62 17.41
C ASP D 58 -24.18 34.26 18.07
N LEU D 59 -24.12 35.58 18.25
CA LEU D 59 -25.26 36.34 18.78
C LEU D 59 -26.49 36.21 17.89
N ILE D 60 -26.27 36.18 16.58
CA ILE D 60 -27.35 36.02 15.63
C ILE D 60 -28.01 34.65 15.75
N TYR D 61 -27.22 33.57 15.84
CA TYR D 61 -27.80 32.25 15.99
C TYR D 61 -28.60 32.16 17.28
N PHE D 62 -28.04 32.73 18.34
CA PHE D 62 -28.65 32.67 19.66
C PHE D 62 -30.04 33.31 19.65
N VAL D 63 -30.14 34.46 18.97
CA VAL D 63 -31.42 35.14 18.79
C VAL D 63 -32.34 34.39 17.82
N ILE D 64 -31.76 33.89 16.72
CA ILE D 64 -32.56 33.12 15.78
C ILE D 64 -33.16 31.89 16.46
N HIS D 65 -32.35 31.22 17.28
CA HIS D 65 -32.78 30.00 17.98
C HIS D 65 -33.87 30.33 18.99
N GLN D 66 -33.73 31.48 19.60
CA GLN D 66 -34.71 31.98 20.56
C GLN D 66 -36.05 32.21 19.87
N LEU D 67 -36.00 32.91 18.73
CA LEU D 67 -37.19 33.20 17.96
C LEU D 67 -37.91 31.94 17.52
N ARG D 68 -37.15 30.94 17.15
CA ARG D 68 -37.74 29.71 16.62
C ARG D 68 -38.56 28.98 17.68
N ARG D 69 -38.06 28.97 18.92
CA ARG D 69 -38.72 28.23 20.00
C ARG D 69 -39.97 28.98 20.47
N LYS D 70 -39.97 30.29 20.28
CA LYS D 70 -40.95 31.17 20.90
C LYS D 70 -42.11 31.49 19.96
N LEU D 71 -41.84 31.51 18.66
CA LEU D 71 -42.81 32.00 17.67
C LEU D 71 -43.57 30.91 16.93
N PRO D 72 -44.78 31.26 16.44
CA PRO D 72 -45.44 30.47 15.39
C PRO D 72 -44.49 30.39 14.20
N LEU D 73 -44.37 29.24 13.56
CA LEU D 73 -43.39 29.08 12.50
C LEU D 73 -43.51 30.13 11.39
N ALA D 74 -44.73 30.37 10.91
CA ALA D 74 -44.93 31.38 9.88
C ALA D 74 -44.41 32.76 10.34
N SER D 75 -44.64 33.08 11.61
CA SER D 75 -44.17 34.36 12.14
C SER D 75 -42.65 34.36 12.21
N PHE D 76 -42.08 33.20 12.51
CA PHE D 76 -40.65 33.05 12.52
C PHE D 76 -40.08 33.36 11.14
N PHE D 77 -40.74 32.85 10.10
CA PHE D 77 -40.32 33.09 8.74
C PHE D 77 -40.47 34.55 8.33
N ARG D 78 -41.54 35.19 8.82
CA ARG D 78 -41.86 36.56 8.46
C ARG D 78 -40.80 37.48 9.05
N VAL D 79 -40.44 37.22 10.29
CA VAL D 79 -39.36 37.96 10.95
C VAL D 79 -38.03 37.82 10.20
N VAL D 80 -37.72 36.58 9.85
CA VAL D 80 -36.40 36.21 9.37
C VAL D 80 -36.17 36.56 7.88
N SER D 81 -37.25 36.82 7.15
CA SER D 81 -37.10 37.15 5.74
C SER D 81 -36.89 38.63 5.47
N SER D 82 -37.25 39.48 6.44
CA SER D 82 -36.97 40.90 6.31
C SER D 82 -35.47 41.15 6.37
N ARG D 83 -34.77 40.26 7.05
CA ARG D 83 -33.36 40.44 7.31
C ARG D 83 -32.52 39.37 6.63
N PRO D 84 -31.93 39.73 5.48
CA PRO D 84 -31.06 38.89 4.66
C PRO D 84 -30.11 38.00 5.45
N THR D 85 -29.31 38.59 6.34
CA THR D 85 -28.31 37.80 7.06
C THR D 85 -28.98 36.71 7.90
N ALA D 86 -30.12 37.04 8.50
CA ALA D 86 -30.86 36.10 9.34
C ALA D 86 -31.37 34.91 8.54
N SER D 87 -32.06 35.21 7.43
CA SER D 87 -32.57 34.16 6.56
C SER D 87 -31.47 33.26 6.05
N ALA D 88 -30.38 33.87 5.61
CA ALA D 88 -29.23 33.16 5.08
C ALA D 88 -28.67 32.15 6.07
N MET D 89 -28.53 32.57 7.32
CA MET D 89 -28.03 31.67 8.35
C MET D 89 -29.06 30.59 8.68
N VAL D 90 -30.34 30.98 8.77
CA VAL D 90 -31.42 30.03 8.98
C VAL D 90 -31.38 28.98 7.89
N GLU D 91 -31.13 29.46 6.68
CA GLU D 91 -31.12 28.66 5.46
C GLU D 91 -29.92 27.72 5.44
N ALA D 92 -28.79 28.22 5.94
CA ALA D 92 -27.58 27.42 6.02
C ALA D 92 -27.79 26.24 6.95
N LEU D 93 -28.21 26.54 8.18
CA LEU D 93 -28.43 25.52 9.21
C LEU D 93 -29.35 24.39 8.79
N ALA D 94 -30.22 24.66 7.83
CA ALA D 94 -31.16 23.66 7.37
C ALA D 94 -30.47 22.59 6.55
N ARG D 95 -29.24 22.89 6.13
CA ARG D 95 -28.47 21.98 5.29
C ARG D 95 -27.24 21.41 6.04
N ASN D 96 -27.30 21.38 7.36
CA ASN D 96 -26.16 20.99 8.21
C ASN D 96 -26.57 20.62 9.63
N SER D 97 -27.30 19.52 9.80
CA SER D 97 -27.84 19.18 11.12
C SER D 97 -27.58 17.77 11.70
N ASP D 98 -26.35 17.25 11.61
CA ASP D 98 -25.88 16.17 12.51
C ASP D 98 -24.36 16.24 12.55
N GLY D 99 -23.84 17.04 11.64
CA GLY D 99 -22.42 17.30 11.48
C GLY D 99 -22.01 16.67 10.19
N ASP D 100 -22.43 17.32 9.10
CA ASP D 100 -22.23 16.96 7.69
C ASP D 100 -23.48 17.32 6.89
N GLY D 101 -23.53 16.80 5.66
CA GLY D 101 -24.59 17.08 4.71
C GLY D 101 -26.07 17.05 5.10
N ASN D 102 -26.45 16.25 6.09
CA ASN D 102 -27.87 15.93 6.33
C ASN D 102 -28.79 17.14 6.50
N GLU D 103 -30.07 16.91 6.22
CA GLU D 103 -30.96 17.99 5.83
C GLU D 103 -32.04 18.35 6.84
N ASP D 104 -32.54 19.57 6.73
CA ASP D 104 -33.79 19.91 7.34
C ASP D 104 -34.62 20.37 6.16
N THR D 105 -34.83 19.44 5.22
CA THR D 105 -35.48 19.75 3.96
C THR D 105 -36.87 20.34 4.16
N ALA D 106 -37.56 19.89 5.20
CA ALA D 106 -38.90 20.39 5.48
C ALA D 106 -38.91 21.89 5.73
N LEU D 107 -37.97 22.34 6.55
CA LEU D 107 -37.85 23.76 6.87
C LEU D 107 -37.68 24.58 5.59
N LEU D 108 -36.78 24.14 4.71
CA LEU D 108 -36.50 24.86 3.46
C LEU D 108 -37.72 24.94 2.54
N LYS D 109 -38.41 23.82 2.35
CA LYS D 109 -39.58 23.80 1.48
C LYS D 109 -40.62 24.80 1.96
N ASP D 110 -40.87 24.83 3.27
CA ASP D 110 -41.89 25.70 3.82
C ASP D 110 -41.50 27.17 3.71
N LEU D 111 -40.23 27.46 4.02
CA LEU D 111 -39.68 28.81 3.90
C LEU D 111 -39.81 29.33 2.47
N TYR D 112 -39.49 28.51 1.48
CA TYR D 112 -39.51 28.95 0.09
C TYR D 112 -40.93 29.10 -0.44
N TYR D 113 -41.88 28.42 0.19
CA TYR D 113 -43.26 28.47 -0.25
C TYR D 113 -43.95 29.75 0.22
N GLN D 114 -43.62 30.18 1.44
CA GLN D 114 -44.18 31.39 2.02
C GLN D 114 -43.47 32.65 1.48
N ASP D 115 -42.46 32.44 0.65
CA ASP D 115 -41.66 33.55 0.12
C ASP D 115 -41.70 33.60 -1.40
N ASP D 116 -42.48 32.69 -2.00
CA ASP D 116 -42.55 32.54 -3.44
C ASP D 116 -41.15 32.47 -4.06
N ARG D 117 -40.23 31.82 -3.36
CA ARG D 117 -38.92 31.52 -3.92
C ARG D 117 -38.98 30.17 -4.61
N ARG D 118 -39.32 30.18 -5.89
CA ARG D 118 -39.62 28.95 -6.61
C ARG D 118 -38.39 28.26 -7.19
N LEU D 119 -37.41 29.03 -7.65
CA LEU D 119 -36.14 28.43 -8.06
C LEU D 119 -35.50 27.79 -6.85
N ASP D 120 -35.51 28.53 -5.74
CA ASP D 120 -34.92 28.05 -4.50
C ASP D 120 -35.66 26.82 -4.01
N GLY D 121 -36.97 26.80 -4.22
CA GLY D 121 -37.80 25.66 -3.87
C GLY D 121 -37.60 24.49 -4.81
N ALA D 122 -37.44 24.79 -6.09
CA ALA D 122 -37.21 23.75 -7.09
C ALA D 122 -35.85 23.10 -6.87
N SER D 123 -34.85 23.90 -6.50
CA SER D 123 -33.50 23.39 -6.29
C SER D 123 -33.47 22.39 -5.13
N VAL D 124 -34.42 22.53 -4.20
CA VAL D 124 -34.55 21.60 -3.08
C VAL D 124 -35.00 20.24 -3.57
N PHE D 125 -35.97 20.23 -4.50
CA PHE D 125 -36.46 18.97 -5.06
C PHE D 125 -35.46 18.34 -6.02
N ILE D 126 -34.80 19.14 -6.85
CA ILE D 126 -33.74 18.62 -7.72
C ILE D 126 -32.66 17.90 -6.93
N ARG D 127 -32.21 18.54 -5.85
CA ARG D 127 -31.22 17.96 -4.94
C ARG D 127 -31.70 16.60 -4.44
N GLU D 128 -33.00 16.49 -4.18
CA GLU D 128 -33.58 15.24 -3.70
C GLU D 128 -33.56 14.15 -4.78
N ALA D 129 -33.65 14.54 -6.04
CA ALA D 129 -33.65 13.58 -7.15
C ALA D 129 -32.28 12.91 -7.29
N LEU D 130 -31.24 13.61 -6.83
CA LEU D 130 -29.87 13.12 -6.91
C LEU D 130 -29.55 12.17 -5.77
N GLN D 131 -30.53 11.97 -4.89
CA GLN D 131 -30.35 11.08 -3.75
C GLN D 131 -31.18 9.79 -3.88
N GLN D 132 -32.00 9.71 -4.92
CA GLN D 132 -32.89 8.57 -5.14
C GLN D 132 -32.19 7.38 -5.80
N PRO D 133 -32.32 6.18 -5.19
CA PRO D 133 -31.63 4.99 -5.69
C PRO D 133 -32.27 4.42 -6.96
N GLU D 134 -33.46 4.92 -7.31
CA GLU D 134 -34.13 4.52 -8.56
C GLU D 134 -34.51 5.72 -9.41
N THR D 135 -34.45 5.55 -10.72
CA THR D 135 -34.72 6.62 -11.67
C THR D 135 -36.17 7.08 -11.66
N ARG D 136 -37.10 6.16 -11.36
CA ARG D 136 -38.51 6.52 -11.40
C ARG D 136 -38.83 7.46 -10.23
N THR D 137 -38.28 7.13 -9.06
CA THR D 137 -38.39 8.01 -7.92
C THR D 137 -37.65 9.34 -8.18
N ALA D 138 -36.49 9.23 -8.83
CA ALA D 138 -35.70 10.40 -9.21
C ALA D 138 -36.49 11.32 -10.13
N SER D 139 -37.23 10.72 -11.05
CA SER D 139 -38.07 11.48 -11.97
C SER D 139 -39.29 12.07 -11.26
N ASP D 140 -39.72 11.42 -10.18
CA ASP D 140 -40.83 11.96 -9.39
C ASP D 140 -40.40 13.29 -8.78
N LYS D 141 -39.19 13.32 -8.25
CA LYS D 141 -38.64 14.53 -7.68
C LYS D 141 -38.42 15.63 -8.71
N LEU D 142 -37.97 15.25 -9.90
CA LEU D 142 -37.80 16.21 -10.98
C LEU D 142 -39.16 16.80 -11.34
N ASP D 143 -40.19 15.98 -11.25
CA ASP D 143 -41.55 16.45 -11.48
C ASP D 143 -42.00 17.49 -10.44
N LEU D 144 -41.79 17.18 -9.16
CA LEU D 144 -42.19 18.11 -8.11
C LEU D 144 -41.49 19.43 -8.35
N ALA D 145 -40.20 19.35 -8.59
CA ALA D 145 -39.38 20.50 -8.93
C ALA D 145 -40.02 21.35 -10.04
N ALA D 146 -40.41 20.69 -11.13
CA ALA D 146 -40.96 21.37 -12.28
C ALA D 146 -42.30 22.03 -11.99
N ASN D 147 -43.16 21.32 -11.26
CA ASN D 147 -44.49 21.81 -10.96
C ASN D 147 -44.49 23.15 -10.24
N LEU D 148 -43.47 23.37 -9.40
CA LEU D 148 -43.32 24.64 -8.72
C LEU D 148 -43.00 25.77 -9.70
N LEU D 149 -42.25 25.44 -10.75
CA LEU D 149 -41.77 26.46 -11.69
C LEU D 149 -42.88 26.92 -12.64
N GLN D 150 -43.91 26.09 -12.80
CA GLN D 150 -45.12 26.49 -13.52
C GLN D 150 -45.99 27.35 -12.60
N GLY D 151 -45.37 27.97 -11.61
CA GLY D 151 -46.05 28.89 -10.69
C GLY D 151 -45.66 30.25 -11.22
N ASN D 152 -45.71 30.27 -12.54
CA ASN D 152 -45.24 31.30 -13.46
C ASN D 152 -45.18 30.51 -14.78
N GLN D 153 -43.98 30.45 -15.35
CA GLN D 153 -43.64 29.74 -16.60
C GLN D 153 -42.51 30.54 -17.20
N LYS D 154 -42.85 31.74 -17.66
CA LYS D 154 -41.86 32.67 -18.18
C LYS D 154 -40.81 32.92 -17.11
N GLU D 155 -39.60 33.25 -17.56
CA GLU D 155 -38.40 33.35 -16.73
C GLU D 155 -37.87 31.95 -16.35
N HIS D 156 -38.79 31.01 -16.19
CA HIS D 156 -38.43 29.63 -15.84
C HIS D 156 -38.48 28.68 -17.03
N VAL D 157 -38.54 29.24 -18.24
CA VAL D 157 -38.65 28.44 -19.45
C VAL D 157 -37.52 27.45 -19.60
N PHE D 158 -36.29 27.93 -19.41
CA PHE D 158 -35.10 27.13 -19.61
C PHE D 158 -35.07 25.91 -18.69
N GLU D 159 -35.25 26.14 -17.38
CA GLU D 159 -35.15 25.06 -16.40
C GLU D 159 -36.20 24.00 -16.61
N LEU D 160 -37.41 24.44 -17.00
CA LEU D 160 -38.49 23.51 -17.30
C LEU D 160 -38.09 22.57 -18.41
N GLY D 161 -37.58 23.14 -19.50
CA GLY D 161 -37.07 22.35 -20.61
C GLY D 161 -35.94 21.45 -20.15
N ALA D 162 -35.06 22.02 -19.33
CA ALA D 162 -33.90 21.29 -18.80
C ALA D 162 -34.34 20.14 -17.92
N LEU D 163 -35.34 20.39 -17.09
CA LEU D 163 -35.88 19.34 -16.23
C LEU D 163 -36.44 18.20 -17.06
N LYS D 164 -37.18 18.55 -18.11
CA LYS D 164 -37.73 17.54 -19.01
C LYS D 164 -36.66 16.75 -19.77
N GLU D 165 -35.58 17.42 -20.17
CA GLU D 165 -34.47 16.73 -20.84
C GLU D 165 -33.88 15.66 -19.94
N ALA D 166 -33.69 15.99 -18.68
CA ALA D 166 -33.08 15.06 -17.74
C ALA D 166 -33.97 13.84 -17.56
N LYS D 167 -35.26 14.09 -17.44
CA LYS D 167 -36.26 13.04 -17.31
C LYS D 167 -36.19 12.11 -18.51
N MET D 168 -36.08 12.71 -19.70
CA MET D 168 -35.95 11.96 -20.95
C MET D 168 -34.69 11.11 -21.00
N LEU D 169 -33.55 11.74 -20.69
CA LEU D 169 -32.28 11.05 -20.75
C LEU D 169 -32.26 9.88 -19.79
N LEU D 170 -32.80 10.09 -18.59
CA LEU D 170 -32.85 9.04 -17.59
C LEU D 170 -33.67 7.85 -18.06
N ARG D 171 -34.82 8.11 -18.67
CA ARG D 171 -35.70 7.06 -19.17
C ARG D 171 -34.99 6.24 -20.25
N MET D 172 -34.45 6.93 -21.25
CA MET D 172 -33.67 6.29 -22.30
C MET D 172 -32.49 5.50 -21.75
N GLN D 173 -31.88 6.00 -20.69
CA GLN D 173 -30.72 5.33 -20.12
C GLN D 173 -31.12 4.06 -19.40
N GLU D 174 -32.32 4.06 -18.83
CA GLU D 174 -32.80 2.88 -18.13
C GLU D 174 -33.16 1.82 -19.15
N THR D 175 -33.69 2.26 -20.30
CA THR D 175 -33.87 1.37 -21.46
C THR D 175 -32.53 0.77 -21.88
N PHE D 176 -31.54 1.62 -22.16
CA PHE D 176 -30.22 1.17 -22.62
C PHE D 176 -29.60 0.18 -21.62
N GLU D 177 -29.76 0.45 -20.33
CA GLU D 177 -29.22 -0.43 -19.31
C GLU D 177 -29.85 -1.81 -19.39
N ARG D 178 -31.13 -1.85 -19.74
CA ARG D 178 -31.88 -3.10 -19.78
C ARG D 178 -31.60 -3.91 -21.04
N ASP D 179 -31.60 -3.26 -22.20
CA ASP D 179 -31.24 -3.93 -23.45
C ASP D 179 -29.80 -4.45 -23.43
N LEU D 180 -28.86 -3.52 -23.32
CA LEU D 180 -27.45 -3.81 -23.59
C LEU D 180 -26.70 -4.33 -22.37
N THR D 181 -27.35 -4.30 -21.22
CA THR D 181 -26.76 -4.80 -19.97
C THR D 181 -25.43 -4.10 -19.67
N ASP D 182 -25.49 -2.79 -19.53
CA ASP D 182 -24.34 -1.99 -19.13
C ASP D 182 -24.79 -0.71 -18.45
N SER D 183 -23.87 -0.01 -17.80
CA SER D 183 -24.17 1.24 -17.12
C SER D 183 -24.46 2.38 -18.10
N PHE D 184 -25.50 3.14 -17.84
CA PHE D 184 -25.78 4.34 -18.64
C PHE D 184 -26.45 5.39 -17.78
N VAL D 185 -27.23 4.93 -16.81
CA VAL D 185 -28.00 5.80 -15.94
C VAL D 185 -27.09 6.75 -15.17
N GLY D 186 -27.33 8.05 -15.28
CA GLY D 186 -26.57 9.04 -14.56
C GLY D 186 -25.61 9.86 -15.41
N LEU D 187 -25.21 9.28 -16.54
CA LEU D 187 -24.30 9.93 -17.47
C LEU D 187 -24.94 11.14 -18.13
N SER D 188 -24.10 12.07 -18.58
CA SER D 188 -24.59 13.26 -19.26
C SER D 188 -25.01 12.91 -20.68
N VAL D 189 -25.68 13.83 -21.37
CA VAL D 189 -26.06 13.58 -22.74
C VAL D 189 -24.84 13.17 -23.54
N ASN D 190 -23.81 14.00 -23.51
CA ASN D 190 -22.59 13.73 -24.25
C ASN D 190 -21.96 12.39 -23.91
N GLN D 191 -21.69 12.17 -22.63
CA GLN D 191 -21.02 10.95 -22.17
C GLN D 191 -21.76 9.70 -22.64
N THR D 192 -23.08 9.80 -22.73
CA THR D 192 -23.89 8.67 -23.15
C THR D 192 -23.61 8.37 -24.61
N MET D 193 -23.62 9.40 -25.47
CA MET D 193 -23.24 9.24 -26.88
C MET D 193 -21.90 8.54 -27.01
N PHE D 194 -20.95 8.98 -26.20
CA PHE D 194 -19.60 8.44 -26.17
C PHE D 194 -19.59 6.94 -25.93
N LYS D 195 -20.24 6.49 -24.85
CA LYS D 195 -20.25 5.09 -24.47
C LYS D 195 -21.00 4.22 -25.49
N LEU D 196 -22.07 4.75 -26.06
CA LEU D 196 -22.81 4.02 -27.10
C LEU D 196 -21.94 3.79 -28.33
N ILE D 197 -21.17 4.81 -28.72
CA ILE D 197 -20.30 4.73 -29.88
C ILE D 197 -19.09 3.84 -29.64
N LYS D 198 -18.48 3.98 -28.48
CA LYS D 198 -17.35 3.15 -28.10
C LYS D 198 -17.73 1.67 -28.06
N LEU D 199 -19.02 1.40 -27.89
CA LEU D 199 -19.52 0.03 -27.82
C LEU D 199 -20.17 -0.40 -29.13
N GLY D 200 -20.11 0.46 -30.13
CA GLY D 200 -20.55 0.11 -31.47
C GLY D 200 -22.04 0.26 -31.75
N TYR D 201 -22.80 0.78 -30.80
CA TYR D 201 -24.22 1.03 -31.02
C TYR D 201 -24.44 2.42 -31.59
N HIS D 202 -24.01 2.60 -32.83
CA HIS D 202 -24.06 3.89 -33.50
C HIS D 202 -25.49 4.31 -33.79
N GLY D 203 -26.36 3.33 -33.93
CA GLY D 203 -27.76 3.59 -34.26
C GLY D 203 -28.44 4.31 -33.12
N ARG D 204 -28.11 3.90 -31.90
CA ARG D 204 -28.64 4.51 -30.69
C ARG D 204 -28.03 5.86 -30.40
N ALA D 205 -26.71 5.96 -30.54
CA ALA D 205 -25.99 7.19 -30.25
C ALA D 205 -26.45 8.34 -31.14
N LYS D 206 -27.01 8.00 -32.31
CA LYS D 206 -27.57 9.00 -33.20
C LYS D 206 -28.99 9.35 -32.73
N LYS D 207 -29.61 8.44 -31.99
CA LYS D 207 -30.94 8.72 -31.44
C LYS D 207 -30.80 9.74 -30.32
N ILE D 208 -29.81 9.51 -29.45
CA ILE D 208 -29.47 10.47 -28.39
C ILE D 208 -29.18 11.83 -29.00
N GLN D 209 -28.30 11.84 -29.99
CA GLN D 209 -27.87 13.05 -30.68
C GLN D 209 -29.06 13.81 -31.24
N SER D 210 -29.93 13.10 -31.95
CA SER D 210 -31.11 13.72 -32.57
C SER D 210 -32.10 14.25 -31.54
N GLU D 211 -32.32 13.47 -30.49
CA GLU D 211 -33.33 13.78 -29.49
C GLU D 211 -33.02 15.06 -28.74
N PHE D 212 -31.79 15.17 -28.24
CA PHE D 212 -31.43 16.32 -27.44
C PHE D 212 -30.77 17.40 -28.30
N LYS D 213 -30.96 17.28 -29.61
CA LYS D 213 -30.53 18.28 -30.59
C LYS D 213 -29.07 18.67 -30.40
N VAL D 214 -28.22 17.69 -30.11
CA VAL D 214 -26.80 17.93 -29.94
C VAL D 214 -26.20 18.61 -31.18
N PRO D 215 -25.53 19.76 -30.97
CA PRO D 215 -24.92 20.54 -32.06
C PRO D 215 -23.96 19.72 -32.93
N GLU D 216 -23.90 20.07 -34.21
CA GLU D 216 -23.08 19.38 -35.20
C GLU D 216 -21.63 19.25 -34.76
N ARG D 217 -21.00 20.39 -34.50
CA ARG D 217 -19.58 20.46 -34.13
C ARG D 217 -19.27 19.59 -32.91
N VAL D 218 -20.23 19.53 -31.99
CA VAL D 218 -20.08 18.77 -30.76
C VAL D 218 -20.07 17.25 -30.98
N ALA D 219 -21.06 16.74 -31.72
CA ALA D 219 -21.24 15.30 -31.92
C ALA D 219 -20.09 14.68 -32.70
N TRP D 220 -19.57 15.46 -33.64
CA TRP D 220 -18.40 15.06 -34.41
C TRP D 220 -17.18 14.92 -33.52
N TRP D 221 -17.01 15.87 -32.61
CA TRP D 221 -15.93 15.82 -31.64
C TRP D 221 -16.02 14.60 -30.75
N ILE D 222 -17.26 14.23 -30.39
CA ILE D 222 -17.49 13.07 -29.54
C ILE D 222 -17.18 11.78 -30.30
N ARG D 223 -17.74 11.68 -31.51
CA ARG D 223 -17.59 10.51 -32.35
C ARG D 223 -16.11 10.23 -32.63
N LEU D 224 -15.38 11.28 -33.02
CA LEU D 224 -13.95 11.14 -33.29
C LEU D 224 -13.20 10.63 -32.07
N GLN D 225 -13.39 11.28 -30.93
CA GLN D 225 -12.66 10.90 -29.71
C GLN D 225 -13.02 9.48 -29.23
N ALA D 226 -14.25 9.05 -29.51
CA ALA D 226 -14.75 7.76 -29.04
C ALA D 226 -14.17 6.60 -29.85
N LEU D 227 -14.19 6.73 -31.17
CA LEU D 227 -13.68 5.70 -32.05
C LEU D 227 -12.20 5.43 -31.83
N VAL D 228 -11.45 6.45 -31.44
CA VAL D 228 -10.03 6.30 -31.17
C VAL D 228 -9.82 5.42 -29.93
N ALA D 229 -10.69 5.59 -28.94
CA ALA D 229 -10.64 4.74 -27.75
C ALA D 229 -10.96 3.29 -28.12
N LYS D 230 -11.74 3.11 -29.18
CA LYS D 230 -12.21 1.80 -29.60
C LYS D 230 -11.17 1.20 -30.55
N ARG D 231 -10.27 2.06 -31.03
CA ARG D 231 -9.24 1.71 -32.01
C ARG D 231 -9.89 1.24 -33.32
N ASP D 232 -11.19 1.51 -33.45
CA ASP D 232 -11.95 1.13 -34.64
C ASP D 232 -11.61 2.03 -35.81
N TRP D 233 -10.42 1.86 -36.37
CA TRP D 233 -9.92 2.68 -37.46
C TRP D 233 -10.74 2.48 -38.72
N ASN D 234 -11.50 1.38 -38.77
CA ASN D 234 -12.24 1.00 -39.95
C ASN D 234 -13.38 1.97 -40.18
N GLU D 235 -14.01 2.40 -39.09
CA GLU D 235 -15.14 3.31 -39.19
C GLU D 235 -14.69 4.77 -39.17
N ILE D 236 -13.51 5.01 -38.59
CA ILE D 236 -12.87 6.32 -38.71
C ILE D 236 -12.70 6.61 -40.20
N GLU D 237 -12.35 5.57 -40.94
CA GLU D 237 -12.21 5.64 -42.39
C GLU D 237 -13.51 5.95 -43.12
N GLU D 238 -14.59 5.27 -42.72
CA GLU D 238 -15.87 5.40 -43.40
C GLU D 238 -16.42 6.81 -43.30
N ILE D 239 -15.94 7.53 -42.29
CA ILE D 239 -16.26 8.93 -42.12
C ILE D 239 -15.58 9.76 -43.20
N SER D 240 -14.31 9.45 -43.46
CA SER D 240 -13.48 10.20 -44.39
C SER D 240 -13.98 10.20 -45.84
N ARG D 241 -14.94 9.32 -46.15
CA ARG D 241 -15.42 9.20 -47.52
C ARG D 241 -16.48 10.25 -47.86
N GLN D 242 -16.63 11.25 -47.01
CA GLN D 242 -17.46 12.38 -47.38
C GLN D 242 -16.59 13.64 -47.44
N ARG D 243 -17.16 14.69 -48.03
CA ARG D 243 -16.39 15.82 -48.51
C ARG D 243 -15.81 16.65 -47.37
N LYS D 244 -16.68 17.39 -46.67
CA LYS D 244 -16.22 18.29 -45.63
C LYS D 244 -16.64 17.85 -44.23
N SER D 245 -15.94 18.37 -43.22
CA SER D 245 -16.25 18.14 -41.82
C SER D 245 -16.54 19.47 -41.13
N PRO D 246 -17.58 19.51 -40.28
CA PRO D 246 -17.94 20.73 -39.55
C PRO D 246 -16.89 21.12 -38.51
N ILE D 247 -15.95 20.20 -38.23
CA ILE D 247 -14.84 20.52 -37.34
C ILE D 247 -13.52 20.44 -38.08
N GLY D 248 -13.58 20.13 -39.37
CA GLY D 248 -12.36 19.97 -40.17
C GLY D 248 -11.74 18.58 -40.07
N TRP D 249 -10.61 18.39 -40.74
CA TRP D 249 -9.94 17.09 -40.73
C TRP D 249 -8.64 17.17 -39.93
N GLU D 250 -8.23 18.40 -39.65
CA GLU D 250 -7.14 18.69 -38.73
C GLU D 250 -7.29 17.93 -37.39
N PRO D 251 -8.51 17.94 -36.78
CA PRO D 251 -8.70 17.12 -35.58
C PRO D 251 -8.45 15.62 -35.79
N PHE D 252 -8.96 15.09 -36.90
CA PHE D 252 -8.84 13.67 -37.21
C PHE D 252 -7.40 13.24 -37.34
N PHE D 253 -6.59 14.10 -37.95
CA PHE D 253 -5.17 13.85 -38.09
C PHE D 253 -4.53 13.66 -36.72
N ASN D 254 -4.54 14.72 -35.91
CA ASN D 254 -3.85 14.72 -34.62
C ASN D 254 -4.34 13.61 -33.69
N GLN D 255 -5.65 13.41 -33.66
CA GLN D 255 -6.28 12.48 -32.73
C GLN D 255 -5.92 11.05 -33.02
N VAL D 256 -5.93 10.68 -34.30
CA VAL D 256 -5.60 9.32 -34.68
C VAL D 256 -4.10 9.05 -34.53
N LEU D 257 -3.29 9.99 -35.01
CA LEU D 257 -1.84 9.89 -34.89
C LEU D 257 -1.39 9.68 -33.45
N GLN D 258 -1.67 10.66 -32.59
CA GLN D 258 -1.19 10.62 -31.20
C GLN D 258 -1.68 9.35 -30.51
N ALA D 259 -0.74 8.67 -29.85
CA ALA D 259 -0.97 7.34 -29.28
C ALA D 259 -1.82 6.49 -30.21
N GLY D 260 -1.34 6.28 -31.43
CA GLY D 260 -2.11 5.54 -32.42
C GLY D 260 -1.43 5.16 -33.72
N ASN D 261 -2.24 5.18 -34.78
CA ASN D 261 -1.85 4.70 -36.10
C ASN D 261 -1.37 5.80 -37.06
N PRO D 262 -0.07 5.77 -37.41
CA PRO D 262 0.55 6.65 -38.41
C PRO D 262 -0.01 6.54 -39.85
N ARG D 263 -0.39 5.34 -40.26
CA ARG D 263 -0.91 5.11 -41.62
C ARG D 263 -2.21 5.85 -41.93
N LEU D 264 -3.25 5.59 -41.14
CA LEU D 264 -4.57 6.21 -41.36
C LEU D 264 -4.50 7.72 -41.18
N ALA D 265 -3.72 8.15 -40.19
CA ALA D 265 -3.55 9.57 -39.90
C ALA D 265 -3.19 10.31 -41.18
N ALA D 266 -2.18 9.82 -41.89
CA ALA D 266 -1.66 10.47 -43.08
C ALA D 266 -2.74 10.71 -44.15
N THR D 267 -3.78 9.87 -44.14
CA THR D 267 -4.81 9.92 -45.19
C THR D 267 -5.72 11.16 -45.08
N PHE D 268 -5.53 11.97 -44.04
CA PHE D 268 -6.41 13.12 -43.84
C PHE D 268 -5.79 14.38 -44.42
N ILE D 269 -4.48 14.38 -44.59
CA ILE D 269 -3.85 15.26 -45.55
C ILE D 269 -3.92 14.59 -46.93
N PRO D 270 -4.36 15.32 -47.95
CA PRO D 270 -4.66 16.75 -47.99
C PRO D 270 -6.16 17.08 -47.96
N LYS D 271 -6.92 16.41 -47.12
CA LYS D 271 -8.35 16.74 -46.99
C LYS D 271 -8.46 18.03 -46.20
N CYS D 272 -7.33 18.44 -45.63
CA CYS D 272 -7.30 19.55 -44.68
C CYS D 272 -7.31 20.88 -45.39
N THR D 273 -8.49 21.49 -45.46
CA THR D 273 -8.63 22.78 -46.13
C THR D 273 -7.91 23.85 -45.33
N ASN D 274 -8.21 23.90 -44.04
CA ASN D 274 -7.71 24.97 -43.18
C ASN D 274 -6.32 24.70 -42.62
N LEU D 275 -5.30 24.99 -43.43
CA LEU D 275 -3.93 24.81 -43.01
C LEU D 275 -3.11 26.00 -43.51
N GLU D 276 -1.97 26.25 -42.89
CA GLU D 276 -1.08 27.30 -43.36
C GLU D 276 0.22 26.69 -43.91
N PRO D 277 0.79 27.31 -44.96
CA PRO D 277 1.94 26.86 -45.77
C PRO D 277 3.03 26.08 -45.04
N GLY D 278 3.46 25.00 -45.69
CA GLY D 278 4.56 24.17 -45.23
C GLY D 278 4.28 23.44 -43.94
N GLN D 279 3.07 22.89 -43.85
CA GLN D 279 2.67 22.14 -42.67
C GLN D 279 2.38 20.71 -43.10
N THR D 280 1.87 20.58 -44.33
CA THR D 280 1.70 19.30 -44.99
C THR D 280 2.97 18.47 -45.00
N ILE D 281 4.10 19.15 -45.24
CA ILE D 281 5.41 18.49 -45.22
C ILE D 281 5.69 17.84 -43.89
N THR D 282 5.71 18.67 -42.86
CA THR D 282 6.05 18.24 -41.52
C THR D 282 5.11 17.15 -41.01
N MET D 283 3.87 17.16 -41.49
CA MET D 283 2.90 16.14 -41.09
C MET D 283 3.27 14.73 -41.54
N TYR D 284 3.64 14.58 -42.80
CA TYR D 284 4.10 13.29 -43.30
C TYR D 284 5.31 12.79 -42.51
N GLU D 285 6.19 13.72 -42.14
CA GLU D 285 7.35 13.41 -41.31
C GLU D 285 6.96 12.76 -40.00
N LYS D 286 5.99 13.35 -39.32
CA LYS D 286 5.54 12.87 -38.02
C LYS D 286 4.94 11.45 -38.10
N CYS D 287 4.47 11.08 -39.29
CA CYS D 287 3.92 9.74 -39.49
C CYS D 287 5.02 8.72 -39.75
N GLY D 288 6.28 9.18 -39.79
CA GLY D 288 7.42 8.30 -40.02
C GLY D 288 7.70 8.02 -41.49
N MET D 289 6.97 8.69 -42.38
CA MET D 289 7.12 8.50 -43.81
C MET D 289 8.00 9.56 -44.47
N ARG D 290 9.31 9.44 -44.31
CA ARG D 290 10.26 10.36 -44.94
C ARG D 290 10.06 10.34 -46.45
N VAL D 291 9.66 9.17 -46.96
CA VAL D 291 9.39 8.97 -48.37
C VAL D 291 8.35 9.94 -48.91
N LYS D 292 7.15 9.89 -48.34
CA LYS D 292 6.04 10.71 -48.80
C LYS D 292 6.22 12.17 -48.37
N ALA D 293 6.92 12.36 -47.26
CA ALA D 293 7.30 13.70 -46.82
C ALA D 293 8.19 14.37 -47.84
N ALA D 294 9.22 13.64 -48.27
CA ALA D 294 10.14 14.12 -49.30
C ALA D 294 9.40 14.48 -50.57
N GLU D 295 8.56 13.57 -51.03
CA GLU D 295 7.76 13.79 -52.24
C GLU D 295 6.92 15.04 -52.07
N GLU D 296 6.32 15.19 -50.91
CA GLU D 296 5.50 16.35 -50.63
C GLU D 296 6.35 17.61 -50.58
N ALA D 297 7.58 17.48 -50.08
CA ALA D 297 8.46 18.63 -49.96
C ALA D 297 8.79 19.27 -51.31
N VAL D 298 9.11 18.43 -52.29
CA VAL D 298 9.45 18.91 -53.62
C VAL D 298 8.18 19.36 -54.34
N ARG D 299 7.08 18.67 -54.05
CA ARG D 299 5.79 18.95 -54.67
C ARG D 299 5.34 20.38 -54.37
N LEU D 300 5.82 20.93 -53.25
CA LEU D 300 5.44 22.28 -52.85
C LEU D 300 6.41 23.32 -53.38
N LYS D 301 7.29 22.88 -54.27
CA LYS D 301 8.31 23.72 -54.90
C LYS D 301 9.24 24.37 -53.88
N ASP D 302 9.44 23.68 -52.76
CA ASP D 302 10.44 24.09 -51.76
C ASP D 302 11.61 23.12 -51.79
N THR D 303 12.67 23.49 -52.50
CA THR D 303 13.87 22.64 -52.58
C THR D 303 14.53 22.47 -51.20
N GLU D 304 14.23 23.38 -50.28
CA GLU D 304 14.86 23.42 -48.97
C GLU D 304 14.48 22.28 -48.03
N ALA D 305 13.18 22.00 -47.93
CA ALA D 305 12.70 20.92 -47.06
C ALA D 305 13.28 19.58 -47.51
N TRP D 306 13.49 19.48 -48.82
CA TRP D 306 14.04 18.29 -49.48
C TRP D 306 15.46 18.01 -49.00
N ASN D 307 16.17 19.07 -48.62
CA ASN D 307 17.53 18.96 -48.09
C ASN D 307 17.65 18.10 -46.84
N ARG D 308 16.86 18.44 -45.82
CA ARG D 308 16.97 17.82 -44.52
C ARG D 308 16.52 16.36 -44.50
N LEU D 309 15.53 16.02 -45.32
CA LEU D 309 15.01 14.66 -45.37
C LEU D 309 15.99 13.69 -46.01
N LEU D 310 16.72 14.16 -47.01
CA LEU D 310 17.76 13.34 -47.62
C LEU D 310 18.92 13.28 -46.64
N GLU D 311 19.17 14.42 -46.00
CA GLU D 311 20.17 14.51 -44.94
C GLU D 311 19.85 13.54 -43.81
N ALA D 312 18.56 13.38 -43.55
CA ALA D 312 18.08 12.40 -42.57
C ALA D 312 18.48 10.97 -42.94
N ALA D 313 18.20 10.59 -44.18
CA ALA D 313 18.58 9.27 -44.69
C ALA D 313 20.09 9.12 -44.93
N GLY D 314 20.57 9.63 -46.06
CA GLY D 314 22.01 9.65 -46.30
C GLY D 314 22.48 9.07 -47.63
N ARG D 315 22.01 9.63 -48.74
CA ARG D 315 22.56 9.41 -50.08
C ARG D 315 22.45 7.97 -50.64
N ASN D 316 22.40 6.98 -49.75
CA ASN D 316 22.34 5.58 -50.17
C ASN D 316 21.39 4.79 -49.28
N THR D 317 21.67 4.83 -47.98
CA THR D 317 20.82 4.26 -46.96
C THR D 317 19.38 4.78 -47.07
N ALA D 318 18.42 3.96 -46.63
CA ALA D 318 17.01 4.33 -46.64
C ALA D 318 16.56 4.80 -48.02
N GLU D 319 16.94 4.03 -49.04
CA GLU D 319 16.80 4.39 -50.44
C GLU D 319 17.69 5.57 -50.78
N GLY D 320 17.28 6.76 -50.35
CA GLY D 320 18.05 7.96 -50.55
C GLY D 320 18.11 8.44 -51.98
N ARG D 321 18.29 7.53 -52.94
CA ARG D 321 18.21 7.93 -54.34
C ARG D 321 16.82 8.40 -54.76
N GLU D 322 15.77 7.70 -54.35
CA GLU D 322 14.42 8.11 -54.75
C GLU D 322 14.05 9.43 -54.12
N ILE D 323 14.54 9.65 -52.90
CA ILE D 323 14.41 10.95 -52.27
C ILE D 323 15.02 11.97 -53.21
N GLU D 324 16.21 11.66 -53.73
CA GLU D 324 16.84 12.52 -54.71
C GLU D 324 16.20 12.42 -56.12
N ARG D 325 15.76 11.22 -56.51
CA ARG D 325 15.19 11.02 -57.85
C ARG D 325 13.92 11.84 -58.12
N LEU D 326 13.27 12.33 -57.07
CA LEU D 326 12.04 13.09 -57.24
C LEU D 326 12.28 14.60 -57.40
N GLY D 327 13.53 14.97 -57.66
CA GLY D 327 13.87 16.35 -57.94
C GLY D 327 14.89 16.51 -59.05
C1 MLT E . 35.47 -38.94 10.30
O1 MLT E . 35.45 -38.94 11.54
O2 MLT E . 34.45 -38.61 9.66
C2 MLT E . 36.73 -39.35 9.62
O3 MLT E . 36.48 -39.90 8.34
C3 MLT E . 37.37 -40.38 10.53
C4 MLT E . 38.62 -39.76 11.10
O4 MLT E . 39.73 -40.02 10.60
O5 MLT E . 38.54 -38.99 12.08
C1 MLT F . -37.68 32.66 -7.95
O1 MLT F . -37.47 31.74 -8.76
O2 MLT F . -36.97 32.76 -6.91
C2 MLT F . -38.79 33.63 -8.19
O3 MLT F . -39.52 33.75 -7.00
C3 MLT F . -39.70 33.04 -9.26
C4 MLT F . -40.99 33.82 -9.36
O4 MLT F . -41.98 33.33 -9.94
O5 MLT F . -41.09 34.97 -8.87
#